data_5CTC
#
_entry.id   5CTC
#
_cell.length_a   247.272
_cell.length_b   122.705
_cell.length_c   146.429
_cell.angle_alpha   90.000
_cell.angle_beta   94.300
_cell.angle_gamma   90.000
#
_symmetry.space_group_name_H-M   'C 1 2 1'
#
loop_
_entity.id
_entity.type
_entity.pdbx_description
1 polymer 'Acetyl-CoA carboxylase'
2 non-polymer 'tert-butyl 7-[(7-methyl-1H-indazol-5-yl)carbonyl]-2,7-diazaspiro[3.5]nonane-2-carboxylate'
3 non-polymer 'SULFATE ION'
4 water water
#
_entity_poly.entity_id   1
_entity_poly.type   'polypeptide(L)'
_entity_poly.pdbx_seq_one_letter_code
;MASGSMHLRPIATPYPVKEWLQPKRYKAHLMGTTYVYDFPELFRQASSSQWKNFSADVKLTDDFFISNELIEDENGELTE
VEREPGANAIGMVAFKITVKTPEYPRGRQFVVVANDITFKIGSFGPQEDEFFNKVTEYARKRGIPRIYLAANSGARIGMA
EEIVPLFQVAWNDAANPDKGFQYLYLTSEGMETLKKFDKENSVLTERTVINGEERFVIKTIIGSEDGLGVECLRGSGLIA
GATSRAYHDIFTITLVTCRSVGIGAYLVRLGQRAIQVEGQPIILTGASALNKVLGREVYTSNLQLGGTQIMYNNGVSHLT
AVDDLAGVEKIVEWMSYVPAKRNMPVPILETKDTWDRPVDFTPTNDETYDVRWMIEGRETESGFEYGLFDKGSFFETLSG
WAKGVVVGRARLGGIPLGVIGVETRTVENLIPADPANPNSAETLIQQAGQVWFPNSAFKTAQAINDFNNGEQLPMMILAN
WRGFSGGQRDMFNEVLKYGSFIVDALVDYKQPIIIYIPPTGELRGGSWVVVDPTINADQMEMYADVNARAGVLEPEGTVE
IKFRREKLLDTMNRLDDKYRELRSQLSNKSLAPEVHQQISKQLADRERELLPIYGQISLQFADLHDRSSRMVAKGVISKE
LEWTEARRFFFWRLRRRLNEEYLIKRLSHQVGEASRLEKIARIRSWYPASVDHEDDRQVATWIEENYKTLDDKLKGLKLE
SFAQDLAKKIRSDHDNAIDGLSEVIKMLSTDDKEKLLKTLKLEHHHHHH
;
_entity_poly.pdbx_strand_id   A,B,C
#
# COMPACT_ATOMS: atom_id res chain seq x y z
N LEU A 8 -72.60 36.80 18.41
CA LEU A 8 -71.15 36.82 18.64
C LEU A 8 -70.79 37.13 20.06
N ARG A 9 -69.93 36.27 20.62
CA ARG A 9 -69.43 36.35 21.99
C ARG A 9 -68.09 35.60 22.11
N PRO A 10 -67.03 36.18 22.70
CA PRO A 10 -66.92 37.55 23.22
C PRO A 10 -66.86 38.62 22.13
N ILE A 11 -67.13 39.86 22.53
CA ILE A 11 -67.06 41.04 21.65
C ILE A 11 -65.71 41.77 21.88
N ALA A 12 -65.25 42.52 20.87
CA ALA A 12 -64.00 43.29 20.90
C ALA A 12 -62.72 42.46 21.18
N THR A 13 -62.54 41.32 20.49
CA THR A 13 -61.29 40.53 20.59
C THR A 13 -60.33 41.04 19.52
N PRO A 14 -58.99 40.95 19.75
CA PRO A 14 -58.04 41.47 18.75
C PRO A 14 -58.22 40.84 17.37
N TYR A 15 -58.40 39.49 17.32
CA TYR A 15 -58.59 38.76 16.07
C TYR A 15 -59.94 38.08 16.03
N PRO A 16 -60.39 37.51 14.87
CA PRO A 16 -61.72 36.89 14.84
C PRO A 16 -61.95 35.71 15.81
N VAL A 17 -63.20 35.59 16.30
CA VAL A 17 -63.55 34.50 17.22
C VAL A 17 -63.81 33.22 16.35
N LYS A 18 -62.82 32.32 16.33
CA LYS A 18 -62.84 31.07 15.58
C LYS A 18 -64.01 30.16 16.01
N GLU A 19 -64.33 30.12 17.33
CA GLU A 19 -65.45 29.33 17.88
C GLU A 19 -66.85 29.86 17.46
N TRP A 20 -66.89 31.01 16.80
CA TRP A 20 -68.10 31.64 16.34
C TRP A 20 -68.16 31.52 14.83
N LEU A 21 -67.02 31.75 14.13
CA LEU A 21 -66.87 31.59 12.68
C LEU A 21 -67.31 30.16 12.28
N GLN A 22 -66.88 29.18 13.07
CA GLN A 22 -67.27 27.80 12.96
C GLN A 22 -67.81 27.35 14.32
N PRO A 23 -69.14 27.45 14.53
CA PRO A 23 -69.73 26.99 15.81
C PRO A 23 -69.40 25.57 16.24
N LYS A 24 -69.01 24.67 15.29
CA LYS A 24 -68.63 23.28 15.61
C LYS A 24 -67.36 23.18 16.45
N ARG A 25 -66.45 24.17 16.28
CA ARG A 25 -65.21 24.28 17.07
C ARG A 25 -65.57 24.42 18.54
N TYR A 26 -66.64 25.17 18.83
CA TYR A 26 -67.07 25.41 20.19
C TYR A 26 -67.69 24.15 20.80
N LYS A 27 -68.50 23.41 20.01
CA LYS A 27 -69.11 22.14 20.44
C LYS A 27 -68.02 21.14 20.80
N ALA A 28 -66.99 21.00 19.93
CA ALA A 28 -65.87 20.10 20.21
C ALA A 28 -65.19 20.48 21.51
N HIS A 29 -64.96 21.79 21.73
CA HIS A 29 -64.32 22.28 22.95
C HIS A 29 -65.17 21.96 24.14
N LEU A 30 -66.52 22.21 24.05
CA LEU A 30 -67.45 21.92 25.14
C LEU A 30 -67.37 20.47 25.57
N MET A 31 -67.13 19.55 24.61
CA MET A 31 -67.00 18.11 24.87
C MET A 31 -65.61 17.67 25.34
N GLY A 32 -64.73 18.64 25.57
CA GLY A 32 -63.39 18.41 26.10
C GLY A 32 -62.35 17.91 25.11
N THR A 33 -62.47 18.29 23.83
CA THR A 33 -61.49 17.85 22.84
C THR A 33 -61.15 18.95 21.81
N THR A 34 -60.05 18.72 21.06
CA THR A 34 -59.62 19.57 19.98
C THR A 34 -60.60 19.37 18.82
N TYR A 35 -60.96 20.46 18.14
CA TYR A 35 -61.83 20.36 16.99
C TYR A 35 -61.03 19.67 15.86
N VAL A 36 -61.63 18.66 15.17
CA VAL A 36 -60.95 17.85 14.13
C VAL A 36 -60.04 18.68 13.21
N TYR A 37 -60.57 19.76 12.64
CA TYR A 37 -59.83 20.58 11.69
C TYR A 37 -58.65 21.34 12.30
N ASP A 38 -58.52 21.35 13.63
CA ASP A 38 -57.41 21.97 14.35
C ASP A 38 -56.28 20.98 14.68
N PHE A 39 -56.48 19.68 14.45
CA PHE A 39 -55.43 18.68 14.68
C PHE A 39 -54.22 18.88 13.75
N PRO A 40 -54.36 19.16 12.42
CA PRO A 40 -53.15 19.42 11.61
C PRO A 40 -52.22 20.49 12.21
N GLU A 41 -52.80 21.57 12.82
CA GLU A 41 -52.04 22.61 13.50
C GLU A 41 -51.22 22.06 14.67
N LEU A 42 -51.80 21.13 15.46
CA LEU A 42 -51.09 20.49 16.56
C LEU A 42 -49.91 19.69 16.03
N PHE A 43 -50.06 19.08 14.81
CA PHE A 43 -49.01 18.32 14.16
C PHE A 43 -47.90 19.27 13.72
N ARG A 44 -48.26 20.47 13.22
CA ARG A 44 -47.30 21.49 12.81
C ARG A 44 -46.49 21.97 14.05
N GLN A 45 -47.19 22.27 15.17
CA GLN A 45 -46.58 22.71 16.43
C GLN A 45 -45.61 21.67 16.94
N ALA A 46 -46.05 20.39 17.03
CA ALA A 46 -45.25 19.25 17.50
C ALA A 46 -44.01 18.99 16.65
N SER A 47 -44.15 19.14 15.32
CA SER A 47 -43.08 18.94 14.33
C SER A 47 -42.04 20.00 14.44
N SER A 48 -42.51 21.26 14.64
CA SER A 48 -41.67 22.44 14.86
C SER A 48 -40.85 22.23 16.17
N SER A 49 -41.49 21.76 17.27
CA SER A 49 -40.78 21.49 18.52
C SER A 49 -39.69 20.44 18.34
N GLN A 50 -39.96 19.44 17.50
CA GLN A 50 -39.04 18.34 17.17
C GLN A 50 -37.74 18.92 16.64
N TRP A 51 -37.83 19.97 15.81
CA TRP A 51 -36.68 20.66 15.24
C TRP A 51 -35.91 21.45 16.28
N LYS A 52 -36.62 22.23 17.14
CA LYS A 52 -36.02 23.03 18.22
C LYS A 52 -35.22 22.17 19.20
N ASN A 53 -35.78 21.00 19.58
CA ASN A 53 -35.11 20.07 20.49
C ASN A 53 -33.96 19.34 19.83
N PHE A 54 -33.87 19.37 18.50
CA PHE A 54 -32.81 18.71 17.75
C PHE A 54 -31.65 19.68 17.46
N SER A 55 -31.96 20.84 16.88
CA SER A 55 -31.01 21.88 16.54
C SER A 55 -31.75 23.20 16.69
N ALA A 56 -31.50 23.87 17.81
CA ALA A 56 -32.14 25.16 18.15
C ALA A 56 -31.94 26.27 17.10
N ASP A 57 -30.79 26.25 16.41
CA ASP A 57 -30.40 27.25 15.41
C ASP A 57 -31.15 27.17 14.07
N VAL A 58 -31.80 26.01 13.78
CA VAL A 58 -32.49 25.79 12.51
C VAL A 58 -33.63 26.82 12.30
N LYS A 59 -33.71 27.29 11.04
CA LYS A 59 -34.71 28.23 10.58
C LYS A 59 -35.76 27.48 9.77
N LEU A 60 -36.98 27.46 10.28
CA LEU A 60 -38.07 26.78 9.60
C LEU A 60 -38.97 27.76 8.89
N THR A 61 -39.36 27.44 7.67
CA THR A 61 -40.34 28.19 6.90
C THR A 61 -41.61 27.33 6.99
N ASP A 62 -42.76 27.86 6.55
CA ASP A 62 -44.01 27.10 6.62
C ASP A 62 -44.10 25.98 5.59
N ASP A 63 -43.18 25.95 4.61
CA ASP A 63 -43.13 24.91 3.59
C ASP A 63 -42.58 23.57 4.14
N PHE A 64 -42.08 23.59 5.40
CA PHE A 64 -41.56 22.40 6.06
C PHE A 64 -42.72 21.42 6.41
N PHE A 65 -43.96 21.94 6.46
CA PHE A 65 -45.15 21.19 6.82
C PHE A 65 -46.33 21.52 5.90
N ILE A 66 -46.92 20.48 5.28
CA ILE A 66 -48.10 20.59 4.43
C ILE A 66 -49.17 19.63 4.94
N SER A 67 -50.40 20.11 5.05
CA SER A 67 -51.51 19.25 5.41
C SER A 67 -52.59 19.45 4.37
N ASN A 68 -53.05 18.37 3.74
CA ASN A 68 -54.09 18.42 2.74
C ASN A 68 -55.21 17.53 3.16
N GLU A 69 -56.45 18.05 3.18
CA GLU A 69 -57.57 17.20 3.52
C GLU A 69 -57.84 16.21 2.36
N LEU A 70 -58.14 14.96 2.71
CA LEU A 70 -58.49 13.92 1.74
C LEU A 70 -60.00 13.74 1.81
N ILE A 71 -60.64 13.78 0.64
CA ILE A 71 -62.08 13.53 0.56
C ILE A 71 -62.31 12.60 -0.61
N GLU A 72 -63.42 11.85 -0.57
CA GLU A 72 -63.80 10.98 -1.68
C GLU A 72 -64.39 11.82 -2.81
N ASP A 73 -63.99 11.54 -4.06
CA ASP A 73 -64.55 12.21 -5.22
C ASP A 73 -65.89 11.55 -5.64
N GLU A 74 -66.39 11.86 -6.87
CA GLU A 74 -67.68 11.33 -7.41
C GLU A 74 -67.64 9.80 -7.59
N ASN A 75 -66.48 9.28 -8.05
CA ASN A 75 -66.21 7.85 -8.28
C ASN A 75 -65.76 7.12 -7.01
N GLY A 76 -65.78 7.82 -5.87
CA GLY A 76 -65.37 7.30 -4.56
C GLY A 76 -63.87 7.18 -4.36
N GLU A 77 -63.08 7.87 -5.20
CA GLU A 77 -61.62 7.87 -5.10
C GLU A 77 -61.14 9.03 -4.23
N LEU A 78 -60.22 8.78 -3.32
CA LEU A 78 -59.73 9.85 -2.47
C LEU A 78 -58.93 10.88 -3.26
N THR A 79 -59.14 12.17 -2.98
CA THR A 79 -58.48 13.33 -3.60
C THR A 79 -58.18 14.40 -2.57
N GLU A 80 -57.12 15.16 -2.82
CA GLU A 80 -56.72 16.25 -1.93
C GLU A 80 -57.57 17.49 -2.21
N VAL A 81 -58.05 18.15 -1.15
CA VAL A 81 -58.86 19.37 -1.25
C VAL A 81 -58.42 20.45 -0.27
N GLU A 82 -58.76 21.69 -0.63
CA GLU A 82 -58.55 22.87 0.18
C GLU A 82 -59.92 23.49 0.31
N ARG A 83 -60.50 23.33 1.50
CA ARG A 83 -61.84 23.82 1.77
C ARG A 83 -61.92 24.38 3.19
N GLU A 84 -63.01 25.05 3.52
CA GLU A 84 -63.17 25.60 4.86
C GLU A 84 -63.57 24.53 5.86
N PRO A 85 -63.00 24.57 7.09
CA PRO A 85 -63.38 23.58 8.11
C PRO A 85 -64.88 23.54 8.40
N GLY A 86 -65.40 22.36 8.71
CA GLY A 86 -66.81 22.17 9.02
C GLY A 86 -67.70 21.85 7.84
N ALA A 87 -67.12 21.73 6.62
CA ALA A 87 -67.87 21.41 5.39
C ALA A 87 -67.99 19.86 5.15
N ASN A 88 -67.60 19.06 6.16
CA ASN A 88 -67.66 17.62 6.04
C ASN A 88 -69.08 17.10 6.04
N ALA A 89 -69.45 16.38 4.96
CA ALA A 89 -70.77 15.78 4.82
C ALA A 89 -70.86 14.48 5.64
N ILE A 90 -69.70 13.87 6.01
CA ILE A 90 -69.63 12.67 6.85
C ILE A 90 -68.90 13.00 8.16
N GLY A 91 -69.02 12.13 9.15
CA GLY A 91 -68.38 12.32 10.45
C GLY A 91 -67.01 11.68 10.62
N MET A 92 -66.28 11.54 9.51
CA MET A 92 -64.93 10.99 9.49
C MET A 92 -64.14 11.89 8.59
N VAL A 93 -62.95 12.32 9.02
CA VAL A 93 -62.11 13.24 8.22
C VAL A 93 -60.70 12.71 8.13
N ALA A 94 -59.98 13.05 7.06
CA ALA A 94 -58.58 12.60 6.91
C ALA A 94 -57.72 13.69 6.28
N PHE A 95 -56.42 13.61 6.58
CA PHE A 95 -55.42 14.55 6.08
C PHE A 95 -54.23 13.79 5.69
N LYS A 96 -53.58 14.19 4.58
CA LYS A 96 -52.28 13.64 4.16
C LYS A 96 -51.28 14.71 4.59
N ILE A 97 -50.35 14.34 5.46
CA ILE A 97 -49.34 15.24 5.99
C ILE A 97 -47.97 14.96 5.42
N THR A 98 -47.26 16.02 4.96
CA THR A 98 -45.90 15.93 4.43
C THR A 98 -45.09 16.85 5.31
N VAL A 99 -44.13 16.29 6.05
CA VAL A 99 -43.29 17.03 6.98
C VAL A 99 -41.82 16.75 6.79
N LYS A 100 -41.00 17.81 6.85
CA LYS A 100 -39.56 17.70 6.82
C LYS A 100 -39.21 17.56 8.30
N THR A 101 -38.51 16.48 8.68
CA THR A 101 -38.18 16.22 10.08
C THR A 101 -36.67 16.01 10.22
N PRO A 102 -36.07 16.06 11.43
CA PRO A 102 -34.62 15.81 11.53
C PRO A 102 -34.16 14.51 10.85
N GLU A 103 -34.98 13.44 10.93
CA GLU A 103 -34.68 12.11 10.35
C GLU A 103 -34.92 12.08 8.85
N TYR A 104 -35.90 12.87 8.37
CA TYR A 104 -36.25 12.99 6.96
C TYR A 104 -36.33 14.45 6.56
N PRO A 105 -35.14 15.11 6.46
CA PRO A 105 -35.11 16.57 6.15
C PRO A 105 -35.75 16.97 4.83
N ARG A 106 -35.82 16.03 3.85
CA ARG A 106 -36.43 16.28 2.56
C ARG A 106 -37.91 15.92 2.58
N GLY A 107 -38.41 15.41 3.71
CA GLY A 107 -39.83 15.12 3.88
C GLY A 107 -40.24 13.67 4.03
N ARG A 108 -41.27 13.45 4.86
CA ARG A 108 -41.91 12.15 5.12
C ARG A 108 -43.40 12.37 5.13
N GLN A 109 -44.17 11.34 4.75
CA GLN A 109 -45.62 11.46 4.72
C GLN A 109 -46.30 10.45 5.62
N PHE A 110 -47.57 10.75 5.95
CA PHE A 110 -48.47 9.94 6.77
C PHE A 110 -49.88 10.46 6.66
N VAL A 111 -50.84 9.57 6.96
CA VAL A 111 -52.26 9.94 6.89
C VAL A 111 -52.79 10.05 8.32
N VAL A 112 -53.63 11.03 8.54
CA VAL A 112 -54.28 11.18 9.84
C VAL A 112 -55.78 10.99 9.58
N VAL A 113 -56.42 9.99 10.20
CA VAL A 113 -57.87 9.73 10.11
C VAL A 113 -58.44 10.10 11.45
N ALA A 114 -59.60 10.79 11.45
CA ALA A 114 -60.18 11.23 12.69
C ALA A 114 -61.66 11.28 12.65
N ASN A 115 -62.30 10.95 13.77
CA ASN A 115 -63.75 11.12 13.91
C ASN A 115 -64.08 12.58 14.18
N ASP A 116 -65.21 13.07 13.66
CA ASP A 116 -65.67 14.42 13.99
C ASP A 116 -66.72 14.24 15.09
N ILE A 117 -66.33 14.48 16.37
CA ILE A 117 -67.23 14.35 17.53
C ILE A 117 -68.46 15.29 17.42
N THR A 118 -68.36 16.36 16.61
CA THR A 118 -69.44 17.34 16.41
C THR A 118 -70.45 16.84 15.38
N PHE A 119 -70.09 15.80 14.59
CA PHE A 119 -70.99 15.24 13.59
C PHE A 119 -71.69 14.00 14.16
N LYS A 120 -73.00 14.11 14.44
CA LYS A 120 -73.80 12.99 14.98
C LYS A 120 -73.03 12.22 16.09
N ILE A 121 -72.54 12.97 17.09
CA ILE A 121 -71.77 12.56 18.29
C ILE A 121 -70.57 11.63 17.95
N GLY A 122 -70.01 11.80 16.76
CA GLY A 122 -68.89 10.99 16.29
C GLY A 122 -69.23 9.52 16.15
N SER A 123 -70.48 9.21 15.80
CA SER A 123 -70.92 7.83 15.63
C SER A 123 -70.42 7.29 14.24
N PHE A 124 -70.24 5.98 14.17
CA PHE A 124 -69.81 5.33 12.94
C PHE A 124 -71.05 4.79 12.22
N GLY A 125 -71.34 5.42 11.10
CA GLY A 125 -72.40 5.01 10.18
C GLY A 125 -71.71 4.38 8.97
N PRO A 126 -72.45 3.79 8.02
CA PRO A 126 -71.80 3.10 6.86
C PRO A 126 -70.85 3.93 6.01
N GLN A 127 -71.16 5.22 5.84
CA GLN A 127 -70.31 6.14 5.04
C GLN A 127 -68.98 6.43 5.75
N GLU A 128 -69.03 6.55 7.08
CA GLU A 128 -67.82 6.78 7.88
C GLU A 128 -66.92 5.54 7.81
N ASP A 129 -67.55 4.35 7.94
CA ASP A 129 -66.91 3.04 7.90
C ASP A 129 -66.26 2.81 6.53
N GLU A 130 -66.94 3.18 5.44
CA GLU A 130 -66.38 3.01 4.11
C GLU A 130 -65.22 4.00 3.88
N PHE A 131 -65.34 5.24 4.36
CA PHE A 131 -64.28 6.25 4.22
C PHE A 131 -63.02 5.87 5.02
N PHE A 132 -63.19 5.40 6.26
CA PHE A 132 -62.11 4.98 7.13
C PHE A 132 -61.34 3.86 6.44
N ASN A 133 -62.07 2.88 5.89
CA ASN A 133 -61.49 1.75 5.17
C ASN A 133 -60.74 2.24 3.90
N LYS A 134 -61.34 3.15 3.15
CA LYS A 134 -60.68 3.70 1.95
C LYS A 134 -59.35 4.38 2.29
N VAL A 135 -59.31 5.13 3.39
CA VAL A 135 -58.11 5.85 3.88
C VAL A 135 -57.07 4.86 4.35
N THR A 136 -57.46 3.77 5.01
CA THR A 136 -56.54 2.72 5.46
C THR A 136 -55.88 2.06 4.26
N GLU A 137 -56.67 1.76 3.21
CA GLU A 137 -56.15 1.16 1.98
C GLU A 137 -55.19 2.08 1.25
N TYR A 138 -55.47 3.38 1.25
CA TYR A 138 -54.69 4.43 0.66
C TYR A 138 -53.31 4.44 1.30
N ALA A 139 -53.29 4.39 2.65
CA ALA A 139 -52.05 4.36 3.41
C ALA A 139 -51.26 3.11 3.15
N ARG A 140 -51.93 1.94 3.18
CA ARG A 140 -51.33 0.62 2.97
C ARG A 140 -50.71 0.48 1.60
N LYS A 141 -51.42 0.93 0.54
CA LYS A 141 -50.95 0.90 -0.83
C LYS A 141 -49.63 1.73 -0.92
N ARG A 142 -49.60 2.90 -0.30
CA ARG A 142 -48.45 3.79 -0.28
C ARG A 142 -47.36 3.39 0.74
N GLY A 143 -47.67 2.50 1.66
CA GLY A 143 -46.73 2.03 2.68
C GLY A 143 -46.46 3.06 3.78
N ILE A 144 -47.28 4.13 3.85
CA ILE A 144 -47.07 5.21 4.81
C ILE A 144 -47.84 5.01 6.12
N PRO A 145 -47.35 5.59 7.26
CA PRO A 145 -48.08 5.42 8.53
C PRO A 145 -49.52 5.96 8.55
N ARG A 146 -50.39 5.30 9.34
CA ARG A 146 -51.79 5.69 9.53
C ARG A 146 -52.00 6.03 11.00
N ILE A 147 -52.28 7.30 11.26
CA ILE A 147 -52.53 7.83 12.62
C ILE A 147 -54.04 7.92 12.73
N TYR A 148 -54.63 7.33 13.77
CA TYR A 148 -56.07 7.44 13.99
C TYR A 148 -56.35 8.25 15.26
N LEU A 149 -57.22 9.26 15.16
CA LEU A 149 -57.62 10.10 16.30
C LEU A 149 -59.03 9.73 16.67
N ALA A 150 -59.17 9.01 17.77
CA ALA A 150 -60.45 8.49 18.21
C ALA A 150 -61.22 9.44 19.11
N ALA A 151 -62.41 9.82 18.69
CA ALA A 151 -63.35 10.69 19.42
C ALA A 151 -64.74 10.25 18.92
N ASN A 152 -65.28 9.19 19.53
CA ASN A 152 -66.52 8.62 19.02
C ASN A 152 -67.52 8.09 20.04
N SER A 153 -68.69 7.66 19.52
CA SER A 153 -69.79 7.07 20.30
C SER A 153 -70.12 5.63 19.84
N GLY A 154 -69.22 5.06 19.02
CA GLY A 154 -69.39 3.74 18.45
C GLY A 154 -70.33 3.74 17.26
N ALA A 155 -70.89 2.57 16.96
CA ALA A 155 -71.83 2.38 15.85
C ALA A 155 -73.06 3.28 16.01
N ARG A 156 -73.51 3.84 14.89
CA ARG A 156 -74.68 4.71 14.83
C ARG A 156 -75.97 3.91 15.15
N ILE A 157 -76.80 4.44 16.06
CA ILE A 157 -78.06 3.77 16.40
C ILE A 157 -79.23 4.63 15.90
N GLY A 158 -80.32 3.98 15.50
CA GLY A 158 -81.51 4.65 14.99
C GLY A 158 -82.75 3.78 14.93
N MET A 159 -83.89 4.42 14.63
CA MET A 159 -85.21 3.82 14.45
C MET A 159 -85.84 4.43 13.23
N ALA A 160 -86.85 3.73 12.63
CA ALA A 160 -87.55 4.23 11.46
C ALA A 160 -88.52 5.31 11.98
N GLU A 161 -88.06 6.57 11.92
CA GLU A 161 -88.77 7.72 12.46
C GLU A 161 -90.11 7.99 11.75
N GLU A 162 -90.22 7.64 10.45
CA GLU A 162 -91.44 7.79 9.67
C GLU A 162 -92.58 6.84 10.13
N ILE A 163 -92.25 5.68 10.69
CA ILE A 163 -93.22 4.70 11.17
C ILE A 163 -93.75 5.07 12.58
N VAL A 164 -93.04 5.96 13.29
CA VAL A 164 -93.42 6.40 14.64
C VAL A 164 -94.80 7.10 14.65
N PRO A 165 -95.08 8.14 13.81
CA PRO A 165 -96.41 8.77 13.87
C PRO A 165 -97.53 8.01 13.15
N LEU A 166 -97.25 6.83 12.58
CA LEU A 166 -98.25 6.08 11.80
C LEU A 166 -98.73 4.74 12.39
N PHE A 167 -97.89 4.04 13.18
CA PHE A 167 -98.27 2.72 13.69
C PHE A 167 -99.48 2.74 14.64
N GLN A 168 -100.22 1.63 14.67
CA GLN A 168 -101.40 1.45 15.51
C GLN A 168 -101.21 0.20 16.32
N VAL A 169 -101.79 0.15 17.51
CA VAL A 169 -101.67 -1.04 18.33
C VAL A 169 -103.02 -1.76 18.39
N ALA A 170 -102.98 -3.08 18.14
CA ALA A 170 -104.10 -4.00 18.15
C ALA A 170 -104.23 -4.50 19.58
N TRP A 171 -104.99 -3.73 20.38
CA TRP A 171 -105.26 -3.98 21.80
C TRP A 171 -106.06 -5.25 22.05
N ASN A 172 -105.89 -5.83 23.26
CA ASN A 172 -106.63 -7.02 23.68
C ASN A 172 -108.09 -6.59 23.92
N ASP A 173 -108.26 -5.48 24.67
CA ASP A 173 -109.53 -4.83 24.95
C ASP A 173 -109.32 -3.34 24.76
N ALA A 174 -109.95 -2.77 23.71
CA ALA A 174 -109.84 -1.35 23.35
C ALA A 174 -110.04 -0.41 24.55
N ALA A 175 -111.02 -0.73 25.42
CA ALA A 175 -111.38 0.03 26.62
C ALA A 175 -110.29 -0.02 27.71
N ASN A 176 -109.64 -1.19 27.89
CA ASN A 176 -108.58 -1.40 28.88
C ASN A 176 -107.20 -1.66 28.22
N PRO A 177 -106.37 -0.59 28.04
CA PRO A 177 -105.06 -0.77 27.39
C PRO A 177 -104.08 -1.59 28.21
N ASP A 178 -104.17 -1.49 29.55
CA ASP A 178 -103.32 -2.21 30.49
C ASP A 178 -103.53 -3.74 30.45
N LYS A 179 -104.51 -4.21 29.66
CA LYS A 179 -104.80 -5.63 29.49
C LYS A 179 -103.89 -6.28 28.41
N GLY A 180 -103.11 -5.43 27.74
CA GLY A 180 -102.15 -5.85 26.73
C GLY A 180 -102.56 -5.62 25.30
N PHE A 181 -101.68 -6.07 24.38
CA PHE A 181 -101.85 -5.98 22.93
C PHE A 181 -101.37 -7.24 22.22
N GLN A 182 -101.78 -7.41 20.97
CA GLN A 182 -101.44 -8.59 20.15
C GLN A 182 -100.32 -8.32 19.15
N TYR A 183 -100.38 -7.16 18.47
CA TYR A 183 -99.41 -6.77 17.45
C TYR A 183 -99.48 -5.29 17.18
N LEU A 184 -98.61 -4.80 16.27
CA LEU A 184 -98.60 -3.42 15.81
C LEU A 184 -99.01 -3.48 14.35
N TYR A 185 -99.74 -2.48 13.87
CA TYR A 185 -100.24 -2.48 12.49
C TYR A 185 -100.32 -1.09 11.89
N LEU A 186 -100.63 -1.05 10.60
CA LEU A 186 -100.84 0.15 9.83
C LEU A 186 -102.25 0.17 9.20
N THR A 187 -102.83 1.38 9.10
CA THR A 187 -104.14 1.62 8.46
C THR A 187 -103.85 1.83 6.97
N SER A 188 -104.87 1.80 6.10
CA SER A 188 -104.66 2.07 4.67
C SER A 188 -104.23 3.54 4.45
N GLU A 189 -104.59 4.43 5.41
CA GLU A 189 -104.19 5.84 5.41
C GLU A 189 -102.67 5.95 5.67
N GLY A 190 -102.17 5.14 6.63
CA GLY A 190 -100.76 5.04 6.97
C GLY A 190 -99.92 4.53 5.81
N MET A 191 -100.40 3.45 5.17
CA MET A 191 -99.79 2.85 3.98
C MET A 191 -99.71 3.86 2.85
N GLU A 192 -100.75 4.69 2.71
CA GLU A 192 -100.84 5.73 1.68
C GLU A 192 -99.85 6.87 1.94
N THR A 193 -99.62 7.22 3.24
CA THR A 193 -98.66 8.24 3.66
C THR A 193 -97.25 7.80 3.16
N LEU A 194 -96.92 6.49 3.36
CA LEU A 194 -95.67 5.88 2.91
C LEU A 194 -95.57 5.87 1.38
N LYS A 195 -96.67 5.47 0.69
CA LYS A 195 -96.73 5.43 -0.77
C LYS A 195 -96.53 6.84 -1.37
N LYS A 196 -97.05 7.87 -0.68
CA LYS A 196 -96.94 9.28 -1.06
C LYS A 196 -95.49 9.77 -0.98
N PHE A 197 -94.80 9.47 0.14
CA PHE A 197 -93.42 9.88 0.38
C PHE A 197 -92.34 8.90 -0.15
N ASP A 198 -92.76 7.91 -0.99
CA ASP A 198 -91.96 6.86 -1.66
C ASP A 198 -91.32 5.82 -0.69
N LYS A 199 -91.47 6.04 0.63
CA LYS A 199 -90.99 5.17 1.68
C LYS A 199 -91.85 3.88 1.83
N GLU A 200 -92.25 3.27 0.69
CA GLU A 200 -93.11 2.07 0.60
C GLU A 200 -92.48 0.85 1.27
N ASN A 201 -91.17 0.66 1.02
CA ASN A 201 -90.33 -0.44 1.51
C ASN A 201 -89.80 -0.23 2.96
N SER A 202 -90.29 0.80 3.68
CA SER A 202 -89.92 1.09 5.08
C SER A 202 -90.43 0.03 6.04
N VAL A 203 -91.47 -0.71 5.65
CA VAL A 203 -92.08 -1.76 6.46
C VAL A 203 -92.39 -2.98 5.63
N LEU A 204 -92.46 -4.12 6.31
CA LEU A 204 -92.86 -5.42 5.77
C LEU A 204 -94.18 -5.72 6.45
N THR A 205 -95.26 -5.69 5.65
CA THR A 205 -96.63 -5.87 6.18
C THR A 205 -97.34 -7.06 5.62
N GLU A 206 -98.19 -7.65 6.45
CA GLU A 206 -99.05 -8.80 6.14
C GLU A 206 -100.49 -8.30 6.40
N ARG A 207 -101.26 -8.10 5.32
CA ARG A 207 -102.64 -7.57 5.37
C ARG A 207 -103.65 -8.62 5.84
N THR A 208 -104.57 -8.19 6.75
CA THR A 208 -105.68 -8.97 7.32
C THR A 208 -106.95 -8.08 7.46
N VAL A 209 -108.12 -8.71 7.68
CA VAL A 209 -109.39 -8.00 7.90
C VAL A 209 -109.96 -8.38 9.25
N ILE A 210 -110.14 -7.38 10.13
CA ILE A 210 -110.68 -7.58 11.47
C ILE A 210 -111.79 -6.55 11.70
N ASN A 211 -113.05 -7.05 11.73
CA ASN A 211 -114.31 -6.31 11.90
C ASN A 211 -114.47 -5.22 10.81
N GLY A 212 -114.44 -5.70 9.55
CA GLY A 212 -114.56 -4.87 8.36
C GLY A 212 -113.34 -4.04 8.02
N GLU A 213 -112.53 -3.70 9.06
CA GLU A 213 -111.31 -2.89 8.97
C GLU A 213 -110.12 -3.69 8.41
N GLU A 214 -109.42 -3.11 7.40
CA GLU A 214 -108.21 -3.71 6.80
C GLU A 214 -106.96 -3.21 7.52
N ARG A 215 -106.32 -4.12 8.27
CA ARG A 215 -105.09 -3.83 9.01
C ARG A 215 -103.90 -4.40 8.25
N PHE A 216 -102.81 -3.62 8.19
CA PHE A 216 -101.56 -4.06 7.59
C PHE A 216 -100.63 -4.32 8.76
N VAL A 217 -100.54 -5.59 9.19
CA VAL A 217 -99.72 -6.00 10.34
C VAL A 217 -98.23 -5.78 10.06
N ILE A 218 -97.53 -5.11 10.99
CA ILE A 218 -96.08 -4.85 10.85
C ILE A 218 -95.33 -6.11 11.23
N LYS A 219 -94.70 -6.73 10.22
CA LYS A 219 -93.93 -7.96 10.38
C LYS A 219 -92.43 -7.65 10.61
N THR A 220 -91.92 -6.56 9.98
CA THR A 220 -90.55 -6.05 10.14
C THR A 220 -90.54 -4.54 9.83
N ILE A 221 -89.90 -3.75 10.70
CA ILE A 221 -89.67 -2.32 10.43
C ILE A 221 -88.24 -2.24 9.84
N ILE A 222 -88.12 -1.69 8.63
CA ILE A 222 -86.85 -1.55 7.93
C ILE A 222 -86.29 -0.11 8.01
N GLY A 223 -87.10 0.88 7.67
CA GLY A 223 -86.67 2.28 7.66
C GLY A 223 -86.19 2.70 6.29
N SER A 224 -86.26 4.01 6.03
CA SER A 224 -85.87 4.61 4.75
C SER A 224 -84.45 5.18 4.83
N GLU A 225 -84.08 5.59 6.06
CA GLU A 225 -82.80 6.17 6.41
C GLU A 225 -81.80 5.03 6.64
N ASP A 226 -80.63 5.15 6.04
CA ASP A 226 -79.50 4.23 6.19
C ASP A 226 -78.69 4.62 7.44
N GLY A 227 -78.23 3.63 8.18
CA GLY A 227 -77.43 3.87 9.37
C GLY A 227 -78.23 3.73 10.65
N LEU A 228 -79.10 2.70 10.71
CA LEU A 228 -79.97 2.46 11.87
C LEU A 228 -79.47 1.30 12.75
N GLY A 229 -79.03 0.22 12.11
CA GLY A 229 -78.62 -0.98 12.82
C GLY A 229 -77.52 -1.80 12.18
N VAL A 230 -77.86 -3.04 11.74
CA VAL A 230 -76.92 -4.05 11.24
C VAL A 230 -75.98 -3.53 10.13
N GLU A 231 -76.44 -2.58 9.30
CA GLU A 231 -75.57 -1.98 8.28
C GLU A 231 -74.33 -1.25 8.91
N CYS A 232 -74.47 -0.72 10.15
CA CYS A 232 -73.40 -0.04 10.90
C CYS A 232 -72.44 -1.07 11.43
N LEU A 233 -72.98 -2.24 11.83
CA LEU A 233 -72.25 -3.41 12.33
C LEU A 233 -71.42 -4.07 11.21
N ARG A 234 -71.96 -4.12 9.98
CA ARG A 234 -71.20 -4.64 8.84
C ARG A 234 -69.94 -3.78 8.64
N GLY A 235 -70.11 -2.46 8.61
CA GLY A 235 -69.04 -1.49 8.47
C GLY A 235 -68.03 -1.58 9.59
N SER A 236 -68.51 -1.82 10.81
CA SER A 236 -67.67 -2.00 12.00
C SER A 236 -66.68 -3.14 11.78
N GLY A 237 -67.18 -4.30 11.40
CA GLY A 237 -66.40 -5.48 11.08
C GLY A 237 -65.44 -5.23 9.94
N LEU A 238 -65.88 -4.44 8.96
CA LEU A 238 -65.03 -4.10 7.84
C LEU A 238 -63.82 -3.30 8.29
N ILE A 239 -64.02 -2.27 9.13
CA ILE A 239 -62.89 -1.45 9.59
C ILE A 239 -62.06 -2.20 10.63
N ALA A 240 -62.64 -3.16 11.35
CA ALA A 240 -61.87 -4.00 12.30
C ALA A 240 -60.86 -4.86 11.53
N GLY A 241 -61.32 -5.49 10.43
CA GLY A 241 -60.49 -6.34 9.60
C GLY A 241 -59.38 -5.55 8.94
N ALA A 242 -59.73 -4.38 8.42
CA ALA A 242 -58.81 -3.48 7.76
C ALA A 242 -57.67 -3.06 8.69
N THR A 243 -57.99 -2.72 9.97
CA THR A 243 -57.01 -2.28 10.98
C THR A 243 -56.10 -3.42 11.39
N SER A 244 -56.67 -4.61 11.59
CA SER A 244 -55.93 -5.83 11.88
C SER A 244 -54.85 -6.04 10.78
N ARG A 245 -55.25 -5.89 9.51
CA ARG A 245 -54.39 -6.04 8.33
C ARG A 245 -53.34 -4.95 8.26
N ALA A 246 -53.75 -3.67 8.42
CA ALA A 246 -52.85 -2.50 8.44
C ALA A 246 -51.74 -2.67 9.47
N TYR A 247 -52.06 -3.17 10.69
CA TYR A 247 -51.05 -3.38 11.73
C TYR A 247 -49.85 -4.22 11.25
N HIS A 248 -50.08 -5.18 10.37
CA HIS A 248 -49.02 -6.06 9.85
C HIS A 248 -48.29 -5.48 8.66
N ASP A 249 -48.77 -4.36 8.14
CA ASP A 249 -48.38 -3.76 6.88
C ASP A 249 -47.72 -2.41 6.98
N ILE A 250 -48.28 -1.51 7.78
CA ILE A 250 -47.80 -0.15 7.96
C ILE A 250 -47.71 0.20 9.46
N PHE A 251 -47.13 1.36 9.78
CA PHE A 251 -47.05 1.81 11.16
C PHE A 251 -48.42 2.33 11.53
N THR A 252 -49.01 1.77 12.59
CA THR A 252 -50.35 2.17 13.05
C THR A 252 -50.27 2.67 14.48
N ILE A 253 -50.91 3.83 14.72
CA ILE A 253 -51.00 4.46 16.02
C ILE A 253 -52.36 5.13 16.19
N THR A 254 -52.84 5.15 17.43
CA THR A 254 -54.13 5.77 17.80
C THR A 254 -53.93 6.72 19.00
N LEU A 255 -54.58 7.88 18.93
CA LEU A 255 -54.65 8.82 20.01
C LEU A 255 -56.12 8.89 20.43
N VAL A 256 -56.41 8.47 21.68
CA VAL A 256 -57.77 8.51 22.26
C VAL A 256 -57.87 9.90 22.86
N THR A 257 -58.59 10.80 22.14
CA THR A 257 -58.66 12.25 22.31
C THR A 257 -59.94 12.80 23.01
N CYS A 258 -61.00 12.00 23.05
CA CYS A 258 -62.32 12.20 23.70
C CYS A 258 -62.64 10.73 23.98
N ARG A 259 -63.82 10.37 24.45
CA ARG A 259 -64.15 8.94 24.61
C ARG A 259 -64.02 8.14 23.29
N SER A 260 -63.82 6.82 23.42
CA SER A 260 -63.77 5.85 22.31
C SER A 260 -64.63 4.67 22.77
N VAL A 261 -65.78 4.46 22.08
CA VAL A 261 -66.79 3.46 22.44
C VAL A 261 -66.94 2.31 21.40
N GLY A 262 -67.22 1.09 21.88
CA GLY A 262 -67.52 -0.08 21.05
C GLY A 262 -66.52 -0.37 19.95
N ILE A 263 -66.93 -0.19 18.68
CA ILE A 263 -65.99 -0.36 17.55
C ILE A 263 -64.75 0.54 17.77
N GLY A 264 -64.96 1.77 18.28
CA GLY A 264 -63.91 2.72 18.63
C GLY A 264 -62.88 2.12 19.58
N ALA A 265 -63.33 1.37 20.62
CA ALA A 265 -62.44 0.70 21.57
C ALA A 265 -61.63 -0.40 20.87
N TYR A 266 -62.29 -1.19 19.97
CA TYR A 266 -61.63 -2.27 19.21
C TYR A 266 -60.60 -1.73 18.24
N LEU A 267 -60.89 -0.62 17.61
CA LEU A 267 -59.99 0.05 16.71
C LEU A 267 -58.71 0.48 17.43
N VAL A 268 -58.87 0.95 18.69
CA VAL A 268 -57.72 1.35 19.52
C VAL A 268 -56.76 0.18 19.67
N ARG A 269 -57.30 -0.95 20.09
CA ARG A 269 -56.58 -2.18 20.28
C ARG A 269 -56.03 -2.83 18.97
N LEU A 270 -56.84 -2.93 17.88
CA LEU A 270 -56.37 -3.55 16.62
C LEU A 270 -55.19 -2.80 15.96
N GLY A 271 -55.13 -1.47 16.16
CA GLY A 271 -54.04 -0.61 15.71
C GLY A 271 -52.83 -0.80 16.60
N GLN A 272 -53.00 -1.55 17.73
CA GLN A 272 -52.03 -1.92 18.76
C GLN A 272 -51.46 -0.74 19.56
N ARG A 273 -50.56 0.03 18.97
CA ARG A 273 -49.89 1.21 19.54
C ARG A 273 -50.89 2.31 19.85
N ALA A 274 -51.09 2.67 21.12
CA ALA A 274 -52.09 3.67 21.52
C ALA A 274 -51.65 4.62 22.64
N ILE A 275 -52.05 5.87 22.53
CA ILE A 275 -51.80 6.93 23.48
C ILE A 275 -53.15 7.39 23.98
N GLN A 276 -53.35 7.31 25.29
CA GLN A 276 -54.62 7.71 25.90
C GLN A 276 -54.50 9.07 26.60
N VAL A 277 -55.35 10.04 26.24
CA VAL A 277 -55.35 11.34 26.91
C VAL A 277 -56.07 11.13 28.26
N GLU A 278 -55.47 11.64 29.35
CA GLU A 278 -56.02 11.51 30.70
C GLU A 278 -57.46 12.02 30.76
N GLY A 279 -58.32 11.23 31.38
CA GLY A 279 -59.74 11.52 31.52
C GLY A 279 -60.61 11.15 30.33
N GLN A 280 -60.04 10.55 29.26
CA GLN A 280 -60.83 10.14 28.08
C GLN A 280 -60.98 8.63 28.10
N PRO A 281 -62.18 8.09 28.34
CA PRO A 281 -62.31 6.60 28.47
C PRO A 281 -62.38 5.77 27.18
N ILE A 282 -61.89 4.54 27.27
CA ILE A 282 -61.96 3.51 26.24
C ILE A 282 -62.97 2.50 26.80
N ILE A 283 -64.23 2.60 26.38
CA ILE A 283 -65.27 1.72 26.93
C ILE A 283 -65.96 0.85 25.89
N LEU A 284 -66.52 -0.26 26.36
CA LEU A 284 -67.31 -1.13 25.51
C LEU A 284 -68.78 -0.74 25.67
N THR A 285 -69.31 -0.84 26.90
CA THR A 285 -70.68 -0.45 27.26
C THR A 285 -70.51 0.59 28.37
N GLY A 286 -71.29 1.66 28.31
CA GLY A 286 -71.23 2.70 29.33
C GLY A 286 -71.66 2.21 30.71
N ALA A 287 -71.17 2.89 31.78
CA ALA A 287 -71.48 2.53 33.17
C ALA A 287 -72.98 2.49 33.47
N SER A 288 -73.75 3.50 32.97
CA SER A 288 -75.19 3.58 33.22
C SER A 288 -75.94 2.37 32.65
N ALA A 289 -75.63 1.99 31.41
CA ALA A 289 -76.22 0.83 30.76
C ALA A 289 -75.89 -0.48 31.49
N LEU A 290 -74.69 -0.58 32.05
CA LEU A 290 -74.32 -1.79 32.80
C LEU A 290 -75.15 -1.92 34.07
N ASN A 291 -75.41 -0.78 34.74
CA ASN A 291 -76.18 -0.67 35.96
C ASN A 291 -77.61 -1.10 35.69
N LYS A 292 -78.20 -0.62 34.57
CA LYS A 292 -79.56 -0.99 34.15
C LYS A 292 -79.68 -2.52 34.02
N VAL A 293 -78.70 -3.16 33.37
CA VAL A 293 -78.63 -4.61 33.15
C VAL A 293 -78.45 -5.37 34.49
N LEU A 294 -77.68 -4.78 35.40
CA LEU A 294 -77.33 -5.33 36.71
C LEU A 294 -78.41 -5.12 37.79
N GLY A 295 -79.44 -4.31 37.49
CA GLY A 295 -80.48 -3.94 38.44
C GLY A 295 -79.98 -2.89 39.41
N ARG A 296 -78.89 -3.20 40.14
CA ARG A 296 -78.21 -2.35 41.14
C ARG A 296 -77.40 -1.22 40.47
N GLU A 297 -76.95 -0.23 41.27
CA GLU A 297 -76.13 0.91 40.86
C GLU A 297 -74.66 0.61 41.23
N VAL A 298 -74.07 -0.31 40.46
CA VAL A 298 -72.75 -0.91 40.56
C VAL A 298 -71.62 0.06 40.24
N TYR A 299 -71.69 0.73 39.08
CA TYR A 299 -70.64 1.64 38.60
C TYR A 299 -71.01 3.11 38.67
N THR A 300 -70.06 3.94 39.09
CA THR A 300 -70.22 5.38 39.26
C THR A 300 -69.92 6.20 38.00
N SER A 301 -68.91 5.81 37.18
CA SER A 301 -68.52 6.56 35.97
C SER A 301 -67.96 5.68 34.86
N ASN A 302 -67.82 6.25 33.64
CA ASN A 302 -67.20 5.57 32.50
C ASN A 302 -65.67 5.44 32.69
N LEU A 303 -65.01 6.36 33.44
CA LEU A 303 -63.56 6.29 33.72
C LEU A 303 -63.17 5.18 34.70
N GLN A 304 -64.12 4.74 35.47
CA GLN A 304 -63.98 3.63 36.39
C GLN A 304 -63.81 2.35 35.55
N LEU A 305 -64.41 2.32 34.34
CA LEU A 305 -64.38 1.22 33.36
C LEU A 305 -63.22 1.28 32.34
N GLY A 306 -62.94 2.48 31.79
CA GLY A 306 -61.92 2.62 30.76
C GLY A 306 -61.00 3.81 30.83
N GLY A 307 -60.75 4.33 32.02
CA GLY A 307 -59.82 5.43 32.18
C GLY A 307 -58.40 4.90 32.10
N THR A 308 -57.39 5.79 32.21
CA THR A 308 -55.96 5.44 32.17
C THR A 308 -55.62 4.49 33.32
N GLN A 309 -56.30 4.64 34.49
CA GLN A 309 -56.21 3.79 35.72
C GLN A 309 -56.50 2.30 35.38
N ILE A 310 -57.16 2.07 34.22
CA ILE A 310 -57.52 0.75 33.74
C ILE A 310 -56.60 0.40 32.56
N MET A 311 -56.70 1.19 31.47
CA MET A 311 -56.06 0.92 30.20
C MET A 311 -54.54 1.09 30.17
N TYR A 312 -54.00 2.05 30.93
CA TYR A 312 -52.54 2.21 31.00
C TYR A 312 -51.96 1.13 31.87
N ASN A 313 -52.70 0.69 32.88
CA ASN A 313 -52.27 -0.38 33.79
C ASN A 313 -52.36 -1.80 33.14
N ASN A 314 -53.27 -1.97 32.14
CA ASN A 314 -53.59 -3.13 31.28
C ASN A 314 -52.53 -3.38 30.25
N GLY A 315 -51.99 -2.30 29.68
CA GLY A 315 -51.10 -2.34 28.54
C GLY A 315 -51.88 -2.13 27.25
N VAL A 316 -53.16 -1.70 27.33
CA VAL A 316 -53.98 -1.38 26.16
C VAL A 316 -53.47 -0.03 25.65
N SER A 317 -53.21 0.89 26.60
CA SER A 317 -52.62 2.21 26.33
C SER A 317 -51.12 2.07 26.57
N HIS A 318 -50.35 2.39 25.54
CA HIS A 318 -48.91 2.29 25.56
C HIS A 318 -48.31 3.44 26.34
N LEU A 319 -49.00 4.58 26.28
CA LEU A 319 -48.62 5.84 26.90
C LEU A 319 -49.85 6.62 27.24
N THR A 320 -49.72 7.55 28.22
CA THR A 320 -50.79 8.51 28.55
C THR A 320 -50.31 9.88 28.19
N ALA A 321 -51.21 10.82 28.03
CA ALA A 321 -50.90 12.19 27.67
C ALA A 321 -51.80 13.11 28.47
N VAL A 322 -51.22 14.21 28.98
CA VAL A 322 -51.90 15.22 29.80
C VAL A 322 -52.99 15.93 28.99
N ASP A 323 -52.75 16.16 27.69
CA ASP A 323 -53.71 16.83 26.79
C ASP A 323 -53.44 16.40 25.33
N ASP A 324 -54.27 16.85 24.36
CA ASP A 324 -54.15 16.50 22.93
C ASP A 324 -52.80 16.84 22.31
N LEU A 325 -52.25 18.03 22.59
CA LEU A 325 -50.93 18.36 22.04
C LEU A 325 -49.84 17.46 22.57
N ALA A 326 -49.91 17.06 23.85
CA ALA A 326 -48.93 16.14 24.43
C ALA A 326 -48.99 14.78 23.76
N GLY A 327 -50.22 14.36 23.42
CA GLY A 327 -50.52 13.14 22.68
C GLY A 327 -49.88 13.17 21.30
N VAL A 328 -50.07 14.28 20.55
CA VAL A 328 -49.48 14.52 19.24
C VAL A 328 -47.95 14.54 19.28
N GLU A 329 -47.38 15.15 20.34
CA GLU A 329 -45.94 15.23 20.53
C GLU A 329 -45.37 13.83 20.68
N LYS A 330 -46.08 12.97 21.43
CA LYS A 330 -45.72 11.57 21.64
C LYS A 330 -45.78 10.74 20.32
N ILE A 331 -46.83 10.98 19.46
CA ILE A 331 -46.95 10.34 18.15
C ILE A 331 -45.70 10.63 17.30
N VAL A 332 -45.41 11.91 17.16
CA VAL A 332 -44.31 12.50 16.41
C VAL A 332 -42.95 11.94 16.88
N GLU A 333 -42.78 11.81 18.20
CA GLU A 333 -41.56 11.27 18.82
C GLU A 333 -41.43 9.79 18.51
N TRP A 334 -42.55 9.05 18.58
CA TRP A 334 -42.58 7.61 18.29
C TRP A 334 -42.21 7.39 16.85
N MET A 335 -42.80 8.17 15.94
CA MET A 335 -42.54 8.14 14.49
C MET A 335 -41.11 8.42 14.09
N SER A 336 -40.38 9.19 14.91
CA SER A 336 -38.99 9.55 14.64
C SER A 336 -38.07 8.32 14.60
N TYR A 337 -38.55 7.14 15.12
CA TYR A 337 -37.77 5.89 15.11
C TYR A 337 -38.17 4.97 13.99
N VAL A 338 -39.23 5.32 13.26
CA VAL A 338 -39.89 4.51 12.26
C VAL A 338 -39.53 4.92 10.82
N PRO A 339 -39.30 3.94 9.89
CA PRO A 339 -39.04 4.28 8.48
C PRO A 339 -40.15 5.15 7.86
N ALA A 340 -39.80 6.04 6.92
CA ALA A 340 -40.74 6.95 6.26
C ALA A 340 -41.89 6.22 5.55
N LYS A 341 -41.60 5.00 5.04
CA LYS A 341 -42.59 4.13 4.43
C LYS A 341 -42.11 2.70 4.51
N ARG A 342 -43.03 1.73 4.32
CA ARG A 342 -42.74 0.29 4.42
C ARG A 342 -41.54 -0.11 3.56
N ASN A 343 -40.64 -0.92 4.13
CA ASN A 343 -39.41 -1.45 3.51
C ASN A 343 -38.34 -0.41 3.20
N MET A 344 -38.48 0.78 3.73
CA MET A 344 -37.43 1.77 3.62
C MET A 344 -36.46 1.55 4.78
N PRO A 345 -35.16 1.91 4.66
CA PRO A 345 -34.25 1.73 5.80
C PRO A 345 -34.70 2.47 7.06
N VAL A 346 -34.33 1.94 8.25
CA VAL A 346 -34.60 2.58 9.55
C VAL A 346 -33.94 3.97 9.59
N PRO A 347 -34.61 5.04 10.09
CA PRO A 347 -34.03 6.39 9.98
C PRO A 347 -32.87 6.65 10.94
N ILE A 348 -31.66 6.70 10.40
CA ILE A 348 -30.45 7.03 11.16
C ILE A 348 -30.51 8.52 11.59
N LEU A 349 -30.20 8.80 12.86
CA LEU A 349 -30.16 10.14 13.40
C LEU A 349 -29.02 10.24 14.40
N GLU A 350 -27.83 10.61 13.92
CA GLU A 350 -26.67 10.78 14.78
C GLU A 350 -26.83 12.12 15.54
N THR A 351 -26.52 12.11 16.85
CA THR A 351 -26.61 13.31 17.69
C THR A 351 -25.25 13.59 18.36
N LYS A 352 -25.18 14.51 19.38
CA LYS A 352 -23.94 14.86 20.13
C LYS A 352 -23.26 13.59 20.67
N ASP A 353 -24.07 12.63 21.16
CA ASP A 353 -23.59 11.34 21.69
C ASP A 353 -23.29 10.34 20.55
N THR A 354 -22.06 10.37 20.07
CA THR A 354 -21.49 9.54 19.00
C THR A 354 -21.20 8.12 19.48
N TRP A 355 -21.01 7.20 18.52
CA TRP A 355 -20.67 5.80 18.83
C TRP A 355 -19.36 5.55 19.61
N ASP A 356 -18.31 6.33 19.33
CA ASP A 356 -16.95 6.11 19.84
C ASP A 356 -16.71 6.63 21.23
N ARG A 357 -17.11 5.82 22.21
CA ARG A 357 -16.97 6.11 23.64
C ARG A 357 -17.20 4.83 24.43
N PRO A 358 -16.67 4.70 25.65
CA PRO A 358 -17.01 3.50 26.43
C PRO A 358 -18.35 3.69 27.18
N VAL A 359 -18.81 2.64 27.85
CA VAL A 359 -20.07 2.68 28.61
C VAL A 359 -19.70 2.96 30.09
N ASP A 360 -20.14 4.09 30.63
CA ASP A 360 -19.83 4.50 32.01
C ASP A 360 -20.61 3.71 33.05
N PHE A 361 -21.96 3.84 33.08
CA PHE A 361 -22.73 3.14 34.09
C PHE A 361 -22.55 1.64 34.01
N THR A 362 -22.03 1.05 35.11
CA THR A 362 -21.80 -0.39 35.20
C THR A 362 -22.51 -0.99 36.43
N PRO A 363 -23.39 -1.99 36.23
CA PRO A 363 -24.07 -2.59 37.39
C PRO A 363 -23.14 -3.42 38.25
N THR A 364 -23.49 -3.52 39.55
CA THR A 364 -22.72 -4.28 40.56
C THR A 364 -23.64 -5.30 41.24
N ASN A 365 -23.11 -6.47 41.65
CA ASN A 365 -23.93 -7.53 42.29
C ASN A 365 -24.42 -7.09 43.67
N ASP A 366 -23.55 -6.38 44.39
CA ASP A 366 -23.77 -5.88 45.74
C ASP A 366 -24.67 -4.62 45.81
N GLU A 367 -25.03 -4.05 44.65
CA GLU A 367 -25.83 -2.83 44.63
C GLU A 367 -27.04 -2.86 43.66
N THR A 368 -28.18 -2.41 44.16
CA THR A 368 -29.43 -2.26 43.43
C THR A 368 -29.27 -1.18 42.36
N TYR A 369 -29.84 -1.44 41.15
CA TYR A 369 -29.83 -0.49 40.05
C TYR A 369 -31.15 -0.49 39.29
N ASP A 370 -31.37 0.59 38.53
CA ASP A 370 -32.48 0.74 37.62
C ASP A 370 -31.87 0.41 36.25
N VAL A 371 -32.42 -0.61 35.55
CA VAL A 371 -31.95 -1.03 34.21
C VAL A 371 -31.93 0.15 33.22
N ARG A 372 -32.80 1.18 33.42
CA ARG A 372 -32.80 2.36 32.55
C ARG A 372 -31.46 3.09 32.54
N TRP A 373 -30.68 2.99 33.63
CA TRP A 373 -29.33 3.56 33.73
C TRP A 373 -28.40 2.85 32.75
N MET A 374 -28.52 1.52 32.63
CA MET A 374 -27.71 0.75 31.68
C MET A 374 -28.08 1.09 30.24
N ILE A 375 -29.36 1.44 30.03
CA ILE A 375 -29.88 1.78 28.72
C ILE A 375 -29.48 3.19 28.29
N GLU A 376 -29.93 4.19 29.04
CA GLU A 376 -29.80 5.61 28.69
C GLU A 376 -28.78 6.42 29.54
N GLY A 377 -28.25 5.78 30.60
CA GLY A 377 -27.31 6.41 31.51
C GLY A 377 -27.97 7.04 32.71
N ARG A 378 -27.16 7.67 33.58
CA ARG A 378 -27.72 8.36 34.75
C ARG A 378 -26.97 9.61 35.17
N GLU A 379 -27.74 10.53 35.77
CA GLU A 379 -27.20 11.74 36.32
C GLU A 379 -26.68 11.45 37.71
N THR A 380 -25.41 11.75 37.93
CA THR A 380 -24.76 11.61 39.23
C THR A 380 -24.29 13.00 39.64
N GLU A 381 -23.85 13.16 40.89
CA GLU A 381 -23.38 14.45 41.41
C GLU A 381 -22.07 14.86 40.71
N SER A 382 -21.22 13.83 40.40
CA SER A 382 -19.92 13.94 39.73
C SER A 382 -20.01 14.03 38.18
N GLY A 383 -21.20 14.31 37.64
CA GLY A 383 -21.46 14.38 36.19
C GLY A 383 -22.37 13.29 35.64
N PHE A 384 -22.51 13.22 34.29
CA PHE A 384 -23.39 12.24 33.64
C PHE A 384 -22.67 10.92 33.29
N GLU A 385 -23.20 9.77 33.78
CA GLU A 385 -22.66 8.45 33.47
C GLU A 385 -23.42 7.95 32.24
N TYR A 386 -22.75 7.82 31.08
CA TYR A 386 -23.36 7.32 29.85
C TYR A 386 -23.69 5.83 29.93
N GLY A 387 -24.81 5.46 29.32
CA GLY A 387 -25.26 4.09 29.23
C GLY A 387 -24.89 3.52 27.88
N LEU A 388 -25.49 2.38 27.53
CA LEU A 388 -25.19 1.70 26.27
C LEU A 388 -25.69 2.47 25.04
N PHE A 389 -26.85 3.15 25.15
CA PHE A 389 -27.47 3.86 24.03
C PHE A 389 -27.28 5.37 24.11
N ASP A 390 -27.63 6.08 23.04
CA ASP A 390 -27.47 7.53 22.93
C ASP A 390 -28.18 8.26 24.03
N LYS A 391 -27.52 9.30 24.59
CA LYS A 391 -28.07 10.12 25.66
C LYS A 391 -29.34 10.80 25.14
N GLY A 392 -30.44 10.63 25.87
CA GLY A 392 -31.75 11.21 25.55
C GLY A 392 -32.57 10.48 24.50
N SER A 393 -32.07 9.33 24.00
CA SER A 393 -32.72 8.56 22.93
C SER A 393 -33.74 7.50 23.43
N PHE A 394 -33.79 7.20 24.73
CA PHE A 394 -34.72 6.18 25.19
C PHE A 394 -36.16 6.67 25.34
N PHE A 395 -37.04 6.11 24.51
CA PHE A 395 -38.47 6.38 24.47
C PHE A 395 -39.21 5.10 25.00
N GLU A 396 -39.49 5.02 26.32
CA GLU A 396 -40.16 3.89 26.96
C GLU A 396 -41.64 3.89 26.63
N THR A 397 -42.19 2.69 26.35
CA THR A 397 -43.62 2.48 26.04
C THR A 397 -44.10 1.31 26.91
N LEU A 398 -45.42 1.18 27.10
CA LEU A 398 -46.09 0.16 27.97
C LEU A 398 -45.59 0.29 29.42
N SER A 399 -45.30 1.54 29.79
CA SER A 399 -44.69 1.90 31.07
C SER A 399 -45.62 1.71 32.26
N GLY A 400 -46.94 1.68 32.03
CA GLY A 400 -47.90 1.48 33.11
C GLY A 400 -48.25 0.04 33.45
N TRP A 401 -47.77 -0.90 32.63
CA TRP A 401 -48.10 -2.31 32.71
C TRP A 401 -46.87 -3.19 32.83
N ALA A 402 -47.01 -4.33 33.55
CA ALA A 402 -45.98 -5.35 33.76
C ALA A 402 -44.60 -4.74 33.86
N LYS A 403 -44.42 -3.86 34.87
CA LYS A 403 -43.20 -3.07 35.08
C LYS A 403 -41.90 -3.90 35.35
N GLY A 404 -42.01 -5.23 35.35
CA GLY A 404 -40.88 -6.16 35.46
C GLY A 404 -40.00 -6.20 34.23
N VAL A 405 -40.55 -5.87 33.04
CA VAL A 405 -39.81 -5.75 31.79
C VAL A 405 -39.89 -4.29 31.38
N VAL A 406 -38.76 -3.76 30.90
CA VAL A 406 -38.68 -2.39 30.43
C VAL A 406 -38.58 -2.44 28.92
N VAL A 407 -39.53 -1.78 28.23
CA VAL A 407 -39.55 -1.77 26.78
C VAL A 407 -39.60 -0.34 26.25
N GLY A 408 -38.82 -0.09 25.20
CA GLY A 408 -38.86 1.19 24.52
C GLY A 408 -38.02 1.20 23.26
N ARG A 409 -37.96 2.35 22.60
CA ARG A 409 -37.09 2.55 21.43
C ARG A 409 -35.89 3.40 21.92
N ALA A 410 -34.73 3.21 21.29
CA ALA A 410 -33.51 3.94 21.58
C ALA A 410 -32.72 4.08 20.29
N ARG A 411 -31.52 4.72 20.36
CA ARG A 411 -30.61 4.87 19.24
C ARG A 411 -29.20 4.40 19.66
N LEU A 412 -28.45 3.76 18.76
CA LEU A 412 -27.08 3.29 19.01
C LEU A 412 -26.22 3.98 17.94
N GLY A 413 -25.60 5.09 18.30
CA GLY A 413 -24.84 5.90 17.35
C GLY A 413 -25.68 6.40 16.19
N GLY A 414 -26.96 6.62 16.48
CA GLY A 414 -27.94 7.09 15.50
C GLY A 414 -28.88 6.05 14.97
N ILE A 415 -28.48 4.74 15.03
CA ILE A 415 -29.30 3.62 14.56
C ILE A 415 -30.48 3.37 15.51
N PRO A 416 -31.75 3.52 15.04
CA PRO A 416 -32.88 3.22 15.93
C PRO A 416 -33.11 1.71 16.06
N LEU A 417 -33.52 1.30 17.25
CA LEU A 417 -33.79 -0.09 17.55
C LEU A 417 -34.73 -0.17 18.76
N GLY A 418 -35.36 -1.34 18.94
CA GLY A 418 -36.22 -1.60 20.07
C GLY A 418 -35.41 -2.26 21.17
N VAL A 419 -35.62 -1.84 22.41
CA VAL A 419 -34.87 -2.37 23.56
C VAL A 419 -35.79 -3.07 24.53
N ILE A 420 -35.35 -4.20 25.08
CA ILE A 420 -36.03 -4.96 26.11
C ILE A 420 -34.99 -5.19 27.21
N GLY A 421 -35.29 -4.69 28.39
CA GLY A 421 -34.46 -4.81 29.58
C GLY A 421 -35.27 -5.39 30.72
N VAL A 422 -34.57 -5.95 31.72
CA VAL A 422 -35.19 -6.59 32.87
C VAL A 422 -35.10 -5.73 34.11
N GLU A 423 -36.23 -5.42 34.73
CA GLU A 423 -36.27 -4.66 35.98
C GLU A 423 -35.91 -5.63 37.13
N THR A 424 -34.76 -5.39 37.77
CA THR A 424 -34.21 -6.21 38.87
C THR A 424 -34.95 -6.05 40.21
N ARG A 425 -35.56 -4.88 40.44
CA ARG A 425 -36.34 -4.55 41.63
C ARG A 425 -37.68 -5.31 41.68
N THR A 426 -38.16 -5.63 42.89
CA THR A 426 -39.48 -6.25 43.07
C THR A 426 -40.55 -5.26 42.62
N VAL A 427 -41.58 -5.77 41.91
CA VAL A 427 -42.63 -4.92 41.38
C VAL A 427 -43.98 -5.24 42.02
N GLU A 428 -44.68 -4.20 42.47
CA GLU A 428 -46.01 -4.31 43.03
C GLU A 428 -47.02 -3.75 42.04
N ASN A 429 -48.20 -4.36 41.99
CA ASN A 429 -49.30 -3.88 41.17
C ASN A 429 -50.57 -4.05 41.98
N LEU A 430 -51.44 -3.06 41.86
CA LEU A 430 -52.67 -3.03 42.61
C LEU A 430 -53.87 -3.45 41.76
N ILE A 431 -54.44 -4.62 42.08
CA ILE A 431 -55.63 -5.10 41.41
C ILE A 431 -56.77 -4.38 42.12
N PRO A 432 -57.55 -3.51 41.43
CA PRO A 432 -58.65 -2.83 42.13
C PRO A 432 -59.78 -3.78 42.53
N ALA A 433 -60.59 -3.38 43.53
CA ALA A 433 -61.73 -4.16 43.99
C ALA A 433 -62.85 -4.11 42.94
N ASP A 434 -63.47 -5.29 42.68
CA ASP A 434 -64.56 -5.48 41.72
C ASP A 434 -65.83 -4.79 42.26
N PRO A 435 -66.30 -3.66 41.65
CA PRO A 435 -67.52 -3.00 42.14
C PRO A 435 -68.78 -3.88 42.14
N ALA A 436 -68.82 -4.90 41.28
CA ALA A 436 -69.93 -5.84 41.15
C ALA A 436 -69.96 -6.93 42.22
N ASN A 437 -68.85 -7.08 42.99
CA ASN A 437 -68.81 -8.05 44.07
C ASN A 437 -68.64 -7.32 45.40
N PRO A 438 -69.63 -7.43 46.30
CA PRO A 438 -69.52 -6.72 47.60
C PRO A 438 -68.48 -7.31 48.56
N ASN A 439 -68.09 -8.59 48.32
CA ASN A 439 -67.08 -9.33 49.08
C ASN A 439 -65.68 -9.26 48.40
N SER A 440 -65.43 -8.18 47.63
CA SER A 440 -64.17 -7.96 46.91
C SER A 440 -63.46 -6.70 47.42
N ALA A 441 -62.19 -6.89 47.82
CA ALA A 441 -61.27 -5.86 48.32
C ALA A 441 -60.06 -5.79 47.39
N GLU A 442 -59.42 -4.60 47.29
CA GLU A 442 -58.25 -4.43 46.42
C GLU A 442 -57.07 -5.29 46.88
N THR A 443 -56.38 -5.93 45.92
CA THR A 443 -55.27 -6.85 46.13
C THR A 443 -53.95 -6.25 45.65
N LEU A 444 -52.89 -6.49 46.41
CA LEU A 444 -51.56 -6.05 46.02
C LEU A 444 -50.70 -7.25 45.70
N ILE A 445 -50.27 -7.34 44.43
CA ILE A 445 -49.44 -8.43 43.96
C ILE A 445 -48.02 -7.92 43.91
N GLN A 446 -47.11 -8.74 44.42
CA GLN A 446 -45.68 -8.45 44.40
C GLN A 446 -45.03 -9.51 43.52
N GLN A 447 -44.12 -9.09 42.64
CA GLN A 447 -43.45 -10.02 41.76
C GLN A 447 -41.97 -9.81 41.84
N ALA A 448 -41.25 -10.92 42.00
CA ALA A 448 -39.79 -10.90 42.08
C ALA A 448 -39.17 -10.41 40.75
N GLY A 449 -38.03 -9.73 40.86
CA GLY A 449 -37.27 -9.27 39.70
C GLY A 449 -36.60 -10.45 39.02
N GLN A 450 -36.23 -10.27 37.74
CA GLN A 450 -35.53 -11.29 36.93
C GLN A 450 -36.30 -12.61 36.74
N VAL A 451 -37.63 -12.59 36.87
CA VAL A 451 -38.50 -13.76 36.70
C VAL A 451 -39.63 -13.31 35.76
N TRP A 452 -39.90 -14.11 34.73
CA TRP A 452 -40.99 -13.82 33.81
C TRP A 452 -42.26 -14.32 34.46
N PHE A 453 -43.27 -13.44 34.51
CA PHE A 453 -44.60 -13.77 35.04
C PHE A 453 -45.56 -13.67 33.85
N PRO A 454 -46.83 -14.16 33.95
CA PRO A 454 -47.73 -14.05 32.79
C PRO A 454 -47.75 -12.66 32.15
N ASN A 455 -47.87 -11.58 32.95
CA ASN A 455 -47.93 -10.22 32.41
C ASN A 455 -46.63 -9.78 31.74
N SER A 456 -45.46 -10.02 32.37
CA SER A 456 -44.18 -9.62 31.80
C SER A 456 -43.83 -10.44 30.57
N ALA A 457 -44.24 -11.72 30.51
CA ALA A 457 -44.02 -12.58 29.33
C ALA A 457 -44.86 -12.07 28.15
N PHE A 458 -46.09 -11.65 28.44
CA PHE A 458 -47.02 -11.07 27.47
C PHE A 458 -46.46 -9.76 26.94
N LYS A 459 -45.95 -8.88 27.82
CA LYS A 459 -45.38 -7.58 27.45
C LYS A 459 -44.15 -7.77 26.54
N THR A 460 -43.28 -8.71 26.88
CA THR A 460 -42.10 -9.05 26.09
C THR A 460 -42.54 -9.43 24.69
N ALA A 461 -43.50 -10.36 24.55
CA ALA A 461 -44.00 -10.81 23.24
C ALA A 461 -44.64 -9.63 22.49
N GLN A 462 -45.45 -8.84 23.19
CA GLN A 462 -46.08 -7.67 22.59
C GLN A 462 -45.04 -6.71 22.03
N ALA A 463 -44.00 -6.38 22.83
CA ALA A 463 -42.91 -5.51 22.43
C ALA A 463 -42.26 -6.02 21.14
N ILE A 464 -41.85 -7.31 21.10
CA ILE A 464 -41.24 -7.96 19.95
C ILE A 464 -42.06 -7.77 18.70
N ASN A 465 -43.37 -8.03 18.79
CA ASN A 465 -44.30 -7.85 17.67
C ASN A 465 -44.43 -6.40 17.21
N ASP A 466 -44.46 -5.43 18.15
CA ASP A 466 -44.69 -4.01 17.81
C ASP A 466 -43.47 -3.40 17.21
N PHE A 467 -42.29 -3.95 17.49
CA PHE A 467 -41.06 -3.51 16.86
C PHE A 467 -40.96 -4.06 15.43
N ASN A 468 -41.44 -5.32 15.23
CA ASN A 468 -41.36 -6.02 13.94
C ASN A 468 -42.34 -5.49 12.94
N ASN A 469 -43.64 -5.45 13.30
CA ASN A 469 -44.70 -4.98 12.45
C ASN A 469 -44.75 -3.50 12.37
N GLY A 470 -44.80 -2.99 11.14
CA GLY A 470 -44.87 -1.56 10.85
C GLY A 470 -43.64 -0.74 11.16
N GLU A 471 -43.16 -0.78 12.42
CA GLU A 471 -41.91 -0.14 12.87
C GLU A 471 -40.70 -0.74 12.11
N GLN A 472 -40.71 -2.04 11.81
CA GLN A 472 -39.65 -2.74 11.07
C GLN A 472 -38.26 -2.45 11.58
N LEU A 473 -38.08 -2.51 12.91
CA LEU A 473 -36.82 -2.18 13.56
C LEU A 473 -35.95 -3.36 13.95
N PRO A 474 -34.60 -3.19 14.06
CA PRO A 474 -33.83 -4.25 14.71
C PRO A 474 -34.14 -4.18 16.22
N MET A 475 -33.66 -5.18 16.98
CA MET A 475 -33.94 -5.20 18.41
C MET A 475 -32.78 -5.71 19.21
N MET A 476 -32.66 -5.20 20.45
CA MET A 476 -31.74 -5.71 21.45
C MET A 476 -32.48 -6.09 22.74
N ILE A 477 -32.20 -7.30 23.22
CA ILE A 477 -32.74 -7.80 24.46
C ILE A 477 -31.57 -7.95 25.41
N LEU A 478 -31.61 -7.22 26.55
CA LEU A 478 -30.60 -7.30 27.60
C LEU A 478 -31.10 -8.41 28.51
N ALA A 479 -31.00 -9.66 28.03
CA ALA A 479 -31.51 -10.86 28.68
C ALA A 479 -30.94 -11.11 30.07
N ASN A 480 -31.81 -11.03 31.07
CA ASN A 480 -31.45 -11.21 32.46
C ASN A 480 -32.63 -11.83 33.28
N TRP A 481 -32.96 -13.08 32.98
CA TRP A 481 -34.03 -13.79 33.65
C TRP A 481 -33.55 -15.09 34.24
N ARG A 482 -34.06 -15.43 35.41
CA ARG A 482 -33.78 -16.67 36.14
C ARG A 482 -34.63 -17.80 35.54
N GLY A 483 -35.77 -17.41 34.94
CA GLY A 483 -36.74 -18.30 34.31
C GLY A 483 -38.14 -17.75 34.43
N PHE A 484 -39.11 -18.66 34.42
CA PHE A 484 -40.53 -18.31 34.50
C PHE A 484 -41.02 -18.65 35.88
N SER A 485 -42.06 -17.96 36.37
CA SER A 485 -42.63 -18.29 37.68
C SER A 485 -43.34 -19.65 37.57
N GLY A 486 -42.74 -20.67 38.19
CA GLY A 486 -43.26 -22.02 38.17
C GLY A 486 -44.31 -22.34 39.22
N GLY A 487 -44.59 -21.38 40.07
CA GLY A 487 -45.56 -21.54 41.14
C GLY A 487 -46.96 -21.79 40.67
N GLN A 488 -47.81 -22.28 41.58
CA GLN A 488 -49.19 -22.63 41.28
C GLN A 488 -50.03 -21.48 40.71
N ARG A 489 -49.97 -20.29 41.32
CA ARG A 489 -50.78 -19.15 40.85
C ARG A 489 -50.44 -18.77 39.39
N ASP A 490 -49.13 -18.73 39.09
CA ASP A 490 -48.65 -18.33 37.77
C ASP A 490 -48.82 -19.45 36.74
N MET A 491 -48.76 -20.72 37.16
CA MET A 491 -49.05 -21.86 36.29
C MET A 491 -50.56 -21.85 35.96
N PHE A 492 -51.40 -21.60 36.96
CA PHE A 492 -52.84 -21.48 36.75
C PHE A 492 -53.16 -20.28 35.89
N ASN A 493 -52.39 -19.18 36.02
CA ASN A 493 -52.62 -17.98 35.21
C ASN A 493 -51.98 -18.05 33.82
N GLU A 494 -51.64 -19.28 33.39
CA GLU A 494 -51.21 -19.63 32.04
C GLU A 494 -49.84 -19.07 31.64
N VAL A 495 -48.88 -19.03 32.56
CA VAL A 495 -47.53 -18.54 32.24
C VAL A 495 -46.94 -19.22 30.96
N LEU A 496 -47.25 -20.51 30.73
CA LEU A 496 -46.79 -21.28 29.56
C LEU A 496 -47.30 -20.67 28.27
N LYS A 497 -48.56 -20.24 28.25
CA LYS A 497 -49.17 -19.64 27.07
C LYS A 497 -48.40 -18.40 26.64
N TYR A 498 -48.15 -17.47 27.59
CA TYR A 498 -47.49 -16.20 27.33
C TYR A 498 -46.04 -16.37 27.01
N GLY A 499 -45.38 -17.38 27.60
CA GLY A 499 -43.99 -17.72 27.31
C GLY A 499 -43.85 -18.19 25.88
N SER A 500 -44.81 -18.96 25.41
CA SER A 500 -44.88 -19.47 24.06
C SER A 500 -45.05 -18.38 23.00
N PHE A 501 -45.78 -17.30 23.34
CA PHE A 501 -45.99 -16.13 22.45
C PHE A 501 -44.64 -15.46 22.13
N ILE A 502 -43.65 -15.52 23.08
CA ILE A 502 -42.32 -14.96 22.88
C ILE A 502 -41.63 -15.70 21.73
N VAL A 503 -41.67 -17.03 21.76
CA VAL A 503 -41.10 -17.86 20.72
C VAL A 503 -41.73 -17.53 19.38
N ASP A 504 -43.07 -17.44 19.35
CA ASP A 504 -43.82 -17.16 18.14
C ASP A 504 -43.42 -15.81 17.55
N ALA A 505 -43.16 -14.80 18.41
CA ALA A 505 -42.79 -13.45 17.99
C ALA A 505 -41.38 -13.40 17.40
N LEU A 506 -40.46 -14.15 17.96
CA LEU A 506 -39.08 -14.25 17.50
C LEU A 506 -39.01 -14.98 16.16
N VAL A 507 -39.79 -16.07 15.99
CA VAL A 507 -39.89 -16.81 14.72
C VAL A 507 -40.34 -15.87 13.58
N ASP A 508 -41.24 -14.93 13.88
CA ASP A 508 -41.76 -13.98 12.91
C ASP A 508 -40.87 -12.73 12.65
N TYR A 509 -39.84 -12.51 13.49
CA TYR A 509 -38.96 -11.34 13.41
C TYR A 509 -38.22 -11.22 12.07
N LYS A 510 -38.31 -10.07 11.40
CA LYS A 510 -37.69 -9.89 10.08
C LYS A 510 -36.43 -8.97 10.05
N GLN A 511 -36.07 -8.40 11.21
CA GLN A 511 -34.88 -7.50 11.30
C GLN A 511 -33.82 -8.06 12.24
N PRO A 512 -32.53 -7.61 12.19
CA PRO A 512 -31.52 -8.15 13.14
C PRO A 512 -31.91 -8.10 14.61
N ILE A 513 -31.54 -9.14 15.34
CA ILE A 513 -31.74 -9.26 16.78
C ILE A 513 -30.43 -9.52 17.46
N ILE A 514 -30.20 -8.82 18.56
CA ILE A 514 -29.03 -9.03 19.42
C ILE A 514 -29.58 -9.40 20.80
N ILE A 515 -29.17 -10.58 21.27
CA ILE A 515 -29.45 -11.06 22.61
C ILE A 515 -28.11 -10.89 23.33
N TYR A 516 -28.13 -10.12 24.41
CA TYR A 516 -26.93 -9.85 25.17
C TYR A 516 -27.16 -10.06 26.66
N ILE A 517 -26.49 -11.07 27.25
CA ILE A 517 -26.57 -11.28 28.70
C ILE A 517 -25.63 -10.22 29.31
N PRO A 518 -26.16 -9.20 29.99
CA PRO A 518 -25.29 -8.12 30.50
C PRO A 518 -24.46 -8.46 31.76
N PRO A 519 -23.50 -7.58 32.19
CA PRO A 519 -22.76 -7.87 33.44
C PRO A 519 -23.76 -7.95 34.60
N THR A 520 -23.55 -8.92 35.54
CA THR A 520 -24.41 -9.24 36.71
C THR A 520 -25.66 -10.02 36.24
N GLY A 521 -25.79 -10.18 34.93
CA GLY A 521 -26.93 -10.83 34.30
C GLY A 521 -26.83 -12.32 34.26
N GLU A 522 -28.00 -12.97 34.15
CA GLU A 522 -28.09 -14.41 34.05
C GLU A 522 -29.15 -14.87 33.05
N LEU A 523 -29.08 -16.13 32.66
CA LEU A 523 -30.03 -16.74 31.78
C LEU A 523 -30.00 -18.21 32.15
N ARG A 524 -31.10 -18.71 32.73
CA ARG A 524 -31.18 -20.11 33.17
C ARG A 524 -32.09 -20.95 32.29
N GLY A 525 -32.20 -22.24 32.60
CA GLY A 525 -33.04 -23.22 31.91
C GLY A 525 -34.19 -22.67 31.09
N GLY A 526 -35.29 -22.34 31.77
CA GLY A 526 -36.51 -21.80 31.17
C GLY A 526 -36.39 -20.51 30.39
N SER A 527 -35.56 -19.58 30.88
CA SER A 527 -35.42 -18.28 30.23
C SER A 527 -34.59 -18.37 28.95
N TRP A 528 -33.54 -19.22 28.95
CA TRP A 528 -32.69 -19.38 27.78
C TRP A 528 -33.47 -19.95 26.59
N VAL A 529 -34.32 -20.99 26.82
CA VAL A 529 -35.12 -21.68 25.78
C VAL A 529 -35.84 -20.73 24.84
N VAL A 530 -36.50 -19.75 25.41
CA VAL A 530 -37.37 -18.78 24.79
C VAL A 530 -36.64 -17.65 24.04
N VAL A 531 -35.31 -17.59 24.15
CA VAL A 531 -34.56 -16.49 23.54
C VAL A 531 -33.29 -16.97 22.82
N ASP A 532 -33.11 -18.27 22.64
CA ASP A 532 -31.91 -18.81 22.00
C ASP A 532 -31.88 -18.42 20.53
N PRO A 533 -30.72 -17.98 19.98
CA PRO A 533 -30.68 -17.61 18.55
C PRO A 533 -31.08 -18.71 17.54
N THR A 534 -31.19 -20.00 17.93
CA THR A 534 -31.60 -21.05 16.99
C THR A 534 -33.11 -21.03 16.70
N ILE A 535 -33.87 -20.24 17.50
CA ILE A 535 -35.29 -19.98 17.27
C ILE A 535 -35.44 -19.27 15.90
N ASN A 536 -34.49 -18.42 15.55
CA ASN A 536 -34.47 -17.68 14.29
C ASN A 536 -33.03 -17.38 13.93
N ALA A 537 -32.32 -18.39 13.43
CA ALA A 537 -30.91 -18.28 13.06
C ALA A 537 -30.62 -17.17 12.03
N ASP A 538 -31.55 -16.93 11.13
CA ASP A 538 -31.47 -15.89 10.08
C ASP A 538 -31.36 -14.49 10.65
N GLN A 539 -31.95 -14.23 11.82
CA GLN A 539 -31.94 -12.87 12.39
C GLN A 539 -31.24 -12.72 13.73
N MET A 540 -31.12 -13.81 14.49
CA MET A 540 -30.63 -13.73 15.84
C MET A 540 -29.20 -14.06 15.99
N GLU A 541 -28.57 -13.39 16.99
CA GLU A 541 -27.24 -13.69 17.48
C GLU A 541 -27.13 -13.35 18.95
N MET A 542 -26.45 -14.23 19.73
CA MET A 542 -26.29 -14.06 21.17
C MET A 542 -24.86 -13.74 21.57
N TYR A 543 -24.74 -12.90 22.61
CA TYR A 543 -23.51 -12.44 23.23
C TYR A 543 -23.64 -12.48 24.75
N ALA A 544 -22.56 -12.87 25.42
CA ALA A 544 -22.57 -12.85 26.88
C ALA A 544 -21.45 -11.98 27.39
N ASP A 545 -21.74 -11.19 28.40
CA ASP A 545 -20.71 -10.39 29.04
C ASP A 545 -19.78 -11.37 29.78
N VAL A 546 -18.51 -10.97 29.95
CA VAL A 546 -17.53 -11.76 30.72
C VAL A 546 -17.97 -11.95 32.20
N ASN A 547 -18.84 -11.06 32.71
CA ASN A 547 -19.38 -11.10 34.05
C ASN A 547 -20.87 -11.55 34.12
N ALA A 548 -21.25 -12.40 33.17
CA ALA A 548 -22.59 -12.94 33.13
C ALA A 548 -22.57 -14.42 33.48
N ARG A 549 -23.74 -14.98 33.80
CA ARG A 549 -23.82 -16.40 34.11
C ARG A 549 -24.92 -17.06 33.32
N ALA A 550 -24.77 -18.35 33.02
CA ALA A 550 -25.77 -19.16 32.34
C ALA A 550 -25.50 -20.65 32.54
N GLY A 551 -26.59 -21.36 32.78
CA GLY A 551 -26.61 -22.80 32.98
C GLY A 551 -28.04 -23.26 33.12
N VAL A 552 -28.27 -24.61 33.02
CA VAL A 552 -29.62 -25.19 33.16
C VAL A 552 -30.26 -24.74 34.50
N LEU A 553 -29.58 -24.99 35.63
CA LEU A 553 -30.11 -24.53 36.93
C LEU A 553 -29.19 -23.48 37.51
N GLU A 554 -29.62 -22.88 38.62
CA GLU A 554 -28.79 -21.95 39.41
C GLU A 554 -27.77 -22.85 40.18
N PRO A 555 -26.58 -22.36 40.60
CA PRO A 555 -25.59 -23.26 41.27
C PRO A 555 -26.15 -24.15 42.38
N GLU A 556 -27.05 -23.60 43.21
CA GLU A 556 -27.74 -24.26 44.33
C GLU A 556 -28.53 -25.48 43.83
N GLY A 557 -29.13 -25.34 42.65
CA GLY A 557 -29.88 -26.40 42.01
C GLY A 557 -28.98 -27.49 41.48
N THR A 558 -27.89 -27.08 40.80
CA THR A 558 -26.88 -27.99 40.23
C THR A 558 -26.25 -28.89 41.34
N VAL A 559 -25.85 -28.26 42.47
CA VAL A 559 -25.24 -28.93 43.63
C VAL A 559 -26.28 -29.92 44.21
N GLU A 560 -27.54 -29.50 44.36
CA GLU A 560 -28.63 -30.35 44.85
C GLU A 560 -28.81 -31.64 44.00
N ILE A 561 -28.62 -31.57 42.69
CA ILE A 561 -28.80 -32.74 41.84
C ILE A 561 -27.49 -33.53 41.62
N LYS A 562 -26.34 -32.84 41.46
CA LYS A 562 -25.07 -33.50 41.10
C LYS A 562 -23.89 -33.44 42.12
N PHE A 563 -23.96 -32.61 43.17
CA PHE A 563 -22.89 -32.56 44.20
C PHE A 563 -23.51 -32.85 45.59
N ARG A 564 -24.02 -34.08 45.73
CA ARG A 564 -24.71 -34.63 46.92
C ARG A 564 -23.74 -34.94 48.10
N ARG A 565 -24.26 -35.47 49.26
CA ARG A 565 -23.44 -35.74 50.46
C ARG A 565 -22.29 -36.69 50.25
N GLU A 566 -22.51 -37.84 49.59
CA GLU A 566 -21.44 -38.80 49.32
C GLU A 566 -20.26 -38.17 48.59
N LYS A 567 -20.55 -37.31 47.60
CA LYS A 567 -19.56 -36.58 46.80
C LYS A 567 -18.85 -35.53 47.67
N LEU A 568 -19.57 -34.88 48.61
CA LEU A 568 -18.99 -33.88 49.52
C LEU A 568 -18.01 -34.55 50.47
N LEU A 569 -18.45 -35.62 51.15
CA LEU A 569 -17.65 -36.39 52.10
C LEU A 569 -16.38 -36.92 51.42
N ASP A 570 -16.50 -37.51 50.20
CA ASP A 570 -15.36 -38.00 49.37
C ASP A 570 -14.36 -36.88 49.04
N THR A 571 -14.81 -35.60 49.15
CA THR A 571 -14.03 -34.38 48.91
C THR A 571 -13.31 -33.97 50.22
N MET A 572 -13.94 -34.20 51.41
CA MET A 572 -13.34 -33.93 52.73
C MET A 572 -12.28 -35.02 52.94
N ASN A 573 -12.64 -36.26 52.62
CA ASN A 573 -11.81 -37.45 52.67
C ASN A 573 -10.61 -37.32 51.68
N ARG A 574 -10.54 -36.19 50.96
CA ARG A 574 -9.48 -35.95 50.00
C ARG A 574 -8.72 -34.68 50.31
N LEU A 575 -9.44 -33.65 50.78
CA LEU A 575 -8.91 -32.31 51.01
C LEU A 575 -8.66 -31.97 52.47
N ASP A 576 -9.39 -32.63 53.39
CA ASP A 576 -9.22 -32.40 54.83
C ASP A 576 -8.37 -33.51 55.49
N ASP A 577 -7.19 -33.11 56.01
CA ASP A 577 -6.24 -33.99 56.69
C ASP A 577 -6.86 -34.59 57.95
N LYS A 578 -7.43 -33.72 58.82
CA LYS A 578 -8.11 -34.12 60.07
C LYS A 578 -9.23 -35.16 59.85
N TYR A 579 -10.12 -34.94 58.85
CA TYR A 579 -11.22 -35.87 58.48
C TYR A 579 -10.69 -37.24 58.00
N ARG A 580 -9.62 -37.22 57.17
CA ARG A 580 -9.00 -38.41 56.57
C ARG A 580 -8.41 -39.38 57.62
N LYS A 601 -18.10 -42.18 65.68
CA LYS A 601 -18.67 -40.91 66.13
C LYS A 601 -17.63 -39.78 66.05
N GLN A 602 -16.36 -40.14 65.80
CA GLN A 602 -15.26 -39.17 65.68
C GLN A 602 -15.36 -38.32 64.37
N LEU A 603 -16.20 -38.78 63.40
CA LEU A 603 -16.43 -38.12 62.11
C LEU A 603 -17.54 -37.09 62.09
N ALA A 604 -18.73 -37.40 62.69
CA ALA A 604 -19.91 -36.53 62.70
C ALA A 604 -19.66 -35.16 63.33
N ASP A 605 -18.63 -35.06 64.20
CA ASP A 605 -18.19 -33.82 64.85
C ASP A 605 -17.39 -32.97 63.83
N ARG A 606 -16.58 -33.64 62.98
CA ARG A 606 -15.78 -33.02 61.91
C ARG A 606 -16.69 -32.56 60.77
N GLU A 607 -17.61 -33.45 60.31
CA GLU A 607 -18.61 -33.22 59.28
C GLU A 607 -19.38 -31.95 59.57
N ARG A 608 -19.91 -31.83 60.80
CA ARG A 608 -20.69 -30.69 61.31
C ARG A 608 -19.99 -29.33 61.20
N GLU A 609 -18.64 -29.32 61.22
CA GLU A 609 -17.85 -28.09 61.15
C GLU A 609 -17.47 -27.73 59.74
N LEU A 610 -17.26 -28.76 58.87
CA LEU A 610 -16.82 -28.61 57.47
C LEU A 610 -17.93 -28.39 56.43
N LEU A 611 -19.12 -28.96 56.64
CA LEU A 611 -20.24 -28.83 55.72
C LEU A 611 -20.54 -27.38 55.30
N PRO A 612 -20.60 -26.36 56.20
CA PRO A 612 -20.83 -24.98 55.73
C PRO A 612 -19.86 -24.47 54.64
N ILE A 613 -18.55 -24.71 54.79
CA ILE A 613 -17.54 -24.29 53.81
C ILE A 613 -17.46 -25.26 52.62
N TYR A 614 -17.69 -26.56 52.86
CA TYR A 614 -17.66 -27.57 51.79
C TYR A 614 -18.92 -27.42 50.88
N GLY A 615 -19.96 -26.77 51.39
CA GLY A 615 -21.16 -26.44 50.65
C GLY A 615 -20.80 -25.36 49.65
N GLN A 616 -20.13 -24.31 50.15
CA GLN A 616 -19.61 -23.17 49.39
C GLN A 616 -18.58 -23.57 48.32
N ILE A 617 -17.78 -24.61 48.60
CA ILE A 617 -16.76 -25.11 47.68
C ILE A 617 -17.49 -25.76 46.50
N SER A 618 -18.55 -26.58 46.76
CA SER A 618 -19.29 -27.24 45.70
C SER A 618 -20.07 -26.18 44.87
N LEU A 619 -20.60 -25.15 45.55
CA LEU A 619 -21.33 -24.00 44.99
C LEU A 619 -20.46 -23.17 44.04
N GLN A 620 -19.16 -23.07 44.32
CA GLN A 620 -18.19 -22.39 43.48
C GLN A 620 -17.75 -23.32 42.35
N PHE A 621 -17.73 -24.64 42.59
CA PHE A 621 -17.38 -25.63 41.58
C PHE A 621 -18.45 -25.59 40.43
N ALA A 622 -19.76 -25.53 40.83
CA ALA A 622 -20.91 -25.46 39.92
C ALA A 622 -20.85 -24.13 39.17
N ASP A 623 -20.66 -22.99 39.86
CA ASP A 623 -20.56 -21.66 39.27
C ASP A 623 -19.44 -21.52 38.24
N LEU A 624 -18.38 -22.32 38.34
CA LEU A 624 -17.25 -22.23 37.40
C LEU A 624 -17.56 -22.82 36.04
N HIS A 625 -18.73 -23.49 35.91
CA HIS A 625 -19.22 -24.06 34.66
C HIS A 625 -20.12 -23.03 33.94
N ASP A 626 -20.73 -22.10 34.70
CA ASP A 626 -21.71 -21.09 34.29
C ASP A 626 -21.10 -19.84 33.62
N ARG A 627 -19.90 -19.96 33.07
CA ARG A 627 -19.19 -18.80 32.54
C ARG A 627 -19.29 -18.60 31.04
N SER A 628 -19.12 -17.33 30.59
CA SER A 628 -19.10 -16.99 29.17
C SER A 628 -18.02 -17.75 28.35
N SER A 629 -16.91 -18.14 29.01
CA SER A 629 -15.81 -18.91 28.40
C SER A 629 -16.28 -20.29 27.96
N ARG A 630 -17.20 -20.91 28.75
CA ARG A 630 -17.83 -22.21 28.44
C ARG A 630 -18.77 -22.04 27.26
N MET A 631 -19.53 -20.90 27.27
CA MET A 631 -20.48 -20.55 26.22
C MET A 631 -19.76 -20.45 24.89
N VAL A 632 -18.59 -19.78 24.87
CA VAL A 632 -17.74 -19.66 23.68
C VAL A 632 -17.18 -21.03 23.26
N ALA A 633 -16.64 -21.80 24.23
CA ALA A 633 -16.09 -23.15 24.02
C ALA A 633 -17.12 -24.06 23.33
N LYS A 634 -18.34 -24.07 23.85
CA LYS A 634 -19.43 -24.88 23.33
C LYS A 634 -20.13 -24.28 22.07
N GLY A 635 -19.76 -23.06 21.70
CA GLY A 635 -20.27 -22.37 20.52
C GLY A 635 -21.73 -21.97 20.56
N VAL A 636 -22.25 -21.66 21.76
CA VAL A 636 -23.65 -21.26 21.93
C VAL A 636 -23.83 -19.73 21.86
N ILE A 637 -22.71 -18.97 21.90
CA ILE A 637 -22.71 -17.51 21.76
C ILE A 637 -21.75 -17.13 20.66
N SER A 638 -21.95 -15.95 20.06
CA SER A 638 -21.13 -15.44 18.96
C SER A 638 -19.77 -14.92 19.48
N LYS A 639 -19.76 -14.30 20.68
CA LYS A 639 -18.59 -13.72 21.32
C LYS A 639 -18.89 -13.42 22.79
N GLU A 640 -17.82 -13.43 23.64
CA GLU A 640 -17.97 -12.92 25.01
C GLU A 640 -17.56 -11.44 24.93
N LEU A 641 -18.22 -10.57 25.69
CA LEU A 641 -17.93 -9.16 25.57
C LEU A 641 -17.61 -8.47 26.88
N GLU A 642 -17.03 -7.26 26.77
CA GLU A 642 -16.75 -6.42 27.91
C GLU A 642 -17.73 -5.28 27.83
N TRP A 643 -18.61 -5.17 28.83
CA TRP A 643 -19.65 -4.14 28.96
C TRP A 643 -19.20 -2.75 28.55
N THR A 644 -18.03 -2.30 29.02
CA THR A 644 -17.51 -0.95 28.73
C THR A 644 -17.28 -0.74 27.26
N GLU A 645 -16.94 -1.82 26.55
CA GLU A 645 -16.66 -1.81 25.11
C GLU A 645 -17.85 -2.22 24.20
N ALA A 646 -19.04 -2.48 24.82
CA ALA A 646 -20.25 -2.97 24.14
C ALA A 646 -20.84 -1.99 23.13
N ARG A 647 -20.90 -0.70 23.46
CA ARG A 647 -21.45 0.30 22.56
C ARG A 647 -20.66 0.36 21.24
N ARG A 648 -19.32 0.34 21.33
CA ARG A 648 -18.42 0.37 20.19
C ARG A 648 -18.61 -0.87 19.35
N PHE A 649 -18.71 -2.05 20.01
CA PHE A 649 -18.88 -3.32 19.33
C PHE A 649 -20.24 -3.42 18.63
N PHE A 650 -21.34 -3.15 19.35
CA PHE A 650 -22.68 -3.26 18.81
C PHE A 650 -22.98 -2.25 17.74
N PHE A 651 -22.38 -1.06 17.81
CA PHE A 651 -22.60 -0.07 16.76
C PHE A 651 -22.10 -0.63 15.40
N TRP A 652 -20.88 -1.19 15.33
CA TRP A 652 -20.38 -1.69 14.08
C TRP A 652 -20.98 -3.00 13.69
N ARG A 653 -21.31 -3.84 14.68
CA ARG A 653 -21.96 -5.12 14.38
C ARG A 653 -23.33 -4.84 13.76
N LEU A 654 -24.11 -3.92 14.39
CA LEU A 654 -25.43 -3.56 13.87
C LEU A 654 -25.34 -2.91 12.50
N ARG A 655 -24.40 -1.97 12.30
CA ARG A 655 -24.19 -1.28 11.02
C ARG A 655 -23.83 -2.27 9.92
N ARG A 656 -22.87 -3.17 10.19
CA ARG A 656 -22.47 -4.25 9.27
C ARG A 656 -23.67 -5.14 8.89
N ARG A 657 -24.47 -5.54 9.89
CA ARG A 657 -25.66 -6.37 9.74
C ARG A 657 -26.75 -5.72 8.89
N LEU A 658 -26.99 -4.42 9.06
CA LEU A 658 -27.97 -3.70 8.23
C LEU A 658 -27.52 -3.64 6.75
N ASN A 659 -26.20 -3.49 6.52
CA ASN A 659 -25.64 -3.43 5.18
C ASN A 659 -25.75 -4.76 4.47
N GLU A 660 -25.38 -5.87 5.16
CA GLU A 660 -25.47 -7.21 4.60
C GLU A 660 -26.91 -7.62 4.33
N GLU A 661 -27.83 -7.26 5.25
CA GLU A 661 -29.27 -7.53 5.12
C GLU A 661 -29.78 -6.84 3.87
N TYR A 662 -29.38 -5.57 3.61
CA TYR A 662 -29.77 -4.84 2.40
C TYR A 662 -29.36 -5.63 1.14
N LEU A 663 -28.10 -6.08 1.07
CA LEU A 663 -27.54 -6.88 -0.02
C LEU A 663 -28.28 -8.22 -0.18
N ILE A 664 -28.66 -8.90 0.93
CA ILE A 664 -29.42 -10.16 0.88
C ILE A 664 -30.81 -9.90 0.25
N LYS A 665 -31.47 -8.80 0.64
CA LYS A 665 -32.78 -8.45 0.07
C LYS A 665 -32.71 -8.21 -1.44
N ARG A 666 -31.66 -7.53 -1.93
CA ARG A 666 -31.46 -7.24 -3.36
C ARG A 666 -31.21 -8.50 -4.14
N LEU A 667 -30.47 -9.44 -3.57
CA LEU A 667 -30.16 -10.72 -4.21
C LEU A 667 -31.42 -11.56 -4.42
N SER A 668 -32.41 -11.33 -3.58
CA SER A 668 -33.67 -12.04 -3.61
C SER A 668 -34.55 -11.65 -4.80
N HIS A 669 -33.99 -10.87 -5.75
CA HIS A 669 -34.66 -10.49 -7.00
C HIS A 669 -33.82 -10.93 -8.22
N GLU A 673 -33.75 -18.21 -6.63
CA GLU A 673 -34.32 -19.11 -5.62
C GLU A 673 -33.21 -19.86 -4.82
N ALA A 674 -32.77 -19.26 -3.71
CA ALA A 674 -31.72 -19.86 -2.89
C ALA A 674 -31.90 -19.60 -1.41
N SER A 675 -31.20 -20.40 -0.57
CA SER A 675 -31.27 -20.23 0.88
C SER A 675 -30.55 -18.95 1.29
N ARG A 676 -30.66 -18.56 2.57
CA ARG A 676 -29.96 -17.39 3.07
C ARG A 676 -28.46 -17.68 3.06
N LEU A 677 -28.08 -18.90 3.48
CA LEU A 677 -26.69 -19.38 3.56
C LEU A 677 -25.96 -19.24 2.22
N GLU A 678 -26.65 -19.55 1.10
CA GLU A 678 -26.11 -19.47 -0.25
C GLU A 678 -26.00 -18.02 -0.66
N LYS A 679 -27.03 -17.20 -0.34
CA LYS A 679 -27.08 -15.76 -0.65
C LYS A 679 -25.94 -14.97 0.03
N ILE A 680 -25.72 -15.19 1.33
CA ILE A 680 -24.70 -14.47 2.07
C ILE A 680 -23.28 -14.92 1.65
N ALA A 681 -23.12 -16.19 1.25
CA ALA A 681 -21.87 -16.74 0.75
C ALA A 681 -21.52 -16.04 -0.57
N ARG A 682 -22.52 -15.82 -1.42
CA ARG A 682 -22.37 -15.15 -2.70
C ARG A 682 -21.96 -13.71 -2.46
N ILE A 683 -22.71 -12.97 -1.61
CA ILE A 683 -22.41 -11.57 -1.30
C ILE A 683 -20.99 -11.44 -0.75
N ARG A 684 -20.59 -12.30 0.19
CA ARG A 684 -19.26 -12.27 0.80
C ARG A 684 -18.13 -12.68 -0.19
N SER A 685 -18.51 -13.34 -1.29
CA SER A 685 -17.55 -13.71 -2.31
C SER A 685 -17.19 -12.46 -3.14
N TRP A 686 -18.00 -11.40 -3.04
CA TRP A 686 -17.80 -10.13 -3.75
C TRP A 686 -16.84 -9.20 -3.01
N TYR A 687 -16.65 -9.44 -1.71
CA TYR A 687 -15.75 -8.65 -0.87
C TYR A 687 -14.33 -8.87 -1.36
N PRO A 688 -13.44 -7.83 -1.35
CA PRO A 688 -12.06 -8.06 -1.78
C PRO A 688 -11.41 -9.13 -0.89
N ALA A 689 -10.48 -9.91 -1.48
CA ALA A 689 -9.78 -11.01 -0.81
C ALA A 689 -9.12 -10.59 0.52
N SER A 690 -8.81 -9.28 0.63
CA SER A 690 -8.18 -8.68 1.79
C SER A 690 -9.12 -8.33 2.93
N VAL A 691 -10.43 -8.17 2.65
CA VAL A 691 -11.40 -7.87 3.69
C VAL A 691 -11.59 -9.11 4.60
N ASP A 692 -11.52 -8.90 5.92
CA ASP A 692 -11.73 -9.92 6.92
C ASP A 692 -13.26 -9.96 7.16
N HIS A 693 -13.91 -11.07 6.79
CA HIS A 693 -15.37 -11.22 6.97
C HIS A 693 -15.76 -11.06 8.43
N GLU A 694 -14.83 -11.30 9.37
CA GLU A 694 -15.10 -11.14 10.79
C GLU A 694 -14.97 -9.70 11.31
N ASP A 695 -14.41 -8.75 10.49
CA ASP A 695 -14.30 -7.35 10.93
C ASP A 695 -15.52 -6.57 10.45
N ASP A 696 -16.40 -6.24 11.41
CA ASP A 696 -17.65 -5.54 11.17
C ASP A 696 -17.46 -4.18 10.56
N ARG A 697 -16.53 -3.40 11.13
CA ARG A 697 -16.23 -2.04 10.66
C ARG A 697 -15.69 -2.04 9.22
N GLN A 698 -14.83 -2.96 8.91
CA GLN A 698 -14.22 -3.06 7.60
C GLN A 698 -15.28 -3.41 6.55
N VAL A 699 -16.14 -4.39 6.86
CA VAL A 699 -17.21 -4.86 6.00
C VAL A 699 -18.23 -3.73 5.77
N ALA A 700 -18.71 -3.08 6.84
CA ALA A 700 -19.67 -1.98 6.71
C ALA A 700 -19.07 -0.86 5.86
N THR A 701 -17.80 -0.48 6.12
CA THR A 701 -17.07 0.56 5.40
C THR A 701 -16.93 0.20 3.92
N TRP A 702 -16.56 -1.04 3.62
CA TRP A 702 -16.44 -1.44 2.22
C TRP A 702 -17.76 -1.39 1.46
N ILE A 703 -18.84 -1.95 2.04
CA ILE A 703 -20.17 -1.96 1.43
C ILE A 703 -20.62 -0.52 1.16
N GLU A 704 -20.57 0.35 2.17
CA GLU A 704 -20.97 1.75 2.00
C GLU A 704 -20.15 2.50 0.94
N GLU A 705 -18.86 2.17 0.78
CA GLU A 705 -18.01 2.76 -0.26
C GLU A 705 -18.33 2.23 -1.66
N ASN A 706 -18.97 1.04 -1.76
CA ASN A 706 -19.26 0.35 -3.02
C ASN A 706 -20.74 0.04 -3.31
N TYR A 707 -21.70 0.80 -2.74
CA TYR A 707 -23.13 0.55 -2.96
C TYR A 707 -23.49 0.54 -4.47
N LYS A 708 -22.97 1.52 -5.23
CA LYS A 708 -23.26 1.68 -6.65
C LYS A 708 -22.55 0.63 -7.46
N THR A 709 -21.34 0.27 -7.06
CA THR A 709 -20.55 -0.78 -7.68
C THR A 709 -21.29 -2.11 -7.51
N LEU A 710 -21.76 -2.40 -6.28
CA LEU A 710 -22.55 -3.61 -5.96
C LEU A 710 -23.89 -3.61 -6.72
N ASP A 711 -24.51 -2.43 -6.89
CA ASP A 711 -25.74 -2.31 -7.66
C ASP A 711 -25.54 -2.80 -9.11
N ASP A 712 -24.42 -2.39 -9.76
CA ASP A 712 -24.03 -2.75 -11.11
C ASP A 712 -23.86 -4.23 -11.25
N LYS A 713 -23.25 -4.86 -10.24
CA LYS A 713 -23.03 -6.28 -10.17
C LYS A 713 -24.41 -6.96 -10.16
N LEU A 714 -25.31 -6.55 -9.23
CA LEU A 714 -26.67 -7.04 -9.09
C LEU A 714 -27.46 -6.93 -10.40
N LYS A 715 -27.34 -5.77 -11.10
CA LYS A 715 -28.00 -5.54 -12.39
C LYS A 715 -27.50 -6.51 -13.51
N GLY A 716 -26.23 -6.91 -13.43
CA GLY A 716 -25.63 -7.84 -14.38
C GLY A 716 -26.14 -9.25 -14.21
N LEU A 717 -26.42 -9.62 -12.96
CA LEU A 717 -26.97 -10.91 -12.55
C LEU A 717 -28.44 -11.03 -12.94
N LYS A 718 -29.19 -9.88 -12.96
CA LYS A 718 -30.62 -9.82 -13.33
C LYS A 718 -30.80 -10.29 -14.77
N LEU A 719 -29.92 -9.87 -15.69
CA LEU A 719 -29.95 -10.28 -17.09
C LEU A 719 -29.58 -11.79 -17.27
N GLU A 720 -29.13 -12.43 -16.18
CA GLU A 720 -28.77 -13.85 -16.15
C GLU A 720 -29.87 -14.70 -15.49
N SER A 721 -31.14 -14.20 -15.55
CA SER A 721 -32.33 -14.87 -15.01
C SER A 721 -33.61 -14.31 -15.65
N ARG B 9 -28.91 6.54 -7.09
CA ARG B 9 -28.77 5.10 -7.34
C ARG B 9 -27.60 4.40 -6.58
N PRO B 10 -27.81 3.28 -5.82
CA PRO B 10 -29.11 2.66 -5.51
C PRO B 10 -29.95 3.47 -4.53
N ILE B 11 -31.24 3.16 -4.52
CA ILE B 11 -32.21 3.80 -3.65
C ILE B 11 -32.48 2.90 -2.42
N ALA B 12 -32.86 3.54 -1.29
CA ALA B 12 -33.16 2.87 -0.02
C ALA B 12 -31.97 2.03 0.59
N THR B 13 -30.79 2.62 0.67
CA THR B 13 -29.65 1.93 1.33
C THR B 13 -29.64 2.30 2.81
N PRO B 14 -29.18 1.38 3.72
CA PRO B 14 -29.14 1.69 5.18
C PRO B 14 -28.43 3.00 5.50
N TYR B 15 -27.25 3.24 4.89
CA TYR B 15 -26.45 4.46 5.07
C TYR B 15 -26.27 5.22 3.76
N PRO B 16 -25.71 6.47 3.75
CA PRO B 16 -25.55 7.21 2.49
C PRO B 16 -24.67 6.53 1.41
N VAL B 17 -25.03 6.74 0.15
CA VAL B 17 -24.28 6.22 -1.00
C VAL B 17 -23.07 7.14 -1.24
N LYS B 18 -21.90 6.68 -0.82
CA LYS B 18 -20.63 7.42 -0.94
C LYS B 18 -20.25 7.75 -2.41
N GLU B 19 -20.50 6.80 -3.32
CA GLU B 19 -20.26 6.94 -4.77
C GLU B 19 -21.18 7.95 -5.46
N TRP B 20 -22.17 8.49 -4.73
CA TRP B 20 -23.13 9.48 -5.21
C TRP B 20 -22.80 10.80 -4.56
N LEU B 21 -22.51 10.80 -3.24
CA LEU B 21 -22.12 11.99 -2.46
C LEU B 21 -20.92 12.65 -3.15
N GLN B 22 -19.96 11.80 -3.57
CA GLN B 22 -18.78 12.15 -4.31
C GLN B 22 -18.72 11.27 -5.56
N PRO B 23 -19.27 11.76 -6.69
CA PRO B 23 -19.24 10.97 -7.95
C PRO B 23 -17.87 10.50 -8.43
N LYS B 24 -16.78 11.20 -8.02
CA LYS B 24 -15.40 10.84 -8.39
C LYS B 24 -14.96 9.49 -7.80
N ARG B 25 -15.56 9.08 -6.64
CA ARG B 25 -15.32 7.78 -6.00
C ARG B 25 -15.79 6.69 -6.93
N TYR B 26 -16.88 6.94 -7.68
CA TYR B 26 -17.44 5.96 -8.59
C TYR B 26 -16.59 5.83 -9.87
N LYS B 27 -16.07 6.96 -10.38
CA LYS B 27 -15.15 7.01 -11.53
C LYS B 27 -13.90 6.22 -11.18
N ALA B 28 -13.32 6.45 -9.97
CA ALA B 28 -12.15 5.71 -9.54
C ALA B 28 -12.42 4.21 -9.58
N HIS B 29 -13.55 3.80 -8.98
CA HIS B 29 -13.96 2.41 -8.93
C HIS B 29 -14.13 1.84 -10.29
N LEU B 30 -14.78 2.58 -11.22
CA LEU B 30 -14.96 2.15 -12.63
C LEU B 30 -13.60 1.85 -13.29
N MET B 31 -12.56 2.62 -12.92
CA MET B 31 -11.20 2.45 -13.45
C MET B 31 -10.39 1.36 -12.74
N GLY B 32 -11.04 0.63 -11.83
CA GLY B 32 -10.45 -0.50 -11.11
C GLY B 32 -9.49 -0.13 -9.99
N THR B 33 -9.73 1.01 -9.30
CA THR B 33 -8.84 1.39 -8.19
C THR B 33 -9.61 2.05 -7.04
N THR B 34 -8.93 2.16 -5.88
CA THR B 34 -9.45 2.85 -4.71
C THR B 34 -9.40 4.36 -4.99
N TYR B 35 -10.43 5.06 -4.55
CA TYR B 35 -10.49 6.50 -4.71
C TYR B 35 -9.43 7.10 -3.74
N VAL B 36 -8.61 8.07 -4.22
CA VAL B 36 -7.52 8.67 -3.43
C VAL B 36 -7.88 8.94 -1.98
N TYR B 37 -9.00 9.61 -1.74
CA TYR B 37 -9.40 10.02 -0.40
C TYR B 37 -9.79 8.85 0.50
N ASP B 38 -9.91 7.64 -0.07
CA ASP B 38 -10.21 6.41 0.68
C ASP B 38 -8.96 5.61 1.07
N PHE B 39 -7.79 6.01 0.57
CA PHE B 39 -6.54 5.34 0.94
C PHE B 39 -6.19 5.52 2.43
N PRO B 40 -6.36 6.71 3.07
CA PRO B 40 -6.11 6.79 4.53
C PRO B 40 -6.87 5.72 5.35
N GLU B 41 -8.13 5.42 4.95
CA GLU B 41 -8.95 4.40 5.59
C GLU B 41 -8.31 3.01 5.47
N LEU B 42 -7.74 2.67 4.29
CA LEU B 42 -7.04 1.41 4.09
C LEU B 42 -5.82 1.34 5.01
N PHE B 43 -5.16 2.49 5.26
CA PHE B 43 -4.00 2.55 6.15
C PHE B 43 -4.46 2.31 7.58
N ARG B 44 -5.63 2.89 7.98
CA ARG B 44 -6.22 2.69 9.30
C ARG B 44 -6.55 1.19 9.51
N GLN B 45 -7.23 0.56 8.51
CA GLN B 45 -7.57 -0.87 8.53
C GLN B 45 -6.33 -1.75 8.70
N ALA B 46 -5.30 -1.56 7.83
CA ALA B 46 -4.04 -2.31 7.82
C ALA B 46 -3.24 -2.12 9.11
N SER B 47 -3.22 -0.90 9.68
CA SER B 47 -2.57 -0.61 10.96
C SER B 47 -3.27 -1.33 12.11
N SER B 48 -4.62 -1.33 12.12
CA SER B 48 -5.45 -2.02 13.09
C SER B 48 -5.17 -3.53 13.03
N SER B 49 -5.10 -4.12 11.82
CA SER B 49 -4.76 -5.56 11.66
C SER B 49 -3.39 -5.88 12.25
N GLN B 50 -2.42 -4.94 12.10
CA GLN B 50 -1.06 -5.08 12.59
C GLN B 50 -1.09 -5.34 14.09
N TRP B 51 -1.98 -4.62 14.81
CA TRP B 51 -2.17 -4.77 16.25
C TRP B 51 -2.79 -6.12 16.62
N LYS B 52 -3.88 -6.53 15.91
CA LYS B 52 -4.56 -7.82 16.11
C LYS B 52 -3.63 -9.01 15.94
N ASN B 53 -2.77 -8.97 14.91
CA ASN B 53 -1.82 -10.05 14.67
C ASN B 53 -0.65 -10.03 15.66
N PHE B 54 -0.49 -8.94 16.41
CA PHE B 54 0.59 -8.79 17.38
C PHE B 54 0.13 -9.20 18.76
N SER B 55 -1.00 -8.61 19.23
CA SER B 55 -1.61 -8.87 20.52
C SER B 55 -3.09 -8.72 20.33
N ALA B 56 -3.80 -9.85 20.20
CA ALA B 56 -5.25 -9.84 19.95
C ALA B 56 -6.08 -9.10 21.04
N ASP B 57 -5.60 -9.12 22.28
CA ASP B 57 -6.27 -8.53 23.43
C ASP B 57 -6.18 -7.00 23.52
N VAL B 58 -5.26 -6.35 22.78
CA VAL B 58 -5.13 -4.88 22.82
C VAL B 58 -6.39 -4.16 22.35
N LYS B 59 -6.75 -3.08 23.07
CA LYS B 59 -7.93 -2.29 22.78
C LYS B 59 -7.50 -0.99 22.12
N LEU B 60 -7.91 -0.78 20.86
CA LEU B 60 -7.53 0.44 20.15
C LEU B 60 -8.64 1.45 20.14
N THR B 61 -8.29 2.71 20.30
CA THR B 61 -9.23 3.84 20.17
C THR B 61 -8.91 4.44 18.81
N ASP B 62 -9.74 5.36 18.30
CA ASP B 62 -9.48 5.94 16.98
C ASP B 62 -8.32 6.97 17.00
N ASP B 63 -7.84 7.36 18.19
CA ASP B 63 -6.73 8.29 18.34
C ASP B 63 -5.37 7.62 18.03
N PHE B 64 -5.39 6.29 17.82
CA PHE B 64 -4.20 5.51 17.47
C PHE B 64 -3.73 5.85 16.04
N PHE B 65 -4.63 6.42 15.22
CA PHE B 65 -4.38 6.74 13.83
C PHE B 65 -4.98 8.10 13.47
N ILE B 66 -4.14 9.00 12.93
CA ILE B 66 -4.52 10.33 12.45
C ILE B 66 -4.04 10.47 11.01
N SER B 67 -4.90 10.99 10.14
CA SER B 67 -4.53 11.28 8.78
C SER B 67 -4.94 12.72 8.51
N ASN B 68 -3.99 13.56 8.08
CA ASN B 68 -4.26 14.95 7.74
C ASN B 68 -3.87 15.22 6.34
N GLU B 69 -4.77 15.76 5.53
CA GLU B 69 -4.39 16.11 4.17
C GLU B 69 -3.39 17.30 4.17
N LEU B 70 -2.37 17.23 3.32
CA LEU B 70 -1.40 18.30 3.12
C LEU B 70 -1.73 19.01 1.83
N ILE B 71 -1.84 20.32 1.88
CA ILE B 71 -2.08 21.13 0.68
C ILE B 71 -1.13 22.31 0.72
N GLU B 72 -0.82 22.87 -0.45
CA GLU B 72 -0.01 24.07 -0.53
C GLU B 72 -0.87 25.30 -0.18
N ASP B 73 -0.32 26.20 0.62
CA ASP B 73 -0.99 27.44 0.96
C ASP B 73 -0.79 28.52 -0.15
N GLU B 74 -1.08 29.81 0.16
CA GLU B 74 -0.95 30.95 -0.78
C GLU B 74 0.51 31.18 -1.21
N ASN B 75 1.45 31.05 -0.25
CA ASN B 75 2.90 31.20 -0.43
C ASN B 75 3.56 29.91 -0.94
N GLY B 76 2.75 28.89 -1.24
CA GLY B 76 3.22 27.59 -1.72
C GLY B 76 3.81 26.69 -0.66
N GLU B 77 3.54 26.98 0.62
CA GLU B 77 4.02 26.18 1.74
C GLU B 77 3.00 25.12 2.14
N LEU B 78 3.47 23.89 2.43
CA LEU B 78 2.59 22.78 2.82
C LEU B 78 1.97 23.00 4.18
N THR B 79 0.65 22.79 4.25
CA THR B 79 -0.14 22.95 5.47
C THR B 79 -1.15 21.83 5.61
N GLU B 80 -1.50 21.49 6.86
CA GLU B 80 -2.48 20.44 7.14
C GLU B 80 -3.87 21.05 7.04
N VAL B 81 -4.81 20.33 6.39
CA VAL B 81 -6.22 20.76 6.23
C VAL B 81 -7.21 19.62 6.50
N GLU B 82 -8.45 20.02 6.82
CA GLU B 82 -9.58 19.11 6.97
C GLU B 82 -10.64 19.65 6.04
N ARG B 83 -10.81 18.98 4.91
CA ARG B 83 -11.77 19.41 3.91
C ARG B 83 -12.54 18.21 3.33
N GLU B 84 -13.56 18.46 2.53
CA GLU B 84 -14.32 17.36 1.93
C GLU B 84 -13.57 16.72 0.77
N PRO B 85 -13.59 15.37 0.65
CA PRO B 85 -12.90 14.72 -0.48
C PRO B 85 -13.40 15.22 -1.83
N GLY B 86 -12.52 15.27 -2.82
CA GLY B 86 -12.83 15.73 -4.17
C GLY B 86 -12.69 17.21 -4.40
N ALA B 87 -12.23 17.98 -3.37
CA ALA B 87 -12.06 19.44 -3.51
C ALA B 87 -10.66 19.83 -4.06
N ASN B 88 -9.82 18.83 -4.41
CA ASN B 88 -8.47 19.05 -4.92
C ASN B 88 -8.50 19.78 -6.27
N ALA B 89 -7.83 20.94 -6.30
CA ALA B 89 -7.67 21.74 -7.50
C ALA B 89 -6.57 21.13 -8.41
N ILE B 90 -5.68 20.26 -7.87
CA ILE B 90 -4.64 19.56 -8.65
C ILE B 90 -4.87 18.05 -8.58
N GLY B 91 -4.22 17.30 -9.46
CA GLY B 91 -4.37 15.85 -9.54
C GLY B 91 -3.37 15.06 -8.73
N MET B 92 -2.85 15.64 -7.66
CA MET B 92 -1.86 15.01 -6.78
C MET B 92 -2.29 15.36 -5.38
N VAL B 93 -2.36 14.37 -4.52
CA VAL B 93 -2.82 14.61 -3.13
C VAL B 93 -1.85 13.98 -2.17
N ALA B 94 -1.77 14.52 -0.95
CA ALA B 94 -0.87 13.97 0.07
C ALA B 94 -1.50 14.03 1.44
N PHE B 95 -1.04 13.11 2.31
CA PHE B 95 -1.52 12.99 3.67
C PHE B 95 -0.37 12.78 4.54
N LYS B 96 -0.39 13.37 5.74
CA LYS B 96 0.62 13.10 6.78
C LYS B 96 -0.11 12.16 7.74
N ILE B 97 0.44 10.95 7.93
CA ILE B 97 -0.13 9.94 8.80
C ILE B 97 0.66 9.77 10.09
N THR B 98 -0.03 9.73 11.24
CA THR B 98 0.57 9.50 12.55
C THR B 98 -0.12 8.28 13.09
N VAL B 99 0.63 7.19 13.29
CA VAL B 99 0.09 5.92 13.75
C VAL B 99 0.87 5.38 14.93
N LYS B 100 0.14 4.84 15.93
CA LYS B 100 0.72 4.12 17.06
C LYS B 100 0.80 2.69 16.56
N THR B 101 1.99 2.08 16.53
CA THR B 101 2.15 0.71 16.01
C THR B 101 2.83 -0.17 17.08
N PRO B 102 2.82 -1.51 16.98
CA PRO B 102 3.51 -2.32 18.01
C PRO B 102 4.96 -1.91 18.24
N GLU B 103 5.69 -1.48 17.16
CA GLU B 103 7.11 -1.06 17.22
C GLU B 103 7.25 0.36 17.77
N TYR B 104 6.26 1.23 17.50
CA TYR B 104 6.20 2.62 17.94
C TYR B 104 4.87 2.92 18.60
N PRO B 105 4.65 2.36 19.82
CA PRO B 105 3.35 2.53 20.50
C PRO B 105 2.97 3.98 20.80
N ARG B 106 3.97 4.90 20.90
CA ARG B 106 3.69 6.32 21.13
C ARG B 106 3.49 7.08 19.80
N GLY B 107 3.64 6.37 18.66
CA GLY B 107 3.43 6.95 17.34
C GLY B 107 4.63 7.10 16.43
N ARG B 108 4.39 6.92 15.11
CA ARG B 108 5.36 7.09 14.03
C ARG B 108 4.66 7.84 12.91
N GLN B 109 5.40 8.64 12.15
CA GLN B 109 4.80 9.39 11.06
C GLN B 109 5.39 9.01 9.72
N PHE B 110 4.64 9.33 8.65
CA PHE B 110 4.99 9.15 7.26
C PHE B 110 4.08 9.95 6.37
N VAL B 111 4.55 10.23 5.16
CA VAL B 111 3.75 10.96 4.19
C VAL B 111 3.28 10.00 3.09
N VAL B 112 2.07 10.19 2.65
CA VAL B 112 1.52 9.38 1.56
C VAL B 112 1.22 10.35 0.44
N VAL B 113 1.83 10.18 -0.74
CA VAL B 113 1.60 11.02 -1.93
C VAL B 113 0.86 10.13 -2.90
N ALA B 114 -0.15 10.67 -3.57
CA ALA B 114 -0.91 9.87 -4.50
C ALA B 114 -1.48 10.66 -5.65
N ASN B 115 -1.54 10.04 -6.82
CA ASN B 115 -2.19 10.61 -7.98
C ASN B 115 -3.70 10.45 -7.84
N ASP B 116 -4.46 11.45 -8.33
CA ASP B 116 -5.92 11.33 -8.39
C ASP B 116 -6.25 10.91 -9.83
N ILE B 117 -6.51 9.62 -10.06
CA ILE B 117 -6.83 9.08 -11.39
C ILE B 117 -8.09 9.73 -12.00
N THR B 118 -8.96 10.31 -11.15
CA THR B 118 -10.19 10.97 -11.57
C THR B 118 -9.92 12.39 -12.05
N PHE B 119 -8.74 12.95 -11.74
CA PHE B 119 -8.37 14.30 -12.16
C PHE B 119 -7.51 14.23 -13.42
N LYS B 120 -8.08 14.64 -14.57
CA LYS B 120 -7.42 14.66 -15.88
C LYS B 120 -6.61 13.37 -16.11
N ILE B 121 -7.25 12.21 -15.89
CA ILE B 121 -6.76 10.84 -16.03
C ILE B 121 -5.44 10.59 -15.24
N GLY B 122 -5.29 11.33 -14.13
CA GLY B 122 -4.13 11.25 -13.23
C GLY B 122 -2.84 11.55 -13.94
N SER B 123 -2.90 12.47 -14.91
CA SER B 123 -1.76 12.92 -15.71
C SER B 123 -0.89 13.86 -14.86
N PHE B 124 0.40 13.96 -15.20
CA PHE B 124 1.31 14.84 -14.47
C PHE B 124 1.47 16.10 -15.28
N GLY B 125 0.92 17.19 -14.75
CA GLY B 125 1.08 18.53 -15.27
C GLY B 125 2.08 19.21 -14.37
N PRO B 126 2.52 20.45 -14.69
CA PRO B 126 3.52 21.14 -13.85
C PRO B 126 3.16 21.33 -12.37
N GLN B 127 1.87 21.55 -12.08
CA GLN B 127 1.45 21.72 -10.69
C GLN B 127 1.52 20.43 -9.86
N GLU B 128 1.21 19.28 -10.46
CA GLU B 128 1.27 17.97 -9.82
C GLU B 128 2.73 17.67 -9.46
N ASP B 129 3.63 17.92 -10.45
CA ASP B 129 5.08 17.77 -10.38
C ASP B 129 5.64 18.67 -9.27
N GLU B 130 5.29 19.94 -9.27
CA GLU B 130 5.81 20.83 -8.23
C GLU B 130 5.33 20.40 -6.82
N PHE B 131 4.07 19.99 -6.70
CA PHE B 131 3.50 19.51 -5.44
C PHE B 131 4.19 18.20 -4.96
N PHE B 132 4.40 17.25 -5.88
CA PHE B 132 5.03 15.98 -5.58
C PHE B 132 6.42 16.24 -5.02
N ASN B 133 7.17 17.14 -5.68
CA ASN B 133 8.52 17.53 -5.26
C ASN B 133 8.47 18.22 -3.88
N LYS B 134 7.50 19.12 -3.68
CA LYS B 134 7.37 19.79 -2.38
C LYS B 134 7.14 18.80 -1.21
N VAL B 135 6.31 17.78 -1.46
CA VAL B 135 5.97 16.72 -0.51
C VAL B 135 7.19 15.85 -0.22
N THR B 136 7.98 15.52 -1.26
CA THR B 136 9.22 14.74 -1.09
C THR B 136 10.22 15.50 -0.22
N GLU B 137 10.36 16.81 -0.45
CA GLU B 137 11.25 17.66 0.34
C GLU B 137 10.81 17.75 1.82
N TYR B 138 9.49 17.81 2.04
CA TYR B 138 8.84 17.83 3.34
C TYR B 138 9.22 16.58 4.14
N ALA B 139 9.07 15.38 3.54
CA ALA B 139 9.46 14.10 4.16
C ALA B 139 10.95 14.03 4.43
N ARG B 140 11.78 14.47 3.45
CA ARG B 140 13.26 14.42 3.56
C ARG B 140 13.75 15.27 4.68
N LYS B 141 13.22 16.50 4.81
CA LYS B 141 13.58 17.46 5.86
C LYS B 141 13.29 16.84 7.23
N ARG B 142 12.12 16.20 7.36
CA ARG B 142 11.68 15.55 8.59
C ARG B 142 12.30 14.16 8.82
N GLY B 143 12.91 13.57 7.80
CA GLY B 143 13.51 12.24 7.88
C GLY B 143 12.50 11.09 7.90
N ILE B 144 11.23 11.37 7.59
CA ILE B 144 10.15 10.39 7.67
C ILE B 144 9.89 9.67 6.34
N PRO B 145 9.37 8.43 6.37
CA PRO B 145 9.12 7.71 5.09
C PRO B 145 8.16 8.40 4.12
N ARG B 146 8.39 8.19 2.81
CA ARG B 146 7.53 8.71 1.72
C ARG B 146 6.91 7.52 0.97
N ILE B 147 5.59 7.35 1.09
CA ILE B 147 4.84 6.29 0.40
C ILE B 147 4.22 6.94 -0.82
N TYR B 148 4.44 6.38 -2.00
CA TYR B 148 3.82 6.90 -3.22
C TYR B 148 2.79 5.90 -3.80
N LEU B 149 1.58 6.36 -4.07
CA LEU B 149 0.51 5.53 -4.64
C LEU B 149 0.33 5.96 -6.09
N ALA B 150 0.82 5.13 -6.99
CA ALA B 150 0.81 5.43 -8.41
C ALA B 150 -0.45 4.97 -9.12
N ALA B 151 -1.17 5.91 -9.73
CA ALA B 151 -2.38 5.69 -10.52
C ALA B 151 -2.37 6.83 -11.54
N ASN B 152 -1.66 6.65 -12.67
CA ASN B 152 -1.47 7.77 -13.61
C ASN B 152 -1.45 7.42 -15.09
N SER B 153 -1.37 8.47 -15.93
CA SER B 153 -1.27 8.39 -17.39
C SER B 153 0.03 9.05 -17.92
N GLY B 154 0.96 9.35 -17.02
CA GLY B 154 2.21 9.99 -17.36
C GLY B 154 2.07 11.48 -17.54
N ALA B 155 3.01 12.08 -18.26
CA ALA B 155 3.03 13.52 -18.53
C ALA B 155 1.76 13.95 -19.29
N ARG B 156 1.24 15.11 -18.91
CA ARG B 156 0.06 15.70 -19.52
C ARG B 156 0.34 16.11 -20.96
N ILE B 157 -0.56 15.71 -21.91
CA ILE B 157 -0.40 16.08 -23.32
C ILE B 157 -1.53 17.06 -23.70
N GLY B 158 -1.23 17.98 -24.60
CA GLY B 158 -2.19 18.99 -25.04
C GLY B 158 -1.80 19.74 -26.28
N MET B 159 -2.75 20.55 -26.81
CA MET B 159 -2.61 21.42 -27.97
C MET B 159 -3.23 22.75 -27.66
N ALA B 160 -2.82 23.82 -28.37
CA ALA B 160 -3.40 25.16 -28.20
C ALA B 160 -4.79 25.13 -28.83
N GLU B 161 -5.80 24.87 -27.99
CA GLU B 161 -7.18 24.70 -28.41
C GLU B 161 -7.81 25.97 -29.01
N GLU B 162 -7.36 27.16 -28.58
CA GLU B 162 -7.81 28.44 -29.11
C GLU B 162 -7.37 28.70 -30.56
N ILE B 163 -6.23 28.11 -30.99
CA ILE B 163 -5.72 28.27 -32.35
C ILE B 163 -6.42 27.30 -33.34
N VAL B 164 -7.11 26.27 -32.81
CA VAL B 164 -7.82 25.28 -33.62
C VAL B 164 -8.95 25.93 -34.47
N PRO B 165 -9.91 26.73 -33.90
CA PRO B 165 -10.95 27.33 -34.76
C PRO B 165 -10.51 28.58 -35.55
N LEU B 166 -9.24 28.99 -35.48
CA LEU B 166 -8.78 30.20 -36.14
C LEU B 166 -7.78 30.03 -37.30
N PHE B 167 -6.95 28.97 -37.28
CA PHE B 167 -5.91 28.81 -38.30
C PHE B 167 -6.47 28.61 -39.72
N GLN B 168 -5.69 29.04 -40.71
CA GLN B 168 -6.04 28.93 -42.12
C GLN B 168 -4.91 28.20 -42.83
N VAL B 169 -5.26 27.50 -43.91
CA VAL B 169 -4.29 26.79 -44.72
C VAL B 169 -3.99 27.63 -45.99
N ALA B 170 -2.70 27.76 -46.33
CA ALA B 170 -2.21 28.41 -47.55
C ALA B 170 -1.95 27.28 -48.55
N TRP B 171 -3.02 26.92 -49.29
CA TRP B 171 -3.06 25.84 -50.28
C TRP B 171 -2.16 26.09 -51.50
N ASN B 172 -1.73 24.99 -52.15
CA ASN B 172 -0.93 25.04 -53.37
C ASN B 172 -1.85 25.47 -54.50
N ASP B 173 -3.02 24.80 -54.62
CA ASP B 173 -4.09 25.11 -55.56
C ASP B 173 -5.37 25.15 -54.72
N ALA B 174 -5.95 26.35 -54.57
CA ALA B 174 -7.18 26.57 -53.80
C ALA B 174 -8.29 25.60 -54.21
N ALA B 175 -8.41 25.31 -55.52
CA ALA B 175 -9.40 24.41 -56.12
C ALA B 175 -9.18 22.94 -55.73
N ASN B 176 -7.92 22.48 -55.69
CA ASN B 176 -7.55 21.11 -55.32
C ASN B 176 -6.79 21.05 -53.97
N PRO B 177 -7.49 20.79 -52.85
CA PRO B 177 -6.81 20.76 -51.54
C PRO B 177 -5.85 19.58 -51.41
N ASP B 178 -6.21 18.43 -52.03
CA ASP B 178 -5.42 17.20 -52.05
C ASP B 178 -4.05 17.36 -52.74
N LYS B 179 -3.83 18.49 -53.43
CA LYS B 179 -2.55 18.76 -54.10
C LYS B 179 -1.47 19.24 -53.09
N GLY B 180 -1.91 19.68 -51.91
CA GLY B 180 -1.01 20.10 -50.84
C GLY B 180 -1.15 21.54 -50.38
N PHE B 181 -0.29 21.93 -49.41
CA PHE B 181 -0.23 23.27 -48.81
C PHE B 181 1.21 23.70 -48.52
N GLN B 182 1.41 25.01 -48.31
CA GLN B 182 2.72 25.63 -48.07
C GLN B 182 2.98 25.93 -46.60
N TYR B 183 1.97 26.45 -45.90
CA TYR B 183 2.07 26.81 -44.49
C TYR B 183 0.69 26.97 -43.87
N LEU B 184 0.65 27.25 -42.56
CA LEU B 184 -0.58 27.54 -41.84
C LEU B 184 -0.46 29.00 -41.44
N TYR B 185 -1.58 29.72 -41.44
CA TYR B 185 -1.57 31.15 -41.14
C TYR B 185 -2.81 31.61 -40.40
N LEU B 186 -2.79 32.88 -40.03
CA LEU B 186 -3.86 33.56 -39.32
C LEU B 186 -4.26 34.84 -40.08
N THR B 187 -5.58 35.15 -40.12
CA THR B 187 -6.15 36.35 -40.76
C THR B 187 -6.04 37.48 -39.73
N SER B 188 -6.25 38.75 -40.12
CA SER B 188 -6.22 39.87 -39.16
C SER B 188 -7.39 39.75 -38.16
N GLU B 189 -8.46 39.05 -38.58
CA GLU B 189 -9.65 38.77 -37.76
C GLU B 189 -9.26 37.77 -36.65
N GLY B 190 -8.48 36.75 -37.02
CA GLY B 190 -7.95 35.72 -36.11
C GLY B 190 -7.03 36.33 -35.07
N MET B 191 -6.10 37.20 -35.52
CA MET B 191 -5.16 37.94 -34.66
C MET B 191 -5.92 38.81 -33.66
N GLU B 192 -7.03 39.41 -34.13
CA GLU B 192 -7.88 40.28 -33.32
C GLU B 192 -8.64 39.49 -32.27
N THR B 193 -9.09 38.25 -32.61
CA THR B 193 -9.78 37.33 -31.69
C THR B 193 -8.84 37.06 -30.49
N LEU B 194 -7.53 36.79 -30.79
CA LEU B 194 -6.49 36.55 -29.79
C LEU B 194 -6.25 37.82 -28.96
N LYS B 195 -6.12 38.99 -29.62
CA LYS B 195 -5.91 40.29 -28.96
C LYS B 195 -7.08 40.63 -28.00
N LYS B 196 -8.31 40.24 -28.40
CA LYS B 196 -9.54 40.44 -27.64
C LYS B 196 -9.54 39.61 -26.34
N PHE B 197 -9.19 38.30 -26.46
CA PHE B 197 -9.16 37.36 -25.35
C PHE B 197 -7.81 37.31 -24.56
N ASP B 198 -6.91 38.29 -24.85
CA ASP B 198 -5.57 38.52 -24.25
C ASP B 198 -4.52 37.42 -24.58
N LYS B 199 -4.94 36.34 -25.27
CA LYS B 199 -4.12 35.24 -25.73
C LYS B 199 -3.22 35.64 -26.95
N GLU B 200 -2.63 36.85 -26.91
CA GLU B 200 -1.77 37.43 -27.97
C GLU B 200 -0.51 36.59 -28.24
N ASN B 201 0.14 36.14 -27.16
CA ASN B 201 1.36 35.35 -27.13
C ASN B 201 1.13 33.83 -27.36
N SER B 202 -0.10 33.41 -27.75
CA SER B 202 -0.43 32.01 -28.03
C SER B 202 0.26 31.50 -29.30
N VAL B 203 0.65 32.41 -30.19
CA VAL B 203 1.32 32.07 -31.44
C VAL B 203 2.49 33.01 -31.71
N LEU B 204 3.42 32.53 -32.52
CA LEU B 204 4.57 33.27 -32.98
C LEU B 204 4.35 33.40 -34.48
N THR B 205 4.14 34.66 -34.93
CA THR B 205 3.79 34.88 -36.32
C THR B 205 4.74 35.81 -37.03
N GLU B 206 4.76 35.67 -38.34
CA GLU B 206 5.57 36.46 -39.27
C GLU B 206 4.59 36.97 -40.32
N ARG B 207 4.32 38.28 -40.33
CA ARG B 207 3.36 38.86 -41.28
C ARG B 207 3.87 38.86 -42.72
N THR B 208 2.92 38.61 -43.63
CA THR B 208 3.12 38.58 -45.07
C THR B 208 1.86 39.13 -45.76
N VAL B 209 2.02 39.63 -46.99
CA VAL B 209 0.88 40.14 -47.77
C VAL B 209 0.80 39.36 -49.09
N ILE B 210 -0.36 38.74 -49.32
CA ILE B 210 -0.62 37.95 -50.52
C ILE B 210 -1.97 38.40 -51.11
N ASN B 211 -1.85 39.11 -52.28
CA ASN B 211 -2.94 39.71 -53.06
C ASN B 211 -3.75 40.71 -52.21
N GLY B 212 -3.05 41.71 -51.66
CA GLY B 212 -3.61 42.76 -50.81
C GLY B 212 -3.97 42.31 -49.39
N GLU B 213 -4.27 41.00 -49.24
CA GLU B 213 -4.67 40.34 -47.98
C GLU B 213 -3.47 40.06 -47.05
N GLU B 214 -3.66 40.38 -45.75
CA GLU B 214 -2.71 40.16 -44.66
C GLU B 214 -2.85 38.71 -44.14
N ARG B 215 -1.74 37.94 -44.24
CA ARG B 215 -1.62 36.56 -43.74
C ARG B 215 -0.50 36.60 -42.69
N PHE B 216 -0.83 36.20 -41.46
CA PHE B 216 0.13 36.12 -40.35
C PHE B 216 0.53 34.65 -40.27
N VAL B 217 1.66 34.28 -40.92
CA VAL B 217 2.10 32.88 -41.00
C VAL B 217 2.54 32.38 -39.61
N ILE B 218 2.00 31.21 -39.19
CA ILE B 218 2.29 30.58 -37.90
C ILE B 218 3.67 29.94 -37.93
N LYS B 219 4.58 30.54 -37.17
CA LYS B 219 5.97 30.11 -37.06
C LYS B 219 6.16 29.11 -35.89
N THR B 220 5.38 29.27 -34.79
CA THR B 220 5.33 28.40 -33.61
C THR B 220 3.97 28.56 -32.92
N ILE B 221 3.31 27.44 -32.55
CA ILE B 221 2.09 27.48 -31.73
C ILE B 221 2.59 27.24 -30.27
N ILE B 222 2.30 28.19 -29.36
CA ILE B 222 2.68 28.11 -27.96
C ILE B 222 1.52 27.69 -27.04
N GLY B 223 0.37 28.35 -27.14
CA GLY B 223 -0.78 28.04 -26.31
C GLY B 223 -0.87 28.95 -25.11
N SER B 224 -2.07 29.13 -24.57
CA SER B 224 -2.31 30.00 -23.41
C SER B 224 -2.42 29.17 -22.13
N GLU B 225 -2.85 27.91 -22.30
CA GLU B 225 -3.00 26.93 -21.24
C GLU B 225 -1.62 26.28 -20.97
N ASP B 226 -1.26 26.20 -19.68
CA ASP B 226 -0.04 25.57 -19.21
C ASP B 226 -0.27 24.06 -19.05
N GLY B 227 0.72 23.25 -19.40
CA GLY B 227 0.63 21.81 -19.28
C GLY B 227 0.31 21.12 -20.58
N LEU B 228 0.94 21.58 -21.66
CA LEU B 228 0.73 21.05 -23.01
C LEU B 228 1.86 20.11 -23.46
N GLY B 229 3.11 20.49 -23.16
CA GLY B 229 4.26 19.74 -23.62
C GLY B 229 5.47 19.79 -22.72
N VAL B 230 6.57 20.38 -23.23
CA VAL B 230 7.90 20.41 -22.62
C VAL B 230 7.89 20.90 -21.16
N GLU B 231 6.95 21.77 -20.75
CA GLU B 231 6.84 22.19 -19.36
C GLU B 231 6.49 21.00 -18.42
N CYS B 232 5.80 19.97 -18.96
CA CYS B 232 5.43 18.72 -18.25
C CYS B 232 6.65 17.85 -18.09
N LEU B 233 7.48 17.81 -19.14
CA LEU B 233 8.72 17.07 -19.20
C LEU B 233 9.75 17.67 -18.24
N ARG B 234 9.82 19.00 -18.11
CA ARG B 234 10.72 19.65 -17.19
C ARG B 234 10.36 19.19 -15.76
N GLY B 235 9.07 19.21 -15.46
CA GLY B 235 8.51 18.74 -14.19
C GLY B 235 8.76 17.25 -13.91
N SER B 236 8.76 16.42 -14.96
CA SER B 236 9.00 14.99 -14.82
C SER B 236 10.46 14.72 -14.38
N GLY B 237 11.39 15.48 -14.96
CA GLY B 237 12.80 15.43 -14.61
C GLY B 237 13.01 15.90 -13.19
N LEU B 238 12.21 16.90 -12.76
CA LEU B 238 12.31 17.41 -11.40
C LEU B 238 12.00 16.36 -10.38
N ILE B 239 10.86 15.67 -10.55
CA ILE B 239 10.43 14.64 -9.62
C ILE B 239 11.25 13.33 -9.79
N ALA B 240 11.87 13.10 -10.97
CA ALA B 240 12.77 11.94 -11.15
C ALA B 240 14.00 12.12 -10.25
N GLY B 241 14.58 13.32 -10.29
CA GLY B 241 15.76 13.67 -9.53
C GLY B 241 15.49 13.65 -8.05
N ALA B 242 14.33 14.20 -7.67
CA ALA B 242 13.86 14.28 -6.28
C ALA B 242 13.76 12.88 -5.65
N THR B 243 13.19 11.91 -6.41
CA THR B 243 12.98 10.54 -5.97
C THR B 243 14.31 9.81 -5.84
N SER B 244 15.18 9.96 -6.84
CA SER B 244 16.54 9.42 -6.81
C SER B 244 17.25 9.88 -5.49
N ARG B 245 17.14 11.17 -5.16
CA ARG B 245 17.72 11.77 -3.96
C ARG B 245 17.07 11.23 -2.67
N ALA B 246 15.72 11.23 -2.62
CA ALA B 246 14.95 10.69 -1.49
C ALA B 246 15.35 9.24 -1.17
N TYR B 247 15.53 8.39 -2.20
CA TYR B 247 15.92 6.99 -1.98
C TYR B 247 17.18 6.84 -1.11
N HIS B 248 18.12 7.76 -1.20
CA HIS B 248 19.37 7.76 -0.42
C HIS B 248 19.25 8.39 0.95
N ASP B 249 18.10 9.00 1.25
CA ASP B 249 17.83 9.83 2.39
C ASP B 249 16.78 9.32 3.35
N ILE B 250 15.65 8.86 2.82
CA ILE B 250 14.51 8.39 3.61
C ILE B 250 14.01 7.06 3.08
N PHE B 251 13.09 6.41 3.81
CA PHE B 251 12.51 5.16 3.35
C PHE B 251 11.51 5.50 2.25
N THR B 252 11.70 4.92 1.06
CA THR B 252 10.81 5.17 -0.09
C THR B 252 10.15 3.87 -0.55
N ILE B 253 8.83 3.93 -0.74
CA ILE B 253 8.05 2.80 -1.24
C ILE B 253 6.95 3.30 -2.18
N THR B 254 6.59 2.48 -3.17
CA THR B 254 5.52 2.76 -4.14
C THR B 254 4.56 1.58 -4.23
N LEU B 255 3.27 1.89 -4.31
CA LEU B 255 2.22 0.93 -4.56
C LEU B 255 1.63 1.32 -5.90
N VAL B 256 1.73 0.43 -6.91
CA VAL B 256 1.15 0.62 -8.25
C VAL B 256 -0.28 0.05 -8.12
N THR B 257 -1.29 0.92 -7.95
CA THR B 257 -2.73 0.67 -7.66
C THR B 257 -3.66 0.58 -8.86
N CYS B 258 -3.28 1.24 -9.95
CA CYS B 258 -3.96 1.36 -11.23
C CYS B 258 -2.75 1.50 -12.16
N ARG B 259 -2.89 1.60 -13.48
CA ARG B 259 -1.69 1.77 -14.33
C ARG B 259 -0.72 2.88 -13.86
N SER B 260 0.57 2.73 -14.20
CA SER B 260 1.63 3.73 -13.98
C SER B 260 2.39 3.84 -15.29
N VAL B 261 2.30 5.03 -15.94
CA VAL B 261 2.85 5.27 -17.29
C VAL B 261 3.98 6.31 -17.32
N GLY B 262 4.95 6.12 -18.22
CA GLY B 262 6.05 7.06 -18.47
C GLY B 262 6.81 7.53 -17.25
N ILE B 263 6.68 8.81 -16.89
CA ILE B 263 7.30 9.32 -15.65
C ILE B 263 6.85 8.45 -14.45
N GLY B 264 5.57 8.06 -14.44
CA GLY B 264 5.00 7.17 -13.42
C GLY B 264 5.78 5.88 -13.27
N ALA B 265 6.17 5.25 -14.41
CA ALA B 265 6.97 4.02 -14.40
C ALA B 265 8.38 4.27 -13.83
N TYR B 266 8.99 5.43 -14.17
CA TYR B 266 10.32 5.79 -13.68
C TYR B 266 10.32 6.07 -12.21
N LEU B 267 9.24 6.66 -11.68
CA LEU B 267 9.09 6.97 -10.26
C LEU B 267 8.96 5.72 -9.41
N VAL B 268 8.41 4.65 -10.02
CA VAL B 268 8.25 3.34 -9.39
C VAL B 268 9.67 2.82 -9.16
N ARG B 269 10.49 2.86 -10.22
CA ARG B 269 11.86 2.39 -10.19
C ARG B 269 12.82 3.26 -9.34
N LEU B 270 12.72 4.58 -9.44
CA LEU B 270 13.61 5.50 -8.72
C LEU B 270 13.43 5.43 -7.17
N GLY B 271 12.21 5.11 -6.72
CA GLY B 271 11.91 4.87 -5.31
C GLY B 271 12.38 3.49 -4.88
N GLN B 272 12.76 2.63 -5.86
CA GLN B 272 13.26 1.23 -5.78
C GLN B 272 12.23 0.22 -5.25
N ARG B 273 11.84 0.34 -3.94
CA ARG B 273 10.91 -0.56 -3.26
C ARG B 273 9.52 -0.35 -3.86
N ALA B 274 9.00 -1.35 -4.56
CA ALA B 274 7.70 -1.27 -5.23
C ALA B 274 6.84 -2.53 -5.03
N ILE B 275 5.54 -2.32 -4.82
CA ILE B 275 4.53 -3.35 -4.69
C ILE B 275 3.57 -3.14 -5.84
N GLN B 276 3.39 -4.16 -6.66
CA GLN B 276 2.49 -4.07 -7.82
C GLN B 276 1.17 -4.82 -7.58
N VAL B 277 0.04 -4.14 -7.73
CA VAL B 277 -1.25 -4.80 -7.61
C VAL B 277 -1.49 -5.60 -8.90
N GLU B 278 -1.90 -6.88 -8.78
CA GLU B 278 -2.15 -7.76 -9.92
C GLU B 278 -3.11 -7.13 -10.92
N GLY B 279 -2.71 -7.17 -12.19
CA GLY B 279 -3.50 -6.60 -13.29
C GLY B 279 -3.30 -5.11 -13.53
N GLN B 280 -2.41 -4.43 -12.75
CA GLN B 280 -2.14 -2.99 -12.95
C GLN B 280 -0.77 -2.83 -13.60
N PRO B 281 -0.71 -2.39 -14.88
CA PRO B 281 0.61 -2.36 -15.57
C PRO B 281 1.53 -1.16 -15.29
N ILE B 282 2.85 -1.42 -15.36
CA ILE B 282 3.90 -0.43 -15.27
C ILE B 282 4.45 -0.34 -16.72
N ILE B 283 3.98 0.66 -17.49
CA ILE B 283 4.39 0.75 -18.89
C ILE B 283 5.10 2.05 -19.23
N LEU B 284 5.87 2.02 -20.33
CA LEU B 284 6.51 3.21 -20.86
C LEU B 284 5.62 3.77 -21.97
N THR B 285 5.38 3.00 -23.02
CA THR B 285 4.52 3.33 -24.15
C THR B 285 3.49 2.21 -24.20
N GLY B 286 2.23 2.58 -24.40
CA GLY B 286 1.12 1.65 -24.50
C GLY B 286 1.26 0.71 -25.69
N ALA B 287 0.67 -0.50 -25.57
CA ALA B 287 0.71 -1.54 -26.60
C ALA B 287 0.18 -1.07 -27.96
N SER B 288 -0.96 -0.33 -27.98
CA SER B 288 -1.53 0.18 -29.24
C SER B 288 -0.60 1.16 -29.97
N ALA B 289 -0.01 2.12 -29.23
CA ALA B 289 0.94 3.10 -29.79
C ALA B 289 2.15 2.39 -30.36
N LEU B 290 2.56 1.27 -29.73
CA LEU B 290 3.71 0.49 -30.16
C LEU B 290 3.41 -0.21 -31.48
N ASN B 291 2.17 -0.75 -31.61
CA ASN B 291 1.72 -1.43 -32.83
C ASN B 291 1.65 -0.46 -34.01
N LYS B 292 1.24 0.79 -33.76
CA LYS B 292 1.19 1.84 -34.79
C LYS B 292 2.57 2.08 -35.36
N VAL B 293 3.60 2.24 -34.49
CA VAL B 293 4.96 2.51 -34.96
C VAL B 293 5.58 1.26 -35.62
N LEU B 294 5.18 0.06 -35.16
CA LEU B 294 5.68 -1.19 -35.73
C LEU B 294 5.00 -1.62 -37.06
N GLY B 295 3.83 -1.05 -37.36
CA GLY B 295 3.04 -1.37 -38.54
C GLY B 295 2.06 -2.49 -38.24
N ARG B 296 2.60 -3.65 -37.82
CA ARG B 296 1.82 -4.85 -37.47
C ARG B 296 1.15 -4.75 -36.08
N GLU B 297 0.24 -5.71 -35.77
CA GLU B 297 -0.45 -5.80 -34.47
C GLU B 297 0.26 -6.86 -33.62
N VAL B 298 1.45 -6.47 -33.16
CA VAL B 298 2.40 -7.23 -32.35
C VAL B 298 1.90 -7.52 -30.93
N TYR B 299 1.50 -6.48 -30.18
CA TYR B 299 1.10 -6.63 -28.79
C TYR B 299 -0.41 -6.59 -28.58
N THR B 300 -0.90 -7.50 -27.73
CA THR B 300 -2.32 -7.71 -27.41
C THR B 300 -2.87 -6.76 -26.33
N SER B 301 -2.10 -6.51 -25.23
CA SER B 301 -2.52 -5.65 -24.10
C SER B 301 -1.35 -4.93 -23.45
N ASN B 302 -1.62 -3.91 -22.61
CA ASN B 302 -0.60 -3.23 -21.81
C ASN B 302 -0.04 -4.17 -20.76
N LEU B 303 -0.80 -5.20 -20.39
CA LEU B 303 -0.38 -6.17 -19.39
C LEU B 303 0.70 -7.09 -19.89
N GLN B 304 0.79 -7.25 -21.21
CA GLN B 304 1.82 -8.06 -21.86
C GLN B 304 3.15 -7.34 -21.74
N LEU B 305 3.09 -6.03 -21.56
CA LEU B 305 4.26 -5.16 -21.48
C LEU B 305 4.74 -4.87 -20.02
N GLY B 306 3.81 -4.52 -19.12
CA GLY B 306 4.16 -4.17 -17.75
C GLY B 306 3.34 -4.76 -16.62
N GLY B 307 2.78 -5.95 -16.83
CA GLY B 307 2.06 -6.68 -15.80
C GLY B 307 3.04 -7.39 -14.89
N THR B 308 2.55 -7.96 -13.77
CA THR B 308 3.36 -8.65 -12.77
C THR B 308 4.21 -9.77 -13.37
N GLN B 309 3.70 -10.47 -14.40
CA GLN B 309 4.45 -11.54 -15.08
C GLN B 309 5.73 -11.00 -15.81
N ILE B 310 5.83 -9.66 -15.91
CA ILE B 310 6.99 -8.97 -16.44
C ILE B 310 7.79 -8.38 -15.25
N MET B 311 7.16 -7.44 -14.51
CA MET B 311 7.80 -6.65 -13.48
C MET B 311 8.16 -7.40 -12.19
N TYR B 312 7.36 -8.37 -11.81
CA TYR B 312 7.68 -9.19 -10.62
C TYR B 312 8.77 -10.16 -10.96
N ASN B 313 8.81 -10.62 -12.21
CA ASN B 313 9.83 -11.54 -12.71
C ASN B 313 11.20 -10.87 -12.97
N ASN B 314 11.19 -9.55 -13.25
CA ASN B 314 12.28 -8.60 -13.51
C ASN B 314 13.01 -8.20 -12.27
N GLY B 315 12.25 -8.03 -11.17
CA GLY B 315 12.74 -7.50 -9.92
C GLY B 315 12.44 -6.01 -9.82
N VAL B 316 11.61 -5.46 -10.72
CA VAL B 316 11.17 -4.06 -10.68
C VAL B 316 10.15 -3.97 -9.53
N SER B 317 9.24 -4.97 -9.46
CA SER B 317 8.26 -5.12 -8.39
C SER B 317 8.85 -6.08 -7.36
N HIS B 318 8.93 -5.63 -6.11
CA HIS B 318 9.54 -6.43 -5.06
C HIS B 318 8.56 -7.46 -4.58
N LEU B 319 7.27 -7.07 -4.63
CA LEU B 319 6.15 -7.86 -4.20
C LEU B 319 4.95 -7.58 -5.06
N THR B 320 4.00 -8.55 -5.11
CA THR B 320 2.71 -8.35 -5.80
C THR B 320 1.61 -8.34 -4.74
N ALA B 321 0.46 -7.80 -5.06
CA ALA B 321 -0.67 -7.74 -4.15
C ALA B 321 -1.95 -8.07 -4.93
N VAL B 322 -2.86 -8.87 -4.32
CA VAL B 322 -4.13 -9.27 -4.94
C VAL B 322 -5.06 -8.07 -5.12
N ASP B 323 -5.01 -7.10 -4.19
CA ASP B 323 -5.84 -5.89 -4.27
C ASP B 323 -5.15 -4.73 -3.51
N ASP B 324 -5.71 -3.49 -3.55
CA ASP B 324 -5.15 -2.31 -2.88
C ASP B 324 -4.93 -2.48 -1.38
N LEU B 325 -5.89 -3.06 -0.65
CA LEU B 325 -5.68 -3.25 0.78
C LEU B 325 -4.53 -4.21 1.06
N ALA B 326 -4.36 -5.28 0.25
CA ALA B 326 -3.25 -6.23 0.41
C ALA B 326 -1.91 -5.49 0.19
N GLY B 327 -1.92 -4.51 -0.71
CA GLY B 327 -0.77 -3.65 -0.97
C GLY B 327 -0.42 -2.78 0.23
N VAL B 328 -1.42 -2.15 0.78
CA VAL B 328 -1.26 -1.32 1.98
C VAL B 328 -0.77 -2.14 3.16
N GLU B 329 -1.27 -3.39 3.29
CA GLU B 329 -0.89 -4.32 4.36
C GLU B 329 0.58 -4.64 4.25
N LYS B 330 1.06 -4.86 3.00
CA LYS B 330 2.47 -5.10 2.67
C LYS B 330 3.38 -3.90 2.98
N ILE B 331 2.93 -2.66 2.67
CA ILE B 331 3.67 -1.43 2.99
C ILE B 331 3.92 -1.35 4.50
N VAL B 332 2.82 -1.43 5.26
CA VAL B 332 2.75 -1.38 6.71
C VAL B 332 3.64 -2.45 7.35
N GLU B 333 3.66 -3.67 6.79
CA GLU B 333 4.48 -4.77 7.27
C GLU B 333 5.95 -4.48 6.99
N TRP B 334 6.26 -3.94 5.82
CA TRP B 334 7.63 -3.59 5.44
C TRP B 334 8.15 -2.49 6.36
N MET B 335 7.33 -1.48 6.61
CA MET B 335 7.66 -0.36 7.50
C MET B 335 7.95 -0.77 8.94
N SER B 336 7.36 -1.89 9.39
CA SER B 336 7.52 -2.39 10.75
C SER B 336 8.98 -2.74 11.07
N TYR B 337 9.84 -2.86 10.01
CA TYR B 337 11.26 -3.17 10.19
C TYR B 337 12.15 -1.93 10.14
N VAL B 338 11.57 -0.80 9.77
CA VAL B 338 12.25 0.45 9.46
C VAL B 338 12.17 1.47 10.61
N PRO B 339 13.28 2.20 10.92
CA PRO B 339 13.22 3.24 11.95
C PRO B 339 12.13 4.29 11.66
N ALA B 340 11.53 4.87 12.70
CA ALA B 340 10.44 5.86 12.57
C ALA B 340 10.84 7.06 11.76
N LYS B 341 12.14 7.45 11.84
CA LYS B 341 12.73 8.53 11.05
C LYS B 341 14.21 8.31 10.88
N ARG B 342 14.82 8.97 9.91
CA ARG B 342 16.24 8.84 9.60
C ARG B 342 17.13 9.01 10.85
N ASN B 343 18.11 8.10 11.01
CA ASN B 343 19.10 8.05 12.10
C ASN B 343 18.52 7.71 13.47
N MET B 344 17.29 7.27 13.54
CA MET B 344 16.73 6.78 14.79
C MET B 344 17.13 5.29 14.90
N PRO B 345 17.24 4.73 16.13
CA PRO B 345 17.60 3.29 16.22
C PRO B 345 16.56 2.39 15.57
N VAL B 346 17.01 1.21 15.11
CA VAL B 346 16.17 0.21 14.45
C VAL B 346 15.05 -0.24 15.41
N PRO B 347 13.77 -0.37 14.97
CA PRO B 347 12.70 -0.68 15.92
C PRO B 347 12.67 -2.11 16.47
N ILE B 348 13.09 -2.28 17.72
CA ILE B 348 13.09 -3.57 18.41
C ILE B 348 11.64 -4.00 18.66
N LEU B 349 11.30 -5.26 18.38
CA LEU B 349 9.98 -5.83 18.64
C LEU B 349 10.12 -7.29 19.09
N GLU B 350 10.25 -7.47 20.41
CA GLU B 350 10.39 -8.81 20.97
C GLU B 350 9.00 -9.49 20.96
N THR B 351 8.98 -10.78 20.58
CA THR B 351 7.74 -11.58 20.53
C THR B 351 7.88 -12.84 21.41
N LYS B 352 6.94 -13.82 21.33
CA LYS B 352 7.02 -15.03 22.16
C LYS B 352 8.35 -15.79 21.93
N ASP B 353 8.87 -15.77 20.67
CA ASP B 353 10.15 -16.36 20.27
C ASP B 353 11.33 -15.45 20.71
N THR B 354 11.79 -15.64 21.95
CA THR B 354 12.89 -14.88 22.56
C THR B 354 14.26 -15.41 22.10
N TRP B 355 15.32 -14.63 22.39
CA TRP B 355 16.68 -14.97 22.00
C TRP B 355 17.26 -16.27 22.57
N ASP B 356 16.93 -16.61 23.84
CA ASP B 356 17.57 -17.71 24.57
C ASP B 356 16.99 -19.07 24.26
N ARG B 357 17.46 -19.66 23.17
CA ARG B 357 17.06 -20.98 22.68
C ARG B 357 18.06 -21.47 21.64
N PRO B 358 18.22 -22.79 21.43
CA PRO B 358 19.11 -23.23 20.35
C PRO B 358 18.37 -23.21 19.00
N VAL B 359 19.09 -23.52 17.93
CA VAL B 359 18.53 -23.55 16.58
C VAL B 359 18.21 -25.01 16.24
N ASP B 360 16.92 -25.33 16.08
CA ASP B 360 16.45 -26.70 15.81
C ASP B 360 16.79 -27.16 14.40
N PHE B 361 16.21 -26.51 13.36
CA PHE B 361 16.47 -26.95 11.99
C PHE B 361 17.93 -26.91 11.65
N THR B 362 18.50 -28.07 11.29
CA THR B 362 19.91 -28.17 10.91
C THR B 362 20.07 -28.78 9.52
N PRO B 363 20.75 -28.10 8.57
CA PRO B 363 20.93 -28.71 7.24
C PRO B 363 21.93 -29.88 7.25
N THR B 364 21.78 -30.78 6.27
CA THR B 364 22.63 -31.95 6.03
C THR B 364 23.15 -31.92 4.59
N ASN B 365 24.31 -32.56 4.34
CA ASN B 365 24.89 -32.65 3.00
C ASN B 365 24.11 -33.66 2.14
N ASP B 366 23.65 -34.74 2.78
CA ASP B 366 22.89 -35.83 2.17
C ASP B 366 21.40 -35.50 1.95
N GLU B 367 20.95 -34.33 2.42
CA GLU B 367 19.53 -33.97 2.29
C GLU B 367 19.30 -32.56 1.72
N THR B 368 18.42 -32.47 0.73
CA THR B 368 18.09 -31.17 0.14
C THR B 368 17.19 -30.39 1.11
N TYR B 369 17.43 -29.06 1.20
CA TYR B 369 16.66 -28.19 2.10
C TYR B 369 16.32 -26.87 1.43
N ASP B 370 15.34 -26.19 2.02
CA ASP B 370 14.92 -24.84 1.64
C ASP B 370 15.62 -23.95 2.68
N VAL B 371 16.49 -23.01 2.21
CA VAL B 371 17.21 -22.08 3.09
C VAL B 371 16.25 -21.34 4.04
N ARG B 372 14.98 -21.13 3.62
CA ARG B 372 14.00 -20.45 4.44
C ARG B 372 13.80 -21.16 5.78
N TRP B 373 13.99 -22.49 5.83
CA TRP B 373 13.91 -23.29 7.06
C TRP B 373 15.01 -22.88 8.04
N MET B 374 16.22 -22.63 7.53
CA MET B 374 17.34 -22.17 8.36
C MET B 374 17.08 -20.76 8.88
N ILE B 375 16.34 -19.97 8.10
CA ILE B 375 16.03 -18.59 8.43
C ILE B 375 14.90 -18.52 9.46
N GLU B 376 13.72 -19.00 9.09
CA GLU B 376 12.48 -18.87 9.86
C GLU B 376 11.97 -20.16 10.53
N GLY B 377 12.60 -21.27 10.26
CA GLY B 377 12.14 -22.51 10.83
C GLY B 377 11.22 -23.30 9.93
N ARG B 378 10.96 -24.55 10.33
CA ARG B 378 10.21 -25.55 9.60
C ARG B 378 9.06 -26.22 10.39
N GLU B 379 7.92 -26.40 9.75
CA GLU B 379 6.84 -27.18 10.36
C GLU B 379 7.10 -28.68 10.05
N THR B 380 7.09 -29.53 11.09
CA THR B 380 7.25 -30.99 11.01
C THR B 380 6.02 -31.60 11.71
N GLU B 381 5.68 -32.88 11.40
CA GLU B 381 4.57 -33.60 12.04
C GLU B 381 4.79 -33.69 13.57
N SER B 382 6.07 -33.80 14.00
CA SER B 382 6.53 -33.88 15.38
C SER B 382 6.70 -32.51 16.09
N GLY B 383 6.20 -31.44 15.46
CA GLY B 383 6.28 -30.08 15.99
C GLY B 383 7.12 -29.12 15.17
N PHE B 384 7.08 -27.83 15.55
CA PHE B 384 7.81 -26.75 14.88
C PHE B 384 9.30 -26.72 15.21
N GLU B 385 10.12 -26.81 14.15
CA GLU B 385 11.58 -26.75 14.24
C GLU B 385 12.00 -25.27 14.06
N TYR B 386 12.48 -24.62 15.12
CA TYR B 386 12.91 -23.23 15.05
C TYR B 386 14.20 -23.03 14.22
N GLY B 387 14.23 -21.92 13.48
CA GLY B 387 15.38 -21.52 12.68
C GLY B 387 16.20 -20.49 13.43
N LEU B 388 17.12 -19.82 12.72
CA LEU B 388 17.99 -18.84 13.31
C LEU B 388 17.26 -17.56 13.78
N PHE B 389 16.22 -17.14 13.04
CA PHE B 389 15.48 -15.90 13.34
C PHE B 389 14.13 -16.16 13.99
N ASP B 390 13.48 -15.09 14.47
CA ASP B 390 12.20 -15.18 15.18
C ASP B 390 11.14 -15.83 14.33
N LYS B 391 10.32 -16.69 14.95
CA LYS B 391 9.24 -17.41 14.29
C LYS B 391 8.26 -16.38 13.74
N GLY B 392 7.98 -16.48 12.43
CA GLY B 392 7.05 -15.60 11.72
C GLY B 392 7.56 -14.22 11.35
N SER B 393 8.88 -13.95 11.59
CA SER B 393 9.47 -12.64 11.32
C SER B 393 10.05 -12.47 9.92
N PHE B 394 10.16 -13.54 9.14
CA PHE B 394 10.74 -13.41 7.81
C PHE B 394 9.77 -12.84 6.76
N PHE B 395 10.11 -11.64 6.26
CA PHE B 395 9.40 -10.91 5.22
C PHE B 395 10.26 -10.90 3.94
N GLU B 396 10.08 -11.90 3.05
CA GLU B 396 10.82 -12.05 1.80
C GLU B 396 10.36 -11.02 0.79
N THR B 397 11.34 -10.43 0.04
CA THR B 397 11.11 -9.42 -1.00
C THR B 397 11.90 -9.86 -2.22
N LEU B 398 11.55 -9.35 -3.42
CA LEU B 398 12.16 -9.72 -4.73
C LEU B 398 12.03 -11.20 -5.00
N SER B 399 10.93 -11.76 -4.50
CA SER B 399 10.62 -13.19 -4.53
C SER B 399 10.33 -13.75 -5.93
N GLY B 400 9.94 -12.88 -6.87
CA GLY B 400 9.65 -13.32 -8.23
C GLY B 400 10.82 -13.32 -9.18
N TRP B 401 11.96 -12.79 -8.75
CA TRP B 401 13.16 -12.60 -9.55
C TRP B 401 14.39 -13.29 -8.94
N ALA B 402 15.30 -13.77 -9.82
CA ALA B 402 16.58 -14.40 -9.45
C ALA B 402 16.47 -15.22 -8.17
N LYS B 403 15.58 -16.23 -8.21
CA LYS B 403 15.21 -17.08 -7.09
C LYS B 403 16.39 -17.92 -6.47
N GLY B 404 17.61 -17.79 -7.02
CA GLY B 404 18.82 -18.40 -6.50
C GLY B 404 19.34 -17.77 -5.21
N VAL B 405 18.99 -16.48 -4.96
CA VAL B 405 19.32 -15.79 -3.72
C VAL B 405 17.99 -15.45 -3.06
N VAL B 406 17.93 -15.65 -1.75
CA VAL B 406 16.73 -15.38 -0.95
C VAL B 406 17.02 -14.13 -0.14
N VAL B 407 16.17 -13.12 -0.34
CA VAL B 407 16.32 -11.83 0.35
C VAL B 407 15.05 -11.44 1.09
N GLY B 408 15.21 -10.93 2.29
CA GLY B 408 14.08 -10.41 3.07
C GLY B 408 14.52 -9.76 4.35
N ARG B 409 13.55 -9.30 5.14
CA ARG B 409 13.78 -8.73 6.47
C ARG B 409 13.34 -9.80 7.49
N ALA B 410 13.98 -9.81 8.65
CA ALA B 410 13.67 -10.74 9.75
C ALA B 410 13.95 -10.03 11.05
N ARG B 411 13.76 -10.73 12.20
CA ARG B 411 14.08 -10.24 13.53
C ARG B 411 14.91 -11.29 14.28
N LEU B 412 15.85 -10.85 15.10
CA LEU B 412 16.73 -11.72 15.89
C LEU B 412 16.51 -11.27 17.32
N GLY B 413 15.64 -11.97 18.05
CA GLY B 413 15.28 -11.60 19.42
C GLY B 413 14.66 -10.20 19.49
N GLY B 414 13.97 -9.84 18.41
CA GLY B 414 13.31 -8.56 18.27
C GLY B 414 14.03 -7.55 17.40
N ILE B 415 15.37 -7.68 17.24
CA ILE B 415 16.21 -6.78 16.43
C ILE B 415 15.95 -7.00 14.94
N PRO B 416 15.46 -5.96 14.21
CA PRO B 416 15.25 -6.12 12.77
C PRO B 416 16.56 -6.03 11.98
N LEU B 417 16.66 -6.81 10.91
CA LEU B 417 17.84 -6.84 10.08
C LEU B 417 17.45 -7.40 8.72
N GLY B 418 18.29 -7.15 7.72
CA GLY B 418 18.12 -7.70 6.39
C GLY B 418 18.84 -9.03 6.31
N VAL B 419 18.26 -10.00 5.62
CA VAL B 419 18.87 -11.33 5.47
C VAL B 419 19.07 -11.66 3.98
N ILE B 420 20.25 -12.24 3.67
CA ILE B 420 20.58 -12.79 2.36
C ILE B 420 21.02 -14.24 2.57
N GLY B 421 20.30 -15.16 1.93
CA GLY B 421 20.54 -16.58 1.98
C GLY B 421 20.65 -17.15 0.58
N VAL B 422 21.29 -18.30 0.43
CA VAL B 422 21.52 -18.96 -0.86
C VAL B 422 20.57 -20.14 -1.06
N GLU B 423 19.79 -20.11 -2.15
CA GLU B 423 18.92 -21.23 -2.54
C GLU B 423 19.81 -22.34 -3.14
N THR B 424 19.88 -23.48 -2.45
CA THR B 424 20.70 -24.65 -2.84
C THR B 424 20.12 -25.44 -4.03
N ARG B 425 18.80 -25.41 -4.20
CA ARG B 425 18.09 -26.09 -5.30
C ARG B 425 18.31 -25.41 -6.66
N THR B 426 18.30 -26.19 -7.74
CA THR B 426 18.41 -25.64 -9.09
C THR B 426 17.17 -24.75 -9.36
N VAL B 427 17.39 -23.62 -10.03
CA VAL B 427 16.32 -22.68 -10.30
C VAL B 427 16.07 -22.53 -11.80
N GLU B 428 14.81 -22.61 -12.21
CA GLU B 428 14.38 -22.43 -13.59
C GLU B 428 13.67 -21.10 -13.71
N ASN B 429 13.85 -20.44 -14.84
CA ASN B 429 13.15 -19.19 -15.14
C ASN B 429 12.76 -19.23 -16.59
N LEU B 430 11.57 -18.71 -16.88
CA LEU B 430 11.02 -18.72 -18.22
C LEU B 430 11.15 -17.37 -18.91
N ILE B 431 12.01 -17.32 -19.93
CA ILE B 431 12.16 -16.12 -20.72
C ILE B 431 11.02 -16.17 -21.73
N PRO B 432 10.06 -15.21 -21.69
CA PRO B 432 8.96 -15.27 -22.67
C PRO B 432 9.41 -15.00 -24.11
N ALA B 433 8.63 -15.48 -25.07
CA ALA B 433 8.91 -15.27 -26.50
C ALA B 433 8.61 -13.81 -26.88
N ASP B 434 9.53 -13.20 -27.66
CA ASP B 434 9.42 -11.81 -28.14
C ASP B 434 8.28 -11.71 -29.18
N PRO B 435 7.14 -11.04 -28.86
CA PRO B 435 6.04 -10.93 -29.84
C PRO B 435 6.41 -10.28 -31.16
N ALA B 436 7.45 -9.41 -31.16
CA ALA B 436 7.96 -8.69 -32.33
C ALA B 436 8.86 -9.53 -33.26
N ASN B 437 9.30 -10.71 -32.78
CA ASN B 437 10.08 -11.62 -33.61
C ASN B 437 9.29 -12.92 -33.83
N PRO B 438 8.92 -13.22 -35.10
CA PRO B 438 8.15 -14.46 -35.36
C PRO B 438 8.96 -15.74 -35.20
N ASN B 439 10.31 -15.64 -35.23
CA ASN B 439 11.27 -16.74 -35.05
C ASN B 439 11.76 -16.82 -33.59
N SER B 440 10.93 -16.35 -32.63
CA SER B 440 11.25 -16.35 -31.20
C SER B 440 10.24 -17.22 -30.43
N ALA B 441 10.79 -18.20 -29.69
CA ALA B 441 10.05 -19.14 -28.85
C ALA B 441 10.49 -18.95 -27.39
N GLU B 442 9.60 -19.24 -26.42
CA GLU B 442 9.95 -19.09 -25.01
C GLU B 442 11.07 -20.07 -24.61
N THR B 443 12.03 -19.57 -23.81
CA THR B 443 13.22 -20.28 -23.36
C THR B 443 13.15 -20.57 -21.87
N LEU B 444 13.61 -21.77 -21.48
CA LEU B 444 13.68 -22.12 -20.08
C LEU B 444 15.14 -22.23 -19.66
N ILE B 445 15.56 -21.35 -18.75
CA ILE B 445 16.92 -21.32 -18.24
C ILE B 445 16.92 -22.02 -16.90
N GLN B 446 17.84 -22.95 -16.71
CA GLN B 446 18.03 -23.61 -15.43
C GLN B 446 19.41 -23.14 -14.88
N GLN B 447 19.50 -22.78 -13.59
CA GLN B 447 20.74 -22.30 -12.98
C GLN B 447 21.05 -23.13 -11.76
N ALA B 448 22.30 -23.57 -11.66
CA ALA B 448 22.77 -24.37 -10.53
C ALA B 448 22.70 -23.56 -9.20
N GLY B 449 22.45 -24.28 -8.11
CA GLY B 449 22.43 -23.68 -6.78
C GLY B 449 23.85 -23.35 -6.35
N GLN B 450 23.99 -22.46 -5.35
CA GLN B 450 25.27 -22.05 -4.76
C GLN B 450 26.27 -21.41 -5.74
N VAL B 451 25.78 -20.87 -6.86
CA VAL B 451 26.60 -20.19 -7.88
C VAL B 451 25.92 -18.83 -8.17
N TRP B 452 26.70 -17.76 -8.16
CA TRP B 452 26.18 -16.44 -8.49
C TRP B 452 26.13 -16.33 -10.00
N PHE B 453 24.97 -15.94 -10.53
CA PHE B 453 24.76 -15.71 -11.94
C PHE B 453 24.49 -14.21 -12.11
N PRO B 454 24.49 -13.63 -13.34
CA PRO B 454 24.24 -12.19 -13.46
C PRO B 454 23.01 -11.68 -12.67
N ASN B 455 21.88 -12.37 -12.78
CA ASN B 455 20.66 -11.97 -12.08
C ASN B 455 20.77 -12.07 -10.55
N SER B 456 21.31 -13.20 -10.02
CA SER B 456 21.45 -13.38 -8.58
C SER B 456 22.49 -12.44 -7.99
N ALA B 457 23.55 -12.11 -8.74
CA ALA B 457 24.59 -11.15 -8.28
C ALA B 457 23.97 -9.72 -8.22
N PHE B 458 23.12 -9.38 -9.18
CA PHE B 458 22.43 -8.11 -9.24
C PHE B 458 21.45 -8.02 -8.08
N LYS B 459 20.68 -9.11 -7.79
CA LYS B 459 19.71 -9.13 -6.70
C LYS B 459 20.42 -8.96 -5.36
N THR B 460 21.55 -9.64 -5.16
CA THR B 460 22.34 -9.52 -3.94
C THR B 460 22.71 -8.07 -3.73
N ALA B 461 23.29 -7.41 -4.77
CA ALA B 461 23.71 -5.98 -4.71
C ALA B 461 22.49 -5.10 -4.43
N GLN B 462 21.38 -5.37 -5.11
CA GLN B 462 20.17 -4.59 -4.92
C GLN B 462 19.70 -4.66 -3.47
N ALA B 463 19.67 -5.87 -2.91
CA ALA B 463 19.27 -6.13 -1.53
C ALA B 463 20.14 -5.31 -0.56
N ILE B 464 21.45 -5.42 -0.69
CA ILE B 464 22.41 -4.69 0.14
C ILE B 464 22.12 -3.20 0.15
N ASN B 465 21.89 -2.62 -1.04
CA ASN B 465 21.57 -1.20 -1.20
C ASN B 465 20.25 -0.82 -0.54
N ASP B 466 19.20 -1.65 -0.70
CA ASP B 466 17.88 -1.35 -0.11
C ASP B 466 17.85 -1.48 1.41
N PHE B 467 18.71 -2.35 1.99
CA PHE B 467 18.81 -2.44 3.44
C PHE B 467 19.54 -1.21 3.96
N ASN B 468 20.53 -0.72 3.22
CA ASN B 468 21.37 0.39 3.65
C ASN B 468 20.65 1.73 3.57
N ASN B 469 20.11 2.04 2.38
CA ASN B 469 19.43 3.29 2.12
C ASN B 469 18.05 3.29 2.66
N GLY B 470 17.75 4.33 3.44
CA GLY B 470 16.43 4.56 4.03
C GLY B 470 16.05 3.64 5.15
N GLU B 471 16.08 2.31 4.87
CA GLU B 471 15.83 1.26 5.85
C GLU B 471 16.87 1.33 6.98
N GLN B 472 18.14 1.68 6.67
CA GLN B 472 19.26 1.77 7.63
C GLN B 472 19.36 0.59 8.59
N LEU B 473 19.21 -0.63 8.06
CA LEU B 473 19.25 -1.85 8.87
C LEU B 473 20.63 -2.53 8.93
N PRO B 474 20.97 -3.30 10.00
CA PRO B 474 22.16 -4.16 9.91
C PRO B 474 21.77 -5.34 8.99
N MET B 475 22.74 -6.09 8.55
CA MET B 475 22.44 -7.17 7.62
C MET B 475 23.23 -8.41 7.98
N MET B 476 22.65 -9.59 7.68
CA MET B 476 23.31 -10.89 7.80
C MET B 476 23.24 -11.62 6.46
N ILE B 477 24.42 -12.06 6.00
CA ILE B 477 24.56 -12.83 4.77
C ILE B 477 24.97 -14.24 5.20
N LEU B 478 24.12 -15.24 4.88
CA LEU B 478 24.39 -16.65 5.15
C LEU B 478 25.15 -17.12 3.92
N ALA B 479 26.41 -16.69 3.80
CA ALA B 479 27.29 -16.93 2.64
C ALA B 479 27.51 -18.39 2.33
N ASN B 480 27.02 -18.84 1.16
CA ASN B 480 27.11 -20.21 0.71
C ASN B 480 27.22 -20.30 -0.84
N TRP B 481 28.32 -19.78 -1.39
CA TRP B 481 28.54 -19.78 -2.84
C TRP B 481 29.84 -20.45 -3.20
N ARG B 482 29.83 -21.19 -4.32
CA ARG B 482 30.99 -21.88 -4.89
C ARG B 482 31.83 -20.87 -5.67
N GLY B 483 31.17 -19.81 -6.15
CA GLY B 483 31.73 -18.71 -6.92
C GLY B 483 30.73 -18.14 -7.89
N PHE B 484 31.24 -17.62 -9.00
CA PHE B 484 30.44 -17.00 -10.05
C PHE B 484 30.41 -17.94 -11.23
N SER B 485 29.38 -17.88 -12.07
CA SER B 485 29.32 -18.72 -13.26
C SER B 485 30.33 -18.17 -14.26
N GLY B 486 31.41 -18.92 -14.46
CA GLY B 486 32.49 -18.53 -15.36
C GLY B 486 32.28 -18.90 -16.80
N GLY B 487 31.18 -19.61 -17.10
CA GLY B 487 30.82 -20.04 -18.44
C GLY B 487 30.66 -18.91 -19.44
N GLN B 488 30.69 -19.25 -20.74
CA GLN B 488 30.60 -18.26 -21.81
C GLN B 488 29.33 -17.41 -21.79
N ARG B 489 28.14 -18.03 -21.65
CA ARG B 489 26.88 -17.29 -21.62
C ARG B 489 26.85 -16.23 -20.50
N ASP B 490 27.30 -16.63 -19.29
CA ASP B 490 27.28 -15.76 -18.12
C ASP B 490 28.38 -14.71 -18.18
N MET B 491 29.54 -15.02 -18.81
CA MET B 491 30.62 -14.06 -19.03
C MET B 491 30.14 -13.03 -20.04
N PHE B 492 29.46 -13.48 -21.10
CA PHE B 492 28.91 -12.59 -22.11
C PHE B 492 27.81 -11.75 -21.51
N ASN B 493 27.02 -12.29 -20.57
CA ASN B 493 25.94 -11.57 -19.91
C ASN B 493 26.42 -10.69 -18.77
N GLU B 494 27.73 -10.40 -18.74
CA GLU B 494 28.39 -9.44 -17.86
C GLU B 494 28.39 -9.81 -16.37
N VAL B 495 28.55 -11.10 -16.02
CA VAL B 495 28.59 -11.53 -14.62
C VAL B 495 29.58 -10.68 -13.79
N LEU B 496 30.74 -10.25 -14.38
CA LEU B 496 31.75 -9.41 -13.70
C LEU B 496 31.19 -8.08 -13.27
N LYS B 497 30.36 -7.45 -14.12
CA LYS B 497 29.75 -6.16 -13.82
C LYS B 497 28.90 -6.25 -12.57
N TYR B 498 28.00 -7.26 -12.50
CA TYR B 498 27.06 -7.45 -11.39
C TYR B 498 27.76 -7.89 -10.12
N GLY B 499 28.84 -8.66 -10.26
CA GLY B 499 29.65 -9.08 -9.12
C GLY B 499 30.32 -7.88 -8.48
N SER B 500 30.77 -6.94 -9.31
CA SER B 500 31.41 -5.70 -8.89
C SER B 500 30.46 -4.79 -8.11
N PHE B 501 29.15 -4.79 -8.47
CA PHE B 501 28.12 -3.99 -7.78
C PHE B 501 28.00 -4.43 -6.32
N ILE B 502 28.25 -5.72 -6.02
CA ILE B 502 28.19 -6.28 -4.66
C ILE B 502 29.27 -5.58 -3.82
N VAL B 503 30.49 -5.49 -4.34
CA VAL B 503 31.61 -4.82 -3.68
C VAL B 503 31.25 -3.36 -3.43
N ASP B 504 30.72 -2.67 -4.43
CA ASP B 504 30.37 -1.25 -4.33
C ASP B 504 29.32 -1.04 -3.25
N ALA B 505 28.35 -1.93 -3.21
CA ALA B 505 27.23 -1.96 -2.25
C ALA B 505 27.72 -2.09 -0.80
N LEU B 506 28.71 -3.00 -0.53
CA LEU B 506 29.34 -3.30 0.77
C LEU B 506 30.19 -2.14 1.23
N VAL B 507 30.98 -1.55 0.31
CA VAL B 507 31.80 -0.36 0.61
C VAL B 507 30.93 0.79 1.14
N ASP B 508 29.71 0.93 0.63
CA ASP B 508 28.79 1.99 1.03
C ASP B 508 28.00 1.70 2.32
N TYR B 509 28.02 0.45 2.80
CA TYR B 509 27.23 0.01 3.96
C TYR B 509 27.55 0.79 5.24
N LYS B 510 26.52 1.34 5.91
CA LYS B 510 26.75 2.18 7.11
C LYS B 510 26.33 1.51 8.45
N GLN B 511 25.78 0.29 8.38
CA GLN B 511 25.33 -0.42 9.59
C GLN B 511 26.09 -1.74 9.74
N PRO B 512 26.04 -2.41 10.93
CA PRO B 512 26.76 -3.69 11.09
C PRO B 512 26.40 -4.76 10.07
N ILE B 513 27.41 -5.52 9.64
CA ILE B 513 27.27 -6.67 8.74
C ILE B 513 27.88 -7.89 9.39
N ILE B 514 27.16 -9.00 9.32
CA ILE B 514 27.63 -10.28 9.77
C ILE B 514 27.59 -11.19 8.55
N ILE B 515 28.77 -11.72 8.19
CA ILE B 515 28.94 -12.73 7.15
C ILE B 515 29.12 -14.03 7.94
N TYR B 516 28.25 -15.00 7.69
CA TYR B 516 28.29 -16.27 8.36
C TYR B 516 28.23 -17.43 7.39
N ILE B 517 29.31 -18.21 7.28
CA ILE B 517 29.31 -19.41 6.43
C ILE B 517 28.55 -20.48 7.25
N PRO B 518 27.32 -20.86 6.86
CA PRO B 518 26.54 -21.79 7.69
C PRO B 518 26.98 -23.29 7.62
N PRO B 519 26.42 -24.19 8.48
CA PRO B 519 26.77 -25.62 8.35
C PRO B 519 26.36 -26.12 6.97
N THR B 520 27.21 -26.97 6.32
CA THR B 520 27.07 -27.50 4.95
C THR B 520 27.43 -26.42 3.91
N GLY B 521 27.73 -25.22 4.39
CA GLY B 521 28.03 -24.07 3.56
C GLY B 521 29.47 -24.00 3.13
N GLU B 522 29.70 -23.28 2.04
CA GLU B 522 31.04 -23.06 1.51
C GLU B 522 31.23 -21.63 0.96
N LEU B 523 32.48 -21.27 0.76
CA LEU B 523 32.86 -19.99 0.21
C LEU B 523 34.21 -20.24 -0.46
N ARG B 524 34.24 -20.16 -1.79
CA ARG B 524 35.45 -20.42 -2.58
C ARG B 524 36.04 -19.14 -3.16
N GLY B 525 37.15 -19.28 -3.87
CA GLY B 525 37.87 -18.21 -4.56
C GLY B 525 37.09 -16.95 -4.87
N GLY B 526 36.31 -16.99 -5.95
CA GLY B 526 35.49 -15.88 -6.43
C GLY B 526 34.41 -15.39 -5.51
N SER B 527 33.76 -16.28 -4.78
CA SER B 527 32.68 -15.86 -3.88
C SER B 527 33.19 -15.18 -2.63
N TRP B 528 34.33 -15.65 -2.09
CA TRP B 528 34.90 -15.06 -0.88
C TRP B 528 35.32 -13.59 -1.14
N VAL B 529 35.98 -13.31 -2.27
CA VAL B 529 36.48 -11.99 -2.60
C VAL B 529 35.43 -10.89 -2.50
N VAL B 530 34.16 -11.15 -2.83
CA VAL B 530 33.19 -10.06 -2.84
C VAL B 530 32.44 -9.90 -1.52
N VAL B 531 32.67 -10.77 -0.51
CA VAL B 531 32.06 -10.63 0.83
C VAL B 531 33.09 -10.55 1.96
N ASP B 532 34.40 -10.48 1.66
CA ASP B 532 35.42 -10.48 2.72
C ASP B 532 35.27 -9.23 3.61
N PRO B 533 35.32 -9.37 4.97
CA PRO B 533 35.19 -8.18 5.83
C PRO B 533 36.19 -7.06 5.62
N THR B 534 37.30 -7.26 4.86
CA THR B 534 38.28 -6.17 4.63
C THR B 534 37.78 -5.16 3.57
N ILE B 535 36.68 -5.52 2.86
CA ILE B 535 35.99 -4.63 1.92
C ILE B 535 35.46 -3.42 2.72
N ASN B 536 35.00 -3.67 3.95
CA ASN B 536 34.48 -2.63 4.84
C ASN B 536 34.75 -3.06 6.30
N ALA B 537 35.99 -2.90 6.73
CA ALA B 537 36.44 -3.26 8.08
C ALA B 537 35.66 -2.56 9.18
N ASP B 538 35.19 -1.32 8.95
CA ASP B 538 34.41 -0.55 9.92
C ASP B 538 33.07 -1.23 10.27
N GLN B 539 32.49 -1.98 9.34
CA GLN B 539 31.16 -2.57 9.53
C GLN B 539 31.08 -4.09 9.45
N MET B 540 32.00 -4.72 8.72
CA MET B 540 31.93 -6.15 8.48
C MET B 540 32.70 -6.99 9.45
N GLU B 541 32.19 -8.20 9.68
CA GLU B 541 32.84 -9.26 10.43
C GLU B 541 32.36 -10.61 9.94
N MET B 542 33.29 -11.56 9.80
CA MET B 542 32.99 -12.90 9.31
C MET B 542 33.11 -13.98 10.37
N TYR B 543 32.22 -14.98 10.26
CA TYR B 543 32.11 -16.15 11.12
C TYR B 543 31.92 -17.39 10.27
N ALA B 544 32.56 -18.47 10.67
CA ALA B 544 32.37 -19.73 9.94
C ALA B 544 31.85 -20.78 10.90
N ASP B 545 30.87 -21.55 10.45
CA ASP B 545 30.40 -22.67 11.25
C ASP B 545 31.54 -23.70 11.26
N VAL B 546 31.54 -24.49 12.31
CA VAL B 546 32.46 -25.57 12.53
C VAL B 546 32.33 -26.63 11.39
N ASN B 547 31.14 -26.71 10.74
CA ASN B 547 30.84 -27.62 9.63
C ASN B 547 30.75 -26.92 8.26
N ALA B 548 31.53 -25.85 8.10
CA ALA B 548 31.61 -25.10 6.85
C ALA B 548 32.97 -25.31 6.19
N ARG B 549 33.06 -24.97 4.91
CA ARG B 549 34.31 -25.11 4.20
C ARG B 549 34.66 -23.83 3.46
N ALA B 550 35.96 -23.58 3.28
CA ALA B 550 36.48 -22.45 2.53
C ALA B 550 37.93 -22.66 2.11
N GLY B 551 38.21 -22.29 0.87
CA GLY B 551 39.53 -22.36 0.23
C GLY B 551 39.45 -21.74 -1.15
N VAL B 552 40.61 -21.44 -1.77
CA VAL B 552 40.68 -20.89 -3.13
C VAL B 552 39.89 -21.78 -4.13
N LEU B 553 40.22 -23.07 -4.21
CA LEU B 553 39.45 -23.97 -5.08
C LEU B 553 38.71 -25.00 -4.24
N GLU B 554 37.86 -25.79 -4.90
CA GLU B 554 37.18 -26.93 -4.29
C GLU B 554 38.26 -28.03 -4.17
N PRO B 555 38.13 -29.03 -3.23
CA PRO B 555 39.22 -30.04 -3.08
C PRO B 555 39.74 -30.68 -4.37
N GLU B 556 38.81 -31.00 -5.31
CA GLU B 556 39.06 -31.59 -6.63
C GLU B 556 40.00 -30.71 -7.43
N GLY B 557 39.80 -29.39 -7.33
CA GLY B 557 40.64 -28.40 -7.98
C GLY B 557 42.02 -28.33 -7.39
N THR B 558 42.10 -28.30 -6.05
CA THR B 558 43.35 -28.25 -5.25
C THR B 558 44.25 -29.48 -5.56
N VAL B 559 43.64 -30.70 -5.60
CA VAL B 559 44.36 -31.94 -5.92
C VAL B 559 44.89 -31.87 -7.35
N GLU B 560 44.04 -31.39 -8.31
CA GLU B 560 44.41 -31.24 -9.71
C GLU B 560 45.66 -30.34 -9.90
N ILE B 561 45.83 -29.31 -9.08
CA ILE B 561 46.98 -28.42 -9.24
C ILE B 561 48.17 -28.81 -8.34
N LYS B 562 47.91 -29.29 -7.10
CA LYS B 562 48.98 -29.54 -6.12
C LYS B 562 49.22 -31.01 -5.68
N PHE B 563 48.29 -31.95 -5.93
CA PHE B 563 48.50 -33.36 -5.56
C PHE B 563 48.39 -34.26 -6.81
N ARG B 564 49.35 -34.06 -7.73
CA ARG B 564 49.47 -34.74 -9.03
C ARG B 564 49.98 -36.20 -8.92
N ARG B 565 50.16 -36.89 -10.09
CA ARG B 565 50.61 -38.29 -10.20
C ARG B 565 51.89 -38.59 -9.42
N GLU B 566 52.99 -37.83 -9.67
CA GLU B 566 54.28 -38.00 -8.99
C GLU B 566 54.14 -38.01 -7.46
N LYS B 567 53.34 -37.06 -6.91
CA LYS B 567 53.09 -36.92 -5.48
C LYS B 567 52.26 -38.09 -4.95
N LEU B 568 51.26 -38.53 -5.76
CA LEU B 568 50.35 -39.62 -5.45
C LEU B 568 51.07 -40.98 -5.42
N LEU B 569 52.14 -41.12 -6.22
CA LEU B 569 52.97 -42.31 -6.31
C LEU B 569 54.01 -42.35 -5.20
N ASP B 570 54.56 -41.19 -4.81
CA ASP B 570 55.50 -41.09 -3.68
C ASP B 570 54.75 -41.45 -2.39
N THR B 571 53.43 -41.24 -2.39
CA THR B 571 52.52 -41.54 -1.29
C THR B 571 52.22 -43.05 -1.28
N MET B 572 52.11 -43.66 -2.48
CA MET B 572 51.89 -45.10 -2.64
C MET B 572 53.15 -45.88 -2.19
N ASN B 573 54.33 -45.41 -2.67
CA ASN B 573 55.67 -45.94 -2.41
C ASN B 573 56.15 -45.62 -0.97
N ARG B 574 55.19 -45.47 -0.03
CA ARG B 574 55.48 -45.15 1.36
C ARG B 574 54.47 -45.79 2.28
N LEU B 575 53.19 -45.85 1.85
CA LEU B 575 52.09 -46.36 2.66
C LEU B 575 51.56 -47.73 2.24
N ASP B 576 51.92 -48.20 1.04
CA ASP B 576 51.53 -49.53 0.57
C ASP B 576 52.77 -50.43 0.50
N ASP B 577 52.81 -51.51 1.32
CA ASP B 577 53.93 -52.47 1.38
C ASP B 577 54.22 -53.09 0.00
N LYS B 578 53.16 -53.61 -0.67
CA LYS B 578 53.22 -54.21 -2.01
C LYS B 578 53.87 -53.28 -3.04
N TYR B 579 53.41 -52.01 -3.12
CA TYR B 579 53.95 -51.00 -4.06
C TYR B 579 55.40 -50.62 -3.75
N ARG B 580 55.76 -50.53 -2.45
CA ARG B 580 57.10 -50.15 -1.99
C ARG B 580 58.19 -51.09 -2.53
N GLU B 581 58.08 -52.43 -2.27
CA GLU B 581 59.01 -53.45 -2.76
C GLU B 581 59.14 -53.38 -4.30
N LEU B 582 57.99 -53.33 -5.00
CA LEU B 582 57.89 -53.21 -6.46
C LEU B 582 58.37 -51.82 -6.93
N LEU B 603 54.42 -53.19 -11.01
CA LEU B 603 54.36 -51.86 -10.42
C LEU B 603 53.05 -51.15 -10.85
N ALA B 604 52.92 -50.89 -12.18
CA ALA B 604 51.75 -50.29 -12.83
C ALA B 604 50.48 -51.15 -12.69
N ASP B 605 50.64 -52.42 -12.25
CA ASP B 605 49.58 -53.40 -12.00
C ASP B 605 48.82 -53.04 -10.69
N ARG B 606 49.59 -52.66 -9.62
CA ARG B 606 49.13 -52.24 -8.29
C ARG B 606 48.69 -50.76 -8.36
N GLU B 607 49.49 -49.91 -9.04
CA GLU B 607 49.24 -48.49 -9.29
C GLU B 607 47.80 -48.31 -9.86
N ARG B 608 47.38 -49.21 -10.78
CA ARG B 608 46.06 -49.26 -11.43
C ARG B 608 44.93 -49.65 -10.46
N GLU B 609 45.26 -50.37 -9.37
CA GLU B 609 44.30 -50.82 -8.35
C GLU B 609 44.17 -49.79 -7.21
N LEU B 610 45.29 -49.11 -6.88
CA LEU B 610 45.37 -48.11 -5.81
C LEU B 610 44.94 -46.68 -6.20
N LEU B 611 44.93 -46.35 -7.52
CA LEU B 611 44.59 -45.03 -8.04
C LEU B 611 43.23 -44.46 -7.58
N PRO B 612 42.11 -45.24 -7.47
CA PRO B 612 40.86 -44.64 -7.00
C PRO B 612 40.95 -44.15 -5.55
N ILE B 613 41.32 -45.05 -4.61
CA ILE B 613 41.39 -44.74 -3.18
C ILE B 613 42.47 -43.68 -2.85
N TYR B 614 43.59 -43.64 -3.60
CA TYR B 614 44.63 -42.65 -3.36
C TYR B 614 44.24 -41.26 -3.91
N GLY B 615 43.21 -41.22 -4.75
CA GLY B 615 42.58 -40.01 -5.25
C GLY B 615 41.76 -39.41 -4.13
N GLN B 616 40.99 -40.28 -3.41
CA GLN B 616 40.16 -39.97 -2.25
C GLN B 616 40.97 -39.51 -1.01
N ILE B 617 42.17 -40.10 -0.83
CA ILE B 617 43.08 -39.80 0.27
C ILE B 617 43.62 -38.37 0.08
N SER B 618 43.95 -38.01 -1.20
CA SER B 618 44.49 -36.69 -1.57
C SER B 618 43.38 -35.66 -1.46
N LEU B 619 42.13 -36.08 -1.77
CA LEU B 619 40.92 -35.26 -1.63
C LEU B 619 40.67 -34.91 -0.17
N GLN B 620 40.83 -35.88 0.73
CA GLN B 620 40.67 -35.68 2.16
C GLN B 620 41.81 -34.83 2.72
N PHE B 621 43.01 -34.96 2.14
CA PHE B 621 44.17 -34.19 2.57
C PHE B 621 43.90 -32.68 2.26
N ALA B 622 43.37 -32.39 1.03
CA ALA B 622 43.02 -31.06 0.55
C ALA B 622 41.88 -30.49 1.43
N ASP B 623 40.80 -31.28 1.65
CA ASP B 623 39.65 -30.89 2.48
C ASP B 623 40.03 -30.55 3.93
N LEU B 624 41.14 -31.12 4.47
CA LEU B 624 41.54 -30.86 5.84
C LEU B 624 42.15 -29.47 6.04
N HIS B 625 42.39 -28.76 4.93
CA HIS B 625 42.92 -27.39 4.92
C HIS B 625 41.75 -26.39 4.93
N ASP B 626 40.59 -26.81 4.37
CA ASP B 626 39.37 -26.05 4.16
C ASP B 626 38.48 -25.86 5.41
N ARG B 627 39.06 -25.96 6.60
CA ARG B 627 38.29 -25.91 7.83
C ARG B 627 38.28 -24.58 8.54
N SER B 628 37.22 -24.34 9.34
CA SER B 628 37.09 -23.14 10.17
C SER B 628 38.27 -22.94 11.15
N SER B 629 38.92 -24.03 11.60
CA SER B 629 40.07 -24.01 12.50
C SER B 629 41.27 -23.32 11.86
N ARG B 630 41.45 -23.51 10.54
CA ARG B 630 42.50 -22.87 9.73
C ARG B 630 42.16 -21.38 9.61
N MET B 631 40.86 -21.09 9.36
CA MET B 631 40.35 -19.73 9.22
C MET B 631 40.64 -18.92 10.49
N VAL B 632 40.42 -19.53 11.66
CA VAL B 632 40.73 -18.94 12.98
C VAL B 632 42.24 -18.74 13.13
N ALA B 633 43.03 -19.80 12.82
CA ALA B 633 44.49 -19.79 12.90
C ALA B 633 45.09 -18.65 12.09
N LYS B 634 44.64 -18.50 10.85
CA LYS B 634 45.09 -17.46 9.94
C LYS B 634 44.44 -16.06 10.21
N GLY B 635 43.45 -16.00 11.10
CA GLY B 635 42.80 -14.75 11.50
C GLY B 635 41.93 -14.08 10.45
N VAL B 636 41.33 -14.89 9.55
CA VAL B 636 40.46 -14.40 8.49
C VAL B 636 38.97 -14.35 8.91
N ILE B 637 38.64 -14.97 10.04
CA ILE B 637 37.29 -14.96 10.63
C ILE B 637 37.43 -14.50 12.10
N SER B 638 36.33 -13.99 12.66
CA SER B 638 36.30 -13.49 14.02
C SER B 638 36.20 -14.63 15.03
N LYS B 639 35.47 -15.71 14.67
CA LYS B 639 35.22 -16.87 15.51
C LYS B 639 34.65 -18.02 14.68
N GLU B 640 34.88 -19.27 15.12
CA GLU B 640 34.20 -20.41 14.53
C GLU B 640 32.99 -20.66 15.41
N LEU B 641 31.85 -21.04 14.83
CA LEU B 641 30.64 -21.16 15.64
C LEU B 641 29.95 -22.49 15.47
N GLU B 642 29.03 -22.78 16.39
CA GLU B 642 28.20 -23.97 16.36
C GLU B 642 26.81 -23.46 16.02
N TRP B 643 26.27 -23.92 14.89
CA TRP B 643 24.96 -23.58 14.37
C TRP B 643 23.88 -23.50 15.42
N THR B 644 23.83 -24.49 16.31
CA THR B 644 22.86 -24.65 17.38
C THR B 644 22.88 -23.45 18.32
N GLU B 645 24.07 -22.90 18.51
CA GLU B 645 24.33 -21.80 19.43
C GLU B 645 24.44 -20.42 18.77
N ALA B 646 24.23 -20.35 17.41
CA ALA B 646 24.34 -19.14 16.60
C ALA B 646 23.34 -18.03 16.95
N ARG B 647 22.08 -18.39 17.20
CA ARG B 647 21.05 -17.41 17.56
C ARG B 647 21.43 -16.66 18.85
N ARG B 648 21.91 -17.40 19.87
CA ARG B 648 22.33 -16.84 21.15
C ARG B 648 23.51 -15.94 20.96
N PHE B 649 24.49 -16.38 20.16
CA PHE B 649 25.69 -15.60 19.88
C PHE B 649 25.41 -14.33 19.10
N PHE B 650 24.71 -14.44 17.95
CA PHE B 650 24.40 -13.30 17.09
C PHE B 650 23.47 -12.32 17.71
N PHE B 651 22.56 -12.77 18.59
CA PHE B 651 21.69 -11.81 19.27
C PHE B 651 22.53 -10.82 20.09
N TRP B 652 23.48 -11.31 20.90
CA TRP B 652 24.26 -10.40 21.72
C TRP B 652 25.30 -9.67 20.96
N ARG B 653 25.88 -10.32 19.92
CA ARG B 653 26.89 -9.67 19.08
C ARG B 653 26.22 -8.49 18.37
N LEU B 654 25.03 -8.71 17.78
CA LEU B 654 24.30 -7.65 17.11
C LEU B 654 23.88 -6.54 18.06
N ARG B 655 23.31 -6.89 19.23
CA ARG B 655 22.87 -5.94 20.25
C ARG B 655 24.03 -5.06 20.69
N ARG B 656 25.18 -5.66 20.98
CA ARG B 656 26.39 -4.94 21.39
C ARG B 656 26.93 -4.03 20.26
N ARG B 657 26.87 -4.55 19.00
CA ARG B 657 27.37 -3.84 17.83
C ARG B 657 26.51 -2.62 17.53
N LEU B 658 25.18 -2.76 17.64
CA LEU B 658 24.29 -1.62 17.46
C LEU B 658 24.49 -0.58 18.55
N ASN B 659 24.70 -1.01 19.81
CA ASN B 659 24.91 -0.12 20.93
C ASN B 659 26.17 0.67 20.78
N GLU B 660 27.25 0.02 20.32
CA GLU B 660 28.52 0.73 20.12
C GLU B 660 28.45 1.71 18.94
N GLU B 661 27.65 1.38 17.92
CA GLU B 661 27.42 2.23 16.76
C GLU B 661 26.64 3.46 17.13
N TYR B 662 25.58 3.31 17.96
CA TYR B 662 24.78 4.42 18.47
C TYR B 662 25.71 5.40 19.22
N LEU B 663 26.61 4.88 20.07
CA LEU B 663 27.52 5.72 20.84
C LEU B 663 28.56 6.40 19.97
N ILE B 664 29.05 5.74 18.90
CA ILE B 664 30.00 6.33 17.95
C ILE B 664 29.32 7.53 17.26
N LYS B 665 28.03 7.36 16.85
CA LYS B 665 27.27 8.43 16.19
C LYS B 665 27.05 9.63 17.11
N ARG B 666 26.69 9.34 18.36
CA ARG B 666 26.47 10.33 19.42
C ARG B 666 27.76 11.10 19.70
N LEU B 667 28.90 10.44 19.59
CA LEU B 667 30.21 11.04 19.81
C LEU B 667 30.61 11.91 18.61
N SER B 668 30.28 11.49 17.37
CA SER B 668 30.61 12.18 16.13
C SER B 668 30.14 13.64 16.10
N HIS B 669 28.88 13.87 16.55
CA HIS B 669 28.25 15.20 16.63
C HIS B 669 28.91 16.14 17.64
N GLN B 670 29.44 15.58 18.75
CA GLN B 670 30.07 16.35 19.82
C GLN B 670 31.63 16.52 19.68
N VAL B 671 32.29 15.74 18.78
CA VAL B 671 33.74 15.81 18.54
C VAL B 671 33.97 15.73 17.01
N ALA B 674 37.61 13.05 14.40
CA ALA B 674 38.50 11.93 14.71
C ALA B 674 38.14 10.68 13.91
N SER B 675 39.08 9.72 13.80
CA SER B 675 38.84 8.48 13.09
C SER B 675 37.90 7.58 13.89
N ARG B 676 37.42 6.48 13.26
CA ARG B 676 36.54 5.51 13.94
C ARG B 676 37.34 4.87 15.08
N LEU B 677 38.60 4.50 14.82
CA LEU B 677 39.51 3.86 15.77
C LEU B 677 39.68 4.68 17.06
N GLU B 678 39.77 6.00 16.94
CA GLU B 678 39.91 6.90 18.08
C GLU B 678 38.58 6.99 18.84
N LYS B 679 37.46 7.05 18.09
CA LYS B 679 36.12 7.14 18.66
C LYS B 679 35.73 5.89 19.50
N ILE B 680 35.98 4.63 18.98
CA ILE B 680 35.67 3.40 19.73
C ILE B 680 36.55 3.26 20.95
N ALA B 681 37.82 3.71 20.84
CA ALA B 681 38.80 3.68 21.92
C ALA B 681 38.31 4.56 23.07
N ARG B 682 37.81 5.80 22.76
CA ARG B 682 37.26 6.73 23.75
C ARG B 682 36.01 6.15 24.41
N ILE B 683 35.10 5.53 23.65
CA ILE B 683 33.88 4.92 24.20
C ILE B 683 34.23 3.74 25.13
N ARG B 684 35.14 2.85 24.69
CA ARG B 684 35.55 1.69 25.48
C ARG B 684 36.40 2.06 26.72
N SER B 685 36.93 3.29 26.74
CA SER B 685 37.69 3.76 27.89
C SER B 685 36.70 4.13 29.00
N TRP B 686 35.41 4.29 28.66
CA TRP B 686 34.35 4.64 29.61
C TRP B 686 33.80 3.43 30.34
N TYR B 687 34.04 2.22 29.80
CA TYR B 687 33.56 0.98 30.37
C TYR B 687 34.30 0.72 31.68
N PRO B 688 33.62 0.22 32.75
CA PRO B 688 34.34 -0.07 34.00
C PRO B 688 35.41 -1.13 33.78
N ALA B 689 36.45 -1.11 34.62
CA ALA B 689 37.56 -2.08 34.59
C ALA B 689 37.09 -3.55 34.68
N SER B 690 35.90 -3.76 35.24
CA SER B 690 35.23 -5.05 35.42
C SER B 690 34.58 -5.61 34.15
N VAL B 691 34.27 -4.74 33.19
CA VAL B 691 33.66 -5.14 31.92
C VAL B 691 34.73 -5.72 30.99
N ASP B 692 34.45 -6.91 30.44
CA ASP B 692 35.32 -7.56 29.47
C ASP B 692 34.90 -7.01 28.10
N HIS B 693 35.79 -6.24 27.42
CA HIS B 693 35.49 -5.68 26.11
C HIS B 693 35.13 -6.79 25.10
N GLU B 694 35.59 -8.02 25.33
CA GLU B 694 35.29 -9.13 24.43
C GLU B 694 33.95 -9.82 24.69
N ASP B 695 33.28 -9.53 25.83
CA ASP B 695 31.97 -10.14 26.11
C ASP B 695 30.86 -9.19 25.64
N ASP B 696 30.18 -9.60 24.56
CA ASP B 696 29.10 -8.87 23.89
C ASP B 696 27.95 -8.57 24.83
N ARG B 697 27.48 -9.58 25.56
CA ARG B 697 26.37 -9.48 26.50
C ARG B 697 26.66 -8.52 27.61
N GLN B 698 27.87 -8.59 28.14
CA GLN B 698 28.25 -7.74 29.24
C GLN B 698 28.29 -6.28 28.80
N VAL B 699 28.89 -6.02 27.63
CA VAL B 699 29.01 -4.69 27.02
C VAL B 699 27.64 -4.10 26.71
N ALA B 700 26.76 -4.87 26.01
CA ALA B 700 25.43 -4.39 25.69
C ALA B 700 24.63 -4.06 26.94
N THR B 701 24.71 -4.97 27.95
CA THR B 701 24.03 -4.84 29.24
C THR B 701 24.53 -3.61 29.97
N TRP B 702 25.85 -3.38 30.00
CA TRP B 702 26.37 -2.22 30.68
C TRP B 702 25.90 -0.92 30.07
N ILE B 703 26.00 -0.79 28.73
CA ILE B 703 25.59 0.43 28.02
C ILE B 703 24.13 0.74 28.32
N GLU B 704 23.25 -0.23 28.11
CA GLU B 704 21.82 -0.05 28.36
C GLU B 704 21.48 0.26 29.82
N GLU B 705 22.24 -0.26 30.79
CA GLU B 705 22.04 0.04 32.21
C GLU B 705 22.53 1.44 32.56
N ASN B 706 23.47 2.00 31.78
CA ASN B 706 24.10 3.29 32.04
C ASN B 706 23.90 4.37 30.98
N TYR B 707 22.76 4.36 30.24
CA TYR B 707 22.50 5.38 29.23
C TYR B 707 22.56 6.80 29.83
N LYS B 708 22.00 7.00 31.05
CA LYS B 708 22.05 8.29 31.78
C LYS B 708 23.51 8.74 32.07
N THR B 709 24.38 7.80 32.46
CA THR B 709 25.80 8.02 32.72
C THR B 709 26.50 8.45 31.42
N LEU B 710 26.18 7.75 30.31
CA LEU B 710 26.75 8.00 28.97
C LEU B 710 26.27 9.32 28.38
N ASP B 711 24.99 9.68 28.64
CA ASP B 711 24.40 10.96 28.24
C ASP B 711 25.19 12.12 28.86
N ASP B 712 25.62 11.95 30.14
CA ASP B 712 26.45 12.91 30.88
C ASP B 712 27.81 13.04 30.22
N LYS B 713 28.58 11.92 30.08
CA LYS B 713 29.92 11.88 29.46
C LYS B 713 29.95 12.50 28.06
N LEU B 714 28.82 12.38 27.32
CA LEU B 714 28.70 12.94 25.98
C LEU B 714 28.44 14.43 26.05
N LYS B 715 27.46 14.87 26.88
CA LYS B 715 27.11 16.27 27.07
C LYS B 715 28.26 17.10 27.71
N GLY B 716 29.05 16.45 28.57
CA GLY B 716 30.21 17.03 29.25
C GLY B 716 31.35 17.37 28.29
N LEU B 717 31.53 16.58 27.22
CA LEU B 717 32.59 16.84 26.24
C LEU B 717 32.07 16.72 24.81
N LEU C 21 68.67 -12.12 -16.41
CA LEU C 21 67.42 -11.43 -16.77
C LEU C 21 66.64 -11.99 -17.97
N GLN C 22 67.34 -12.62 -18.93
CA GLN C 22 66.73 -13.22 -20.13
C GLN C 22 65.75 -14.38 -19.77
N PRO C 23 66.07 -15.35 -18.85
CA PRO C 23 65.10 -16.44 -18.58
C PRO C 23 63.72 -15.92 -18.18
N LYS C 24 63.70 -14.80 -17.41
CA LYS C 24 62.48 -14.08 -16.99
C LYS C 24 61.79 -13.44 -18.19
N ARG C 25 62.51 -12.67 -19.01
CA ARG C 25 61.92 -12.10 -20.22
C ARG C 25 61.36 -13.16 -21.14
N TYR C 26 62.05 -14.30 -21.25
CA TYR C 26 61.56 -15.40 -22.07
C TYR C 26 60.23 -15.85 -21.50
N LYS C 27 60.19 -16.15 -20.16
CA LYS C 27 58.98 -16.61 -19.45
C LYS C 27 57.77 -15.68 -19.75
N ALA C 28 58.01 -14.33 -19.73
CA ALA C 28 57.02 -13.31 -20.04
C ALA C 28 56.61 -13.40 -21.50
N HIS C 29 57.57 -13.48 -22.43
CA HIS C 29 57.36 -13.59 -23.87
C HIS C 29 56.48 -14.80 -24.18
N LEU C 30 56.67 -15.89 -23.43
CA LEU C 30 55.96 -17.16 -23.55
C LEU C 30 54.48 -17.02 -23.20
N MET C 31 54.16 -16.12 -22.27
CA MET C 31 52.79 -15.78 -21.84
C MET C 31 52.13 -14.82 -22.82
N GLY C 32 52.94 -14.20 -23.66
CA GLY C 32 52.53 -13.23 -24.65
C GLY C 32 52.54 -11.84 -24.09
N THR C 33 53.40 -11.59 -23.08
CA THR C 33 53.49 -10.29 -22.41
C THR C 33 54.93 -9.77 -22.35
N THR C 34 55.06 -8.50 -21.95
CA THR C 34 56.27 -7.76 -21.71
C THR C 34 56.73 -8.06 -20.26
N TYR C 35 58.04 -8.11 -20.03
CA TYR C 35 58.59 -8.37 -18.70
C TYR C 35 58.32 -7.09 -17.89
N VAL C 36 57.82 -7.22 -16.64
CA VAL C 36 57.43 -6.09 -15.78
C VAL C 36 58.39 -4.91 -15.84
N TYR C 37 59.69 -5.15 -15.65
CA TYR C 37 60.66 -4.07 -15.60
C TYR C 37 60.90 -3.37 -16.94
N ASP C 38 60.31 -3.90 -18.04
CA ASP C 38 60.38 -3.30 -19.37
C ASP C 38 59.17 -2.40 -19.69
N PHE C 39 58.14 -2.42 -18.83
CA PHE C 39 56.99 -1.55 -19.03
C PHE C 39 57.34 -0.06 -18.91
N PRO C 40 58.17 0.41 -17.93
CA PRO C 40 58.52 1.85 -17.93
C PRO C 40 59.06 2.36 -19.27
N GLU C 41 59.84 1.51 -19.98
CA GLU C 41 60.37 1.83 -21.30
C GLU C 41 59.25 2.07 -22.34
N LEU C 42 58.20 1.22 -22.31
CA LEU C 42 57.03 1.38 -23.18
C LEU C 42 56.34 2.71 -22.90
N PHE C 43 56.32 3.13 -21.62
CA PHE C 43 55.74 4.41 -21.20
C PHE C 43 56.57 5.55 -21.73
N ARG C 44 57.91 5.42 -21.70
CA ARG C 44 58.84 6.41 -22.26
C ARG C 44 58.62 6.56 -23.77
N GLN C 45 58.55 5.41 -24.50
CA GLN C 45 58.29 5.39 -25.94
C GLN C 45 56.97 6.08 -26.29
N ALA C 46 55.86 5.66 -25.64
CA ALA C 46 54.51 6.19 -25.78
C ALA C 46 54.46 7.71 -25.49
N SER C 47 55.17 8.17 -24.43
CA SER C 47 55.25 9.59 -24.04
C SER C 47 56.01 10.42 -25.06
N SER C 48 57.07 9.85 -25.62
CA SER C 48 57.88 10.47 -26.66
C SER C 48 57.03 10.64 -27.94
N SER C 49 56.26 9.59 -28.34
CA SER C 49 55.39 9.67 -29.52
C SER C 49 54.35 10.76 -29.36
N GLN C 50 53.84 10.95 -28.13
CA GLN C 50 52.84 11.94 -27.77
C GLN C 50 53.34 13.33 -28.17
N TRP C 51 54.63 13.59 -27.92
CA TRP C 51 55.29 14.84 -28.28
C TRP C 51 55.46 15.03 -29.78
N LYS C 52 55.94 13.98 -30.49
CA LYS C 52 56.10 13.98 -31.96
C LYS C 52 54.80 14.27 -32.69
N ASN C 53 53.69 13.64 -32.26
CA ASN C 53 52.38 13.86 -32.86
C ASN C 53 51.81 15.24 -32.52
N PHE C 54 52.34 15.90 -31.48
CA PHE C 54 51.87 17.21 -31.04
C PHE C 54 52.64 18.34 -31.72
N SER C 55 53.98 18.28 -31.65
CA SER C 55 54.88 19.26 -32.22
C SER C 55 56.12 18.48 -32.64
N ALA C 56 56.21 18.17 -33.93
CA ALA C 56 57.32 17.38 -34.51
C ALA C 56 58.71 18.02 -34.27
N ASP C 57 58.76 19.35 -34.20
CA ASP C 57 60.00 20.10 -34.03
C ASP C 57 60.61 20.04 -32.61
N VAL C 58 59.83 19.64 -31.59
CA VAL C 58 60.31 19.58 -30.20
C VAL C 58 61.47 18.58 -30.04
N LYS C 59 62.50 18.99 -29.29
CA LYS C 59 63.66 18.15 -29.02
C LYS C 59 63.58 17.75 -27.55
N LEU C 60 63.44 16.45 -27.30
CA LEU C 60 63.30 15.95 -25.93
C LEU C 60 64.62 15.46 -25.39
N THR C 61 64.84 15.71 -24.10
CA THR C 61 66.00 15.17 -23.38
C THR C 61 65.45 14.01 -22.56
N ASP C 62 66.30 13.17 -21.98
CA ASP C 62 65.82 12.02 -21.20
C ASP C 62 65.24 12.42 -19.84
N ASP C 63 65.45 13.68 -19.42
CA ASP C 63 64.91 14.21 -18.16
C ASP C 63 63.38 14.50 -18.25
N PHE C 64 62.80 14.36 -19.47
CA PHE C 64 61.39 14.56 -19.70
C PHE C 64 60.58 13.41 -19.09
N PHE C 65 61.24 12.26 -18.83
CA PHE C 65 60.60 11.07 -18.29
C PHE C 65 61.48 10.45 -17.21
N ILE C 66 60.91 10.24 -16.01
CA ILE C 66 61.57 9.58 -14.89
C ILE C 66 60.69 8.42 -14.42
N SER C 67 61.28 7.27 -14.18
CA SER C 67 60.58 6.16 -13.62
C SER C 67 61.38 5.70 -12.41
N ASN C 68 60.75 5.62 -11.24
CA ASN C 68 61.37 5.17 -10.00
C ASN C 68 60.58 4.04 -9.44
N GLU C 69 61.23 2.94 -9.15
CA GLU C 69 60.53 1.82 -8.56
C GLU C 69 60.14 2.15 -7.10
N LEU C 70 58.93 1.73 -6.69
CA LEU C 70 58.44 1.90 -5.33
C LEU C 70 58.54 0.55 -4.66
N ILE C 71 59.10 0.56 -3.46
CA ILE C 71 59.22 -0.66 -2.66
C ILE C 71 58.90 -0.31 -1.23
N GLU C 72 58.48 -1.31 -0.46
CA GLU C 72 58.20 -1.12 0.96
C GLU C 72 59.52 -1.07 1.74
N ASP C 73 59.64 -0.12 2.68
CA ASP C 73 60.82 -0.01 3.54
C ASP C 73 60.69 -0.97 4.76
N GLU C 74 61.53 -0.76 5.81
CA GLU C 74 61.57 -1.57 7.05
C GLU C 74 60.25 -1.47 7.83
N ASN C 75 59.67 -0.25 7.89
CA ASN C 75 58.41 0.07 8.57
C ASN C 75 57.18 -0.22 7.68
N GLY C 76 57.40 -0.77 6.49
CA GLY C 76 56.34 -1.07 5.53
C GLY C 76 55.83 0.14 4.76
N GLU C 77 56.59 1.25 4.76
CA GLU C 77 56.23 2.47 4.04
C GLU C 77 56.84 2.49 2.64
N LEU C 78 56.09 2.98 1.65
CA LEU C 78 56.51 3.04 0.25
C LEU C 78 57.59 4.08 -0.04
N THR C 79 58.74 3.63 -0.55
CA THR C 79 59.89 4.49 -0.87
C THR C 79 60.37 4.25 -2.28
N GLU C 80 60.95 5.30 -2.90
CA GLU C 80 61.53 5.20 -4.22
C GLU C 80 62.92 4.59 -4.13
N VAL C 81 63.25 3.67 -5.06
CA VAL C 81 64.56 3.02 -5.13
C VAL C 81 65.10 2.96 -6.54
N GLU C 82 66.43 2.82 -6.62
CA GLU C 82 67.18 2.58 -7.86
C GLU C 82 67.91 1.29 -7.62
N ARG C 83 67.42 0.22 -8.25
CA ARG C 83 67.99 -1.10 -8.12
C ARG C 83 67.92 -1.80 -9.49
N GLU C 84 68.57 -2.95 -9.62
CA GLU C 84 68.53 -3.68 -10.87
C GLU C 84 67.24 -4.49 -11.01
N PRO C 85 66.67 -4.57 -12.25
CA PRO C 85 65.46 -5.40 -12.47
C PRO C 85 65.64 -6.85 -12.04
N GLY C 86 64.56 -7.47 -11.58
CA GLY C 86 64.57 -8.88 -11.15
C GLY C 86 64.89 -9.11 -9.70
N ALA C 87 65.13 -8.03 -8.93
CA ALA C 87 65.45 -8.10 -7.49
C ALA C 87 64.20 -8.12 -6.57
N ASN C 88 63.00 -8.20 -7.17
CA ASN C 88 61.75 -8.20 -6.43
C ASN C 88 61.55 -9.47 -5.61
N ALA C 89 61.40 -9.26 -4.29
CA ALA C 89 61.13 -10.31 -3.31
C ALA C 89 59.67 -10.76 -3.36
N ILE C 90 58.77 -9.91 -3.90
CA ILE C 90 57.34 -10.24 -4.07
C ILE C 90 56.97 -10.21 -5.57
N GLY C 91 55.82 -10.77 -5.91
CA GLY C 91 55.33 -10.81 -7.29
C GLY C 91 54.47 -9.66 -7.74
N MET C 92 54.67 -8.49 -7.13
CA MET C 92 53.92 -7.27 -7.43
C MET C 92 54.93 -6.18 -7.47
N VAL C 93 54.96 -5.37 -8.53
CA VAL C 93 55.93 -4.27 -8.62
C VAL C 93 55.23 -2.97 -8.94
N ALA C 94 55.84 -1.85 -8.55
CA ALA C 94 55.25 -0.54 -8.82
C ALA C 94 56.30 0.49 -9.16
N PHE C 95 55.91 1.49 -9.93
CA PHE C 95 56.78 2.57 -10.36
C PHE C 95 56.04 3.85 -10.24
N LYS C 96 56.73 4.92 -9.83
CA LYS C 96 56.19 6.28 -9.81
C LYS C 96 56.81 6.92 -11.04
N ILE C 97 55.95 7.36 -11.97
CA ILE C 97 56.38 7.97 -13.22
C ILE C 97 56.12 9.47 -13.22
N THR C 98 57.12 10.27 -13.62
CA THR C 98 57.01 11.71 -13.76
C THR C 98 57.33 12.01 -15.20
N VAL C 99 56.37 12.54 -15.95
CA VAL C 99 56.51 12.82 -17.37
C VAL C 99 56.09 14.24 -17.70
N LYS C 100 56.88 14.89 -18.57
CA LYS C 100 56.57 16.20 -19.10
C LYS C 100 55.77 15.85 -20.35
N THR C 101 54.53 16.36 -20.48
CA THR C 101 53.66 16.01 -21.62
C THR C 101 53.15 17.31 -22.26
N PRO C 102 52.60 17.27 -23.51
CA PRO C 102 52.07 18.51 -24.09
C PRO C 102 51.12 19.30 -23.19
N GLU C 103 50.24 18.59 -22.43
CA GLU C 103 49.24 19.15 -21.51
C GLU C 103 49.88 19.64 -20.23
N TYR C 104 50.95 18.94 -19.75
CA TYR C 104 51.69 19.26 -18.53
C TYR C 104 53.20 19.33 -18.83
N PRO C 105 53.64 20.39 -19.53
CA PRO C 105 55.06 20.50 -19.92
C PRO C 105 56.05 20.54 -18.76
N ARG C 106 55.61 20.96 -17.55
CA ARG C 106 56.48 20.96 -16.37
C ARG C 106 56.38 19.62 -15.62
N GLY C 107 55.55 18.70 -16.10
CA GLY C 107 55.44 17.38 -15.51
C GLY C 107 54.14 16.99 -14.84
N ARG C 108 53.78 15.72 -14.96
CA ARG C 108 52.63 15.09 -14.34
C ARG C 108 53.09 13.73 -13.80
N GLN C 109 52.48 13.28 -12.71
CA GLN C 109 52.85 12.01 -12.13
C GLN C 109 51.71 11.01 -12.11
N PHE C 110 52.07 9.72 -11.98
CA PHE C 110 51.16 8.59 -11.86
C PHE C 110 51.91 7.36 -11.39
N VAL C 111 51.18 6.39 -10.82
CA VAL C 111 51.76 5.15 -10.34
C VAL C 111 51.38 4.03 -11.28
N VAL C 112 52.31 3.13 -11.53
CA VAL C 112 52.03 1.96 -12.36
C VAL C 112 52.24 0.76 -11.46
N VAL C 113 51.20 -0.07 -11.22
CA VAL C 113 51.27 -1.29 -10.40
C VAL C 113 51.16 -2.42 -11.37
N ALA C 114 51.95 -3.47 -11.18
CA ALA C 114 51.94 -4.58 -12.10
C ALA C 114 52.29 -5.88 -11.45
N ASN C 115 51.63 -6.96 -11.89
CA ASN C 115 51.97 -8.30 -11.46
C ASN C 115 53.24 -8.75 -12.20
N ASP C 116 54.08 -9.54 -11.52
CA ASP C 116 55.25 -10.14 -12.18
C ASP C 116 54.83 -11.56 -12.51
N ILE C 117 54.45 -11.82 -13.79
CA ILE C 117 54.00 -13.14 -14.26
C ILE C 117 55.11 -14.21 -14.07
N THR C 118 56.40 -13.77 -13.97
CA THR C 118 57.53 -14.67 -13.77
C THR C 118 57.67 -15.08 -12.31
N PHE C 119 57.04 -14.36 -11.37
CA PHE C 119 57.10 -14.66 -9.95
C PHE C 119 55.88 -15.47 -9.54
N LYS C 120 56.08 -16.77 -9.25
CA LYS C 120 55.01 -17.70 -8.84
C LYS C 120 53.75 -17.52 -9.68
N ILE C 121 53.91 -17.56 -11.02
CA ILE C 121 52.91 -17.44 -12.10
C ILE C 121 51.99 -16.19 -11.94
N GLY C 122 52.53 -15.11 -11.35
CA GLY C 122 51.84 -13.85 -11.10
C GLY C 122 50.65 -13.94 -10.15
N SER C 123 50.59 -15.04 -9.38
CA SER C 123 49.56 -15.31 -8.38
C SER C 123 49.54 -14.23 -7.27
N PHE C 124 48.39 -14.05 -6.64
CA PHE C 124 48.24 -13.08 -5.58
C PHE C 124 48.28 -13.80 -4.25
N GLY C 125 49.32 -13.51 -3.50
CA GLY C 125 49.49 -14.00 -2.15
C GLY C 125 49.26 -12.81 -1.25
N PRO C 126 49.29 -13.02 0.09
CA PRO C 126 49.07 -11.91 1.04
C PRO C 126 50.01 -10.71 0.93
N GLN C 127 51.29 -10.95 0.58
CA GLN C 127 52.26 -9.86 0.44
C GLN C 127 52.01 -9.02 -0.81
N GLU C 128 51.63 -9.66 -1.92
CA GLU C 128 51.31 -9.00 -3.19
C GLU C 128 50.05 -8.11 -3.01
N ASP C 129 49.04 -8.64 -2.26
CA ASP C 129 47.79 -7.98 -1.89
C ASP C 129 48.05 -6.79 -0.98
N GLU C 130 48.84 -6.98 0.11
CA GLU C 130 49.16 -5.87 1.00
C GLU C 130 49.94 -4.76 0.24
N PHE C 131 50.86 -5.13 -0.65
CA PHE C 131 51.63 -4.16 -1.44
C PHE C 131 50.74 -3.42 -2.43
N PHE C 132 49.85 -4.14 -3.13
CA PHE C 132 48.92 -3.56 -4.09
C PHE C 132 48.07 -2.51 -3.39
N ASN C 133 47.53 -2.86 -2.22
CA ASN C 133 46.72 -1.97 -1.42
C ASN C 133 47.54 -0.75 -0.96
N LYS C 134 48.78 -0.96 -0.51
CA LYS C 134 49.63 0.15 -0.07
C LYS C 134 49.88 1.15 -1.19
N VAL C 135 50.10 0.65 -2.43
CA VAL C 135 50.34 1.44 -3.64
C VAL C 135 49.08 2.21 -4.01
N THR C 136 47.91 1.60 -3.90
CA THR C 136 46.62 2.26 -4.18
C THR C 136 46.41 3.41 -3.23
N GLU C 137 46.69 3.21 -1.93
CA GLU C 137 46.59 4.25 -0.90
C GLU C 137 47.55 5.40 -1.14
N TYR C 138 48.76 5.08 -1.60
CA TYR C 138 49.81 6.04 -1.95
C TYR C 138 49.31 6.98 -3.05
N ALA C 139 48.72 6.40 -4.12
CA ALA C 139 48.19 7.17 -5.23
C ALA C 139 47.02 8.03 -4.79
N ARG C 140 46.08 7.43 -4.00
CA ARG C 140 44.88 8.10 -3.50
C ARG C 140 45.23 9.29 -2.61
N LYS C 141 46.19 9.13 -1.68
CA LYS C 141 46.64 10.20 -0.80
C LYS C 141 47.16 11.37 -1.64
N ARG C 142 47.95 11.09 -2.68
CA ARG C 142 48.53 12.07 -3.58
C ARG C 142 47.56 12.59 -4.66
N GLY C 143 46.43 11.90 -4.85
CA GLY C 143 45.44 12.28 -5.87
C GLY C 143 45.85 11.96 -7.29
N ILE C 144 46.91 11.15 -7.49
CA ILE C 144 47.48 10.85 -8.81
C ILE C 144 46.92 9.59 -9.42
N PRO C 145 46.85 9.50 -10.78
CA PRO C 145 46.32 8.28 -11.40
C PRO C 145 47.04 6.96 -11.04
N ARG C 146 46.28 5.85 -11.01
CA ARG C 146 46.81 4.50 -10.74
C ARG C 146 46.55 3.65 -11.98
N ILE C 147 47.64 3.26 -12.64
CA ILE C 147 47.61 2.37 -13.83
C ILE C 147 47.92 0.97 -13.33
N TYR C 148 47.07 -0.01 -13.63
CA TYR C 148 47.32 -1.39 -13.24
C TYR C 148 47.57 -2.27 -14.48
N LEU C 149 48.68 -3.04 -14.46
CA LEU C 149 49.02 -3.94 -15.57
C LEU C 149 48.78 -5.34 -15.09
N ALA C 150 47.71 -5.94 -15.57
CA ALA C 150 47.29 -7.25 -15.14
C ALA C 150 47.91 -8.39 -15.95
N ALA C 151 48.63 -9.27 -15.26
CA ALA C 151 49.29 -10.48 -15.79
C ALA C 151 49.33 -11.47 -14.61
N ASN C 152 48.23 -12.20 -14.39
CA ASN C 152 48.15 -13.04 -13.21
C ASN C 152 47.42 -14.39 -13.36
N SER C 153 47.43 -15.16 -12.26
CA SER C 153 46.78 -16.47 -12.15
C SER C 153 45.75 -16.50 -11.00
N GLY C 154 45.42 -15.33 -10.47
CA GLY C 154 44.48 -15.17 -9.37
C GLY C 154 45.13 -15.45 -8.04
N ALA C 155 44.31 -15.78 -7.03
CA ALA C 155 44.79 -16.11 -5.67
C ALA C 155 45.73 -17.31 -5.70
N ARG C 156 46.81 -17.21 -4.90
CA ARG C 156 47.83 -18.24 -4.75
C ARG C 156 47.23 -19.49 -4.10
N ILE C 157 47.51 -20.65 -4.68
CA ILE C 157 47.02 -21.92 -4.12
C ILE C 157 48.21 -22.73 -3.57
N GLY C 158 47.96 -23.48 -2.51
CA GLY C 158 48.98 -24.31 -1.88
C GLY C 158 48.45 -25.35 -0.92
N MET C 159 49.34 -26.24 -0.49
CA MET C 159 49.09 -27.29 0.52
C MET C 159 50.25 -27.30 1.48
N ALA C 160 50.05 -27.87 2.70
CA ALA C 160 51.10 -27.97 3.71
C ALA C 160 52.03 -29.10 3.24
N GLU C 161 53.10 -28.72 2.54
CA GLU C 161 54.04 -29.64 1.92
C GLU C 161 54.80 -30.50 2.93
N GLU C 162 55.04 -29.98 4.15
CA GLU C 162 55.71 -30.70 5.22
C GLU C 162 54.87 -31.89 5.77
N ILE C 163 53.54 -31.81 5.70
CA ILE C 163 52.63 -32.85 6.17
C ILE C 163 52.49 -33.99 5.15
N VAL C 164 52.88 -33.73 3.88
CA VAL C 164 52.80 -34.70 2.78
C VAL C 164 53.66 -35.97 3.07
N PRO C 165 54.98 -35.86 3.40
CA PRO C 165 55.75 -37.09 3.65
C PRO C 165 55.56 -37.70 5.06
N LEU C 166 54.67 -37.14 5.90
CA LEU C 166 54.49 -37.63 7.27
C LEU C 166 53.14 -38.28 7.60
N PHE C 167 52.05 -37.89 6.92
CA PHE C 167 50.72 -38.42 7.25
C PHE C 167 50.58 -39.95 7.02
N GLN C 168 49.70 -40.58 7.79
CA GLN C 168 49.41 -42.00 7.71
C GLN C 168 47.92 -42.17 7.53
N VAL C 169 47.51 -43.27 6.87
CA VAL C 169 46.12 -43.58 6.60
C VAL C 169 45.63 -44.72 7.51
N ALA C 170 44.53 -44.46 8.27
CA ALA C 170 43.89 -45.44 9.16
C ALA C 170 42.85 -46.19 8.33
N TRP C 171 43.29 -47.28 7.68
CA TRP C 171 42.44 -48.08 6.82
C TRP C 171 41.37 -48.85 7.54
N ASN C 172 40.36 -49.30 6.76
CA ASN C 172 39.24 -50.13 7.22
C ASN C 172 39.76 -51.58 7.35
N ASP C 173 40.62 -51.99 6.39
CA ASP C 173 41.30 -53.28 6.32
C ASP C 173 42.74 -52.99 5.89
N ALA C 174 43.72 -53.37 6.72
CA ALA C 174 45.15 -53.13 6.47
C ALA C 174 45.69 -53.83 5.22
N ALA C 175 45.25 -55.09 4.97
CA ALA C 175 45.64 -55.90 3.82
C ALA C 175 44.96 -55.41 2.54
N ASN C 176 43.71 -54.93 2.67
CA ASN C 176 42.84 -54.43 1.61
C ASN C 176 42.66 -52.88 1.65
N PRO C 177 43.49 -52.09 0.92
CA PRO C 177 43.32 -50.63 0.93
C PRO C 177 42.06 -50.15 0.23
N ASP C 178 41.65 -50.88 -0.84
CA ASP C 178 40.45 -50.63 -1.66
C ASP C 178 39.14 -50.62 -0.89
N LYS C 179 39.15 -51.14 0.36
CA LYS C 179 38.00 -51.21 1.26
C LYS C 179 37.72 -49.88 1.99
N GLY C 180 38.59 -48.90 1.78
CA GLY C 180 38.44 -47.57 2.35
C GLY C 180 39.25 -47.28 3.59
N PHE C 181 39.07 -46.06 4.13
CA PHE C 181 39.75 -45.56 5.33
C PHE C 181 38.82 -44.75 6.24
N GLN C 182 39.27 -44.53 7.49
CA GLN C 182 38.50 -43.82 8.50
C GLN C 182 38.95 -42.38 8.70
N TYR C 183 40.27 -42.15 8.73
CA TYR C 183 40.87 -40.84 8.95
C TYR C 183 42.32 -40.84 8.53
N LEU C 184 42.98 -39.68 8.67
CA LEU C 184 44.41 -39.51 8.41
C LEU C 184 45.02 -39.18 9.76
N TYR C 185 46.24 -39.66 10.01
CA TYR C 185 46.88 -39.45 11.31
C TYR C 185 48.39 -39.30 11.21
N LEU C 186 49.01 -39.00 12.35
CA LEU C 186 50.44 -38.90 12.50
C LEU C 186 50.91 -39.94 13.55
N THR C 187 52.19 -40.34 13.43
CA THR C 187 52.90 -41.23 14.36
C THR C 187 53.65 -40.32 15.32
N SER C 188 54.15 -40.87 16.43
CA SER C 188 54.93 -40.15 17.42
C SER C 188 56.21 -39.58 16.76
N GLU C 189 56.73 -40.31 15.75
CA GLU C 189 57.92 -39.98 14.96
C GLU C 189 57.65 -38.78 14.05
N GLY C 190 56.46 -38.74 13.43
CA GLY C 190 55.97 -37.65 12.60
C GLY C 190 55.84 -36.36 13.39
N MET C 191 55.22 -36.45 14.58
CA MET C 191 55.04 -35.35 15.51
C MET C 191 56.40 -34.78 15.93
N GLU C 192 57.39 -35.67 16.11
CA GLU C 192 58.74 -35.31 16.50
C GLU C 192 59.49 -34.59 15.38
N THR C 193 59.25 -35.00 14.11
CA THR C 193 59.82 -34.37 12.90
C THR C 193 59.39 -32.89 12.89
N LEU C 194 58.08 -32.63 13.16
CA LEU C 194 57.48 -31.29 13.24
C LEU C 194 58.06 -30.51 14.41
N LYS C 195 58.15 -31.15 15.61
CA LYS C 195 58.72 -30.52 16.81
C LYS C 195 60.19 -30.12 16.59
N LYS C 196 60.94 -30.93 15.81
CA LYS C 196 62.34 -30.70 15.45
C LYS C 196 62.49 -29.41 14.59
N PHE C 197 61.70 -29.31 13.49
CA PHE C 197 61.78 -28.16 12.58
C PHE C 197 60.90 -26.96 12.97
N ASP C 198 60.33 -26.97 14.21
CA ASP C 198 59.49 -25.93 14.86
C ASP C 198 58.06 -25.79 14.27
N LYS C 199 57.76 -26.54 13.19
CA LYS C 199 56.47 -26.57 12.51
C LYS C 199 55.42 -27.38 13.33
N GLU C 200 55.39 -27.20 14.67
CA GLU C 200 54.49 -27.89 15.62
C GLU C 200 53.01 -27.58 15.35
N ASN C 201 52.71 -26.29 15.09
CA ASN C 201 51.39 -25.72 14.82
C ASN C 201 50.92 -25.90 13.35
N SER C 202 51.64 -26.72 12.53
CA SER C 202 51.26 -27.02 11.15
C SER C 202 50.02 -27.89 11.07
N VAL C 203 49.68 -28.61 12.15
CA VAL C 203 48.51 -29.48 12.23
C VAL C 203 47.79 -29.32 13.55
N LEU C 204 46.52 -29.68 13.54
CA LEU C 204 45.65 -29.72 14.71
C LEU C 204 45.35 -31.20 14.89
N THR C 205 45.91 -31.80 15.96
CA THR C 205 45.78 -33.23 16.21
C THR C 205 45.06 -33.56 17.50
N GLU C 206 44.34 -34.68 17.48
CA GLU C 206 43.60 -35.25 18.59
C GLU C 206 44.19 -36.66 18.80
N ARG C 207 44.98 -36.87 19.88
CA ARG C 207 45.64 -38.17 20.14
C ARG C 207 44.65 -39.26 20.58
N THR C 208 44.85 -40.45 20.02
CA THR C 208 44.04 -41.64 20.27
C THR C 208 44.98 -42.86 20.42
N VAL C 209 44.47 -43.95 21.02
CA VAL C 209 45.24 -45.17 21.17
C VAL C 209 44.47 -46.33 20.54
N ILE C 210 45.11 -46.99 19.56
CA ILE C 210 44.54 -48.13 18.85
C ILE C 210 45.57 -49.27 18.87
N ASN C 211 45.25 -50.32 19.67
CA ASN C 211 46.04 -51.53 19.92
C ASN C 211 47.43 -51.18 20.48
N GLY C 212 47.43 -50.46 21.62
CA GLY C 212 48.63 -50.00 22.31
C GLY C 212 49.37 -48.85 21.64
N GLU C 213 49.22 -48.74 20.29
CA GLU C 213 49.84 -47.72 19.43
C GLU C 213 49.13 -46.36 19.53
N GLU C 214 49.93 -45.28 19.70
CA GLU C 214 49.42 -43.90 19.81
C GLU C 214 49.40 -43.19 18.42
N ARG C 215 48.16 -42.90 17.95
CA ARG C 215 47.84 -42.24 16.68
C ARG C 215 47.37 -40.79 16.93
N PHE C 216 48.05 -39.80 16.32
CA PHE C 216 47.67 -38.38 16.44
C PHE C 216 46.78 -38.04 15.24
N VAL C 217 45.44 -38.08 15.44
CA VAL C 217 44.45 -37.84 14.38
C VAL C 217 44.47 -36.40 13.85
N ILE C 218 44.64 -36.27 12.50
CA ILE C 218 44.66 -34.95 11.86
C ILE C 218 43.25 -34.40 11.78
N LYS C 219 43.00 -33.37 12.58
CA LYS C 219 41.69 -32.71 12.67
C LYS C 219 41.60 -31.50 11.70
N THR C 220 42.74 -30.80 11.49
CA THR C 220 42.90 -29.69 10.55
C THR C 220 44.38 -29.59 10.13
N ILE C 221 44.64 -29.45 8.82
CA ILE C 221 45.99 -29.17 8.31
C ILE C 221 46.06 -27.64 8.13
N ILE C 222 47.02 -26.98 8.79
CA ILE C 222 47.20 -25.54 8.73
C ILE C 222 48.36 -25.12 7.80
N GLY C 223 49.53 -25.71 7.97
CA GLY C 223 50.71 -25.37 7.18
C GLY C 223 51.56 -24.33 7.85
N SER C 224 52.86 -24.31 7.51
CA SER C 224 53.83 -23.38 8.10
C SER C 224 54.07 -22.18 7.16
N GLU C 225 53.90 -22.45 5.86
CA GLU C 225 54.05 -21.49 4.78
C GLU C 225 52.75 -20.69 4.65
N ASP C 226 52.89 -19.36 4.55
CA ASP C 226 51.80 -18.41 4.36
C ASP C 226 51.50 -18.29 2.85
N GLY C 227 50.22 -18.20 2.51
CA GLY C 227 49.79 -18.07 1.12
C GLY C 227 49.31 -19.36 0.53
N LEU C 228 48.54 -20.11 1.30
CA LEU C 228 48.00 -21.41 0.87
C LEU C 228 46.52 -21.33 0.47
N GLY C 229 45.72 -20.59 1.24
CA GLY C 229 44.28 -20.53 1.02
C GLY C 229 43.59 -19.25 1.40
N VAL C 230 42.71 -19.32 2.42
CA VAL C 230 41.84 -18.23 2.88
C VAL C 230 42.57 -16.90 3.17
N GLU C 231 43.86 -16.95 3.58
CA GLU C 231 44.64 -15.72 3.80
C GLU C 231 44.83 -14.93 2.48
N CYS C 232 44.87 -15.66 1.34
CA CYS C 232 45.01 -15.06 0.00
C CYS C 232 43.71 -14.40 -0.41
N LEU C 233 42.57 -15.04 -0.02
CA LEU C 233 41.19 -14.59 -0.26
C LEU C 233 40.92 -13.32 0.54
N ARG C 234 41.41 -13.24 1.80
CA ARG C 234 41.25 -12.03 2.61
C ARG C 234 41.90 -10.85 1.87
N GLY C 235 43.12 -11.05 1.38
CA GLY C 235 43.87 -10.03 0.65
C GLY C 235 43.19 -9.58 -0.64
N SER C 236 42.46 -10.50 -1.29
CA SER C 236 41.71 -10.27 -2.51
C SER C 236 40.55 -9.31 -2.23
N GLY C 237 39.73 -9.63 -1.22
CA GLY C 237 38.65 -8.78 -0.74
C GLY C 237 39.19 -7.41 -0.34
N LEU C 238 40.37 -7.39 0.29
CA LEU C 238 41.01 -6.13 0.66
C LEU C 238 41.28 -5.26 -0.59
N ILE C 239 41.92 -5.83 -1.64
CA ILE C 239 42.25 -5.10 -2.85
C ILE C 239 41.02 -4.84 -3.73
N ALA C 240 39.95 -5.63 -3.57
CA ALA C 240 38.71 -5.39 -4.30
C ALA C 240 38.09 -4.11 -3.76
N GLY C 241 38.05 -3.98 -2.44
CA GLY C 241 37.48 -2.83 -1.77
C GLY C 241 38.28 -1.59 -2.06
N ALA C 242 39.61 -1.72 -2.03
CA ALA C 242 40.56 -0.63 -2.29
C ALA C 242 40.35 -0.04 -3.70
N THR C 243 40.16 -0.92 -4.72
CA THR C 243 39.99 -0.55 -6.12
C THR C 243 38.65 0.15 -6.32
N SER C 244 37.59 -0.42 -5.75
CA SER C 244 36.25 0.16 -5.75
C SER C 244 36.33 1.62 -5.22
N ARG C 245 37.04 1.85 -4.10
CA ARG C 245 37.24 3.14 -3.47
C ARG C 245 38.07 4.07 -4.35
N ALA C 246 39.23 3.58 -4.88
CA ALA C 246 40.11 4.35 -5.78
C ALA C 246 39.34 4.87 -6.98
N TYR C 247 38.46 4.05 -7.59
CA TYR C 247 37.68 4.47 -8.74
C TYR C 247 36.91 5.79 -8.50
N HIS C 248 36.43 6.02 -7.28
CA HIS C 248 35.68 7.22 -6.91
C HIS C 248 36.56 8.40 -6.52
N ASP C 249 37.86 8.19 -6.42
CA ASP C 249 38.84 9.09 -5.88
C ASP C 249 39.88 9.58 -6.84
N ILE C 250 40.45 8.67 -7.65
CA ILE C 250 41.53 8.96 -8.60
C ILE C 250 41.22 8.36 -9.97
N PHE C 251 42.03 8.70 -10.98
CA PHE C 251 41.84 8.13 -12.30
C PHE C 251 42.39 6.71 -12.27
N THR C 252 41.57 5.72 -12.60
CA THR C 252 41.98 4.31 -12.58
C THR C 252 41.84 3.71 -13.98
N ILE C 253 42.89 3.02 -14.40
CA ILE C 253 42.94 2.32 -15.68
C ILE C 253 43.72 0.99 -15.53
N THR C 254 43.31 0.00 -16.30
CA THR C 254 43.94 -1.33 -16.32
C THR C 254 44.26 -1.73 -17.77
N LEU C 255 45.44 -2.32 -17.95
CA LEU C 255 45.84 -2.91 -19.20
C LEU C 255 45.99 -4.40 -18.94
N VAL C 256 45.14 -5.21 -19.58
CA VAL C 256 45.16 -6.68 -19.47
C VAL C 256 46.18 -7.09 -20.52
N THR C 257 47.43 -7.18 -20.05
CA THR C 257 48.64 -7.43 -20.85
C THR C 257 48.86 -8.96 -21.06
N CYS C 258 48.34 -9.75 -20.16
CA CYS C 258 48.41 -11.19 -20.18
C CYS C 258 47.13 -11.65 -19.52
N ARG C 259 46.84 -12.95 -19.47
CA ARG C 259 45.64 -13.45 -18.82
C ARG C 259 45.46 -12.85 -17.40
N SER C 260 44.22 -12.56 -17.02
CA SER C 260 43.83 -11.98 -15.74
C SER C 260 42.73 -12.89 -15.20
N VAL C 261 43.02 -13.58 -14.06
CA VAL C 261 42.14 -14.60 -13.47
C VAL C 261 41.57 -14.22 -12.08
N GLY C 262 40.31 -14.64 -11.82
CA GLY C 262 39.63 -14.47 -10.52
C GLY C 262 39.68 -13.07 -9.94
N ILE C 263 40.44 -12.87 -8.83
CA ILE C 263 40.58 -11.52 -8.27
C ILE C 263 41.09 -10.54 -9.38
N GLY C 264 42.00 -11.02 -10.24
CA GLY C 264 42.54 -10.27 -11.37
C GLY C 264 41.44 -9.77 -12.29
N ALA C 265 40.42 -10.61 -12.57
CA ALA C 265 39.28 -10.24 -13.44
C ALA C 265 38.41 -9.14 -12.76
N TYR C 266 38.21 -9.28 -11.42
CA TYR C 266 37.44 -8.33 -10.62
C TYR C 266 38.12 -7.00 -10.53
N LEU C 267 39.45 -7.01 -10.49
CA LEU C 267 40.26 -5.80 -10.45
C LEU C 267 40.15 -5.02 -11.74
N VAL C 268 39.98 -5.75 -12.87
CA VAL C 268 39.86 -5.01 -14.14
C VAL C 268 38.51 -4.26 -14.13
N ARG C 269 37.44 -4.93 -13.65
CA ARG C 269 36.13 -4.35 -13.58
C ARG C 269 36.04 -3.25 -12.54
N LEU C 270 36.57 -3.50 -11.34
CA LEU C 270 36.46 -2.54 -10.25
C LEU C 270 37.10 -1.20 -10.55
N GLY C 271 38.20 -1.20 -11.33
CA GLY C 271 38.90 -0.02 -11.84
C GLY C 271 38.20 0.60 -13.03
N GLN C 272 37.15 -0.08 -13.54
CA GLN C 272 36.23 0.33 -14.64
C GLN C 272 36.91 0.43 -16.01
N ARG C 273 37.75 1.44 -16.20
CA ARG C 273 38.47 1.70 -17.43
C ARG C 273 39.52 0.59 -17.77
N ALA C 274 39.25 -0.20 -18.80
CA ALA C 274 40.09 -1.33 -19.18
C ALA C 274 40.43 -1.40 -20.65
N ILE C 275 41.70 -1.65 -20.95
CA ILE C 275 42.20 -1.86 -22.30
C ILE C 275 42.65 -3.32 -22.31
N GLN C 276 42.10 -4.09 -23.23
CA GLN C 276 42.42 -5.50 -23.35
C GLN C 276 43.32 -5.76 -24.55
N VAL C 277 44.49 -6.39 -24.33
CA VAL C 277 45.38 -6.75 -25.43
C VAL C 277 44.77 -7.99 -26.10
N GLU C 278 44.67 -7.98 -27.44
CA GLU C 278 44.10 -9.09 -28.20
C GLU C 278 44.82 -10.40 -27.87
N GLY C 279 44.04 -11.44 -27.62
CA GLY C 279 44.58 -12.75 -27.28
C GLY C 279 44.84 -12.96 -25.80
N GLN C 280 44.60 -11.94 -24.94
CA GLN C 280 44.81 -12.08 -23.49
C GLN C 280 43.45 -12.16 -22.79
N PRO C 281 43.09 -13.32 -22.19
CA PRO C 281 41.74 -13.44 -21.58
C PRO C 281 41.54 -12.89 -20.17
N ILE C 282 40.29 -12.47 -19.89
CA ILE C 282 39.82 -12.02 -18.58
C ILE C 282 38.87 -13.13 -18.16
N ILE C 283 39.35 -14.07 -17.33
CA ILE C 283 38.51 -15.21 -16.95
C ILE C 283 38.28 -15.31 -15.44
N LEU C 284 37.18 -15.96 -15.08
CA LEU C 284 36.86 -16.25 -13.69
C LEU C 284 37.39 -17.66 -13.36
N THR C 285 36.88 -18.66 -14.08
CA THR C 285 37.29 -20.06 -13.97
C THR C 285 37.70 -20.48 -15.38
N GLY C 286 38.82 -21.19 -15.47
CA GLY C 286 39.36 -21.65 -16.74
C GLY C 286 38.44 -22.62 -17.44
N ALA C 287 38.58 -22.71 -18.76
CA ALA C 287 37.78 -23.60 -19.62
C ALA C 287 37.91 -25.10 -19.21
N SER C 288 39.14 -25.56 -18.89
CA SER C 288 39.37 -26.96 -18.47
C SER C 288 38.67 -27.28 -17.15
N ALA C 289 38.78 -26.40 -16.13
CA ALA C 289 38.12 -26.58 -14.84
C ALA C 289 36.59 -26.68 -15.01
N LEU C 290 36.05 -25.90 -15.96
CA LEU C 290 34.64 -25.85 -16.29
C LEU C 290 34.17 -27.13 -16.96
N ASN C 291 35.04 -27.72 -17.80
CA ASN C 291 34.76 -28.98 -18.49
C ASN C 291 34.71 -30.14 -17.47
N LYS C 292 35.60 -30.10 -16.44
CA LYS C 292 35.64 -31.10 -15.38
C LYS C 292 34.32 -31.10 -14.59
N VAL C 293 33.86 -29.90 -14.20
CA VAL C 293 32.63 -29.68 -13.43
C VAL C 293 31.39 -30.06 -14.26
N LEU C 294 31.44 -29.80 -15.58
CA LEU C 294 30.32 -30.11 -16.48
C LEU C 294 30.24 -31.56 -16.94
N GLY C 295 31.33 -32.31 -16.82
CA GLY C 295 31.42 -33.69 -17.26
C GLY C 295 31.93 -33.75 -18.68
N ARG C 296 31.18 -33.15 -19.63
CA ARG C 296 31.50 -33.06 -21.05
C ARG C 296 32.62 -32.04 -21.37
N GLU C 297 33.14 -32.06 -22.63
CA GLU C 297 34.17 -31.14 -23.12
C GLU C 297 33.49 -30.02 -23.94
N VAL C 298 32.80 -29.09 -23.24
CA VAL C 298 32.00 -28.02 -23.85
C VAL C 298 32.85 -26.79 -24.27
N TYR C 299 33.88 -26.39 -23.50
CA TYR C 299 34.71 -25.24 -23.92
C TYR C 299 36.06 -25.65 -24.47
N THR C 300 36.48 -25.00 -25.55
CA THR C 300 37.75 -25.23 -26.28
C THR C 300 38.94 -24.47 -25.72
N SER C 301 38.75 -23.18 -25.34
CA SER C 301 39.83 -22.30 -24.82
C SER C 301 39.34 -21.26 -23.84
N ASN C 302 40.29 -20.66 -23.11
CA ASN C 302 40.05 -19.58 -22.17
C ASN C 302 39.61 -18.32 -22.92
N LEU C 303 40.12 -18.14 -24.15
CA LEU C 303 39.80 -17.03 -25.04
C LEU C 303 38.35 -17.00 -25.40
N GLN C 304 37.70 -18.15 -25.45
CA GLN C 304 36.28 -18.28 -25.78
C GLN C 304 35.40 -17.76 -24.65
N LEU C 305 35.94 -17.73 -23.43
CA LEU C 305 35.30 -17.28 -22.19
C LEU C 305 35.56 -15.79 -21.89
N GLY C 306 36.82 -15.37 -22.03
CA GLY C 306 37.25 -14.03 -21.69
C GLY C 306 38.13 -13.28 -22.68
N GLY C 307 38.01 -13.62 -23.97
CA GLY C 307 38.74 -12.90 -24.99
C GLY C 307 38.01 -11.63 -25.37
N THR C 308 38.64 -10.79 -26.22
CA THR C 308 38.06 -9.50 -26.67
C THR C 308 36.68 -9.68 -27.32
N GLN C 309 36.45 -10.81 -28.00
CA GLN C 309 35.17 -11.10 -28.64
C GLN C 309 34.03 -11.28 -27.60
N ILE C 310 34.40 -11.36 -26.31
CA ILE C 310 33.46 -11.41 -25.19
C ILE C 310 33.50 -10.05 -24.50
N MET C 311 34.67 -9.67 -23.95
CA MET C 311 34.82 -8.51 -23.09
C MET C 311 34.72 -7.15 -23.78
N TYR C 312 35.17 -7.05 -25.04
CA TYR C 312 35.04 -5.79 -25.78
C TYR C 312 33.59 -5.64 -26.24
N ASN C 313 32.92 -6.75 -26.52
CA ASN C 313 31.52 -6.76 -26.94
C ASN C 313 30.51 -6.49 -25.77
N ASN C 314 30.94 -6.80 -24.51
CA ASN C 314 30.31 -6.68 -23.21
C ASN C 314 30.33 -5.27 -22.69
N GLY C 315 31.43 -4.59 -22.93
CA GLY C 315 31.70 -3.28 -22.39
C GLY C 315 32.54 -3.36 -21.14
N VAL C 316 33.14 -4.56 -20.89
CA VAL C 316 34.06 -4.76 -19.76
C VAL C 316 35.38 -4.11 -20.16
N SER C 317 35.77 -4.31 -21.44
CA SER C 317 36.94 -3.71 -22.07
C SER C 317 36.48 -2.50 -22.82
N HIS C 318 37.07 -1.38 -22.51
CA HIS C 318 36.70 -0.11 -23.10
C HIS C 318 37.26 0.02 -24.46
N LEU C 319 38.45 -0.55 -24.64
CA LEU C 319 39.26 -0.56 -25.85
C LEU C 319 40.03 -1.84 -25.96
N THR C 320 40.47 -2.09 -27.16
CA THR C 320 41.26 -3.24 -27.56
C THR C 320 42.67 -2.74 -27.99
N ALA C 321 43.72 -3.56 -27.88
CA ALA C 321 45.06 -3.20 -28.33
C ALA C 321 45.71 -4.41 -28.99
N VAL C 322 46.40 -4.18 -30.12
CA VAL C 322 47.09 -5.21 -30.91
C VAL C 322 48.25 -5.81 -30.14
N ASP C 323 48.95 -4.99 -29.33
CA ASP C 323 50.09 -5.43 -28.50
C ASP C 323 50.23 -4.49 -27.29
N ASP C 324 51.20 -4.80 -26.35
CA ASP C 324 51.45 -4.03 -25.13
C ASP C 324 51.75 -2.56 -25.39
N LEU C 325 52.57 -2.23 -26.38
CA LEU C 325 52.88 -0.83 -26.66
C LEU C 325 51.67 -0.06 -27.14
N ALA C 326 50.81 -0.69 -27.99
CA ALA C 326 49.57 -0.07 -28.46
C ALA C 326 48.64 0.23 -27.27
N GLY C 327 48.67 -0.64 -26.27
CA GLY C 327 47.89 -0.47 -25.06
C GLY C 327 48.38 0.72 -24.28
N VAL C 328 49.69 0.77 -24.06
CA VAL C 328 50.34 1.88 -23.36
C VAL C 328 50.07 3.22 -24.08
N GLU C 329 50.05 3.20 -25.42
CA GLU C 329 49.80 4.38 -26.22
C GLU C 329 48.38 4.88 -25.96
N LYS C 330 47.43 3.93 -25.86
CA LYS C 330 46.02 4.21 -25.53
C LYS C 330 45.84 4.76 -24.09
N ILE C 331 46.58 4.22 -23.09
CA ILE C 331 46.58 4.75 -21.70
C ILE C 331 46.97 6.23 -21.69
N VAL C 332 48.13 6.51 -22.28
CA VAL C 332 48.77 7.82 -22.42
C VAL C 332 47.85 8.82 -23.11
N GLU C 333 47.14 8.37 -24.18
CA GLU C 333 46.18 9.18 -24.93
C GLU C 333 44.96 9.49 -24.07
N TRP C 334 44.46 8.49 -23.33
CA TRP C 334 43.30 8.65 -22.46
C TRP C 334 43.65 9.64 -21.36
N MET C 335 44.84 9.50 -20.76
CA MET C 335 45.34 10.38 -19.70
C MET C 335 45.48 11.84 -20.12
N SER C 336 45.68 12.08 -21.42
CA SER C 336 45.87 13.43 -21.97
C SER C 336 44.62 14.31 -21.76
N TYR C 337 43.46 13.69 -21.43
CA TYR C 337 42.22 14.42 -21.20
C TYR C 337 41.95 14.64 -19.72
N VAL C 338 42.71 13.98 -18.86
CA VAL C 338 42.53 13.89 -17.42
C VAL C 338 43.43 14.85 -16.62
N PRO C 339 42.90 15.51 -15.57
CA PRO C 339 43.75 16.38 -14.72
C PRO C 339 44.96 15.65 -14.16
N ALA C 340 46.07 16.36 -13.96
CA ALA C 340 47.33 15.78 -13.44
C ALA C 340 47.15 15.08 -12.09
N LYS C 341 46.25 15.60 -11.27
CA LYS C 341 45.86 15.04 -9.97
C LYS C 341 44.47 15.47 -9.61
N ARG C 342 43.86 14.76 -8.66
CA ARG C 342 42.48 15.06 -8.20
C ARG C 342 42.29 16.54 -7.83
N ASN C 343 41.19 17.13 -8.29
CA ASN C 343 40.77 18.52 -8.05
C ASN C 343 41.64 19.59 -8.74
N MET C 344 42.50 19.17 -9.63
CA MET C 344 43.25 20.13 -10.43
C MET C 344 42.39 20.47 -11.66
N PRO C 345 42.54 21.66 -12.27
CA PRO C 345 41.72 21.97 -13.45
C PRO C 345 41.92 20.98 -14.60
N VAL C 346 40.89 20.80 -15.46
CA VAL C 346 40.99 19.95 -16.65
C VAL C 346 42.10 20.46 -17.59
N PRO C 347 42.97 19.59 -18.17
CA PRO C 347 44.11 20.09 -18.94
C PRO C 347 43.74 20.68 -20.31
N ILE C 348 43.78 22.02 -20.41
CA ILE C 348 43.54 22.74 -21.67
C ILE C 348 44.72 22.43 -22.64
N LEU C 349 44.40 22.09 -23.90
CA LEU C 349 45.40 21.86 -24.94
C LEU C 349 44.86 22.40 -26.27
N GLU C 350 45.17 23.67 -26.55
CA GLU C 350 44.73 24.29 -27.80
C GLU C 350 45.65 23.76 -28.94
N THR C 351 45.03 23.45 -30.09
CA THR C 351 45.75 22.94 -31.28
C THR C 351 45.47 23.85 -32.49
N LYS C 352 45.85 23.45 -33.73
CA LYS C 352 45.64 24.27 -34.93
C LYS C 352 44.15 24.66 -35.10
N ASP C 353 43.24 23.71 -34.74
CA ASP C 353 41.79 23.89 -34.79
C ASP C 353 41.31 24.72 -33.56
N THR C 354 41.31 26.05 -33.71
CA THR C 354 40.93 27.00 -32.66
C THR C 354 39.41 27.16 -32.58
N TRP C 355 38.92 27.80 -31.50
CA TRP C 355 37.50 28.02 -31.27
C TRP C 355 36.75 28.83 -32.32
N ASP C 356 37.38 29.87 -32.88
CA ASP C 356 36.72 30.84 -33.77
C ASP C 356 36.56 30.39 -35.21
N ARG C 357 35.51 29.61 -35.45
CA ARG C 357 35.14 29.08 -36.76
C ARG C 357 33.72 28.54 -36.71
N PRO C 358 32.99 28.47 -37.84
CA PRO C 358 31.66 27.85 -37.79
C PRO C 358 31.76 26.31 -37.89
N VAL C 359 30.65 25.62 -37.72
CA VAL C 359 30.63 24.17 -37.83
C VAL C 359 30.19 23.90 -39.28
N ASP C 360 31.04 23.17 -40.05
CA ASP C 360 30.78 22.82 -41.45
C ASP C 360 29.79 21.67 -41.59
N PHE C 361 30.14 20.44 -41.08
CA PHE C 361 29.23 19.31 -41.24
C PHE C 361 27.89 19.57 -40.60
N THR C 362 26.81 19.53 -41.40
CA THR C 362 25.45 19.73 -40.91
C THR C 362 24.55 18.56 -41.30
N PRO C 363 23.88 17.90 -40.32
CA PRO C 363 22.98 16.79 -40.69
C PRO C 363 21.69 17.28 -41.36
N THR C 364 21.10 16.42 -42.20
CA THR C 364 19.82 16.67 -42.89
C THR C 364 18.89 15.49 -42.61
N ASN C 365 17.58 15.71 -42.66
CA ASN C 365 16.56 14.67 -42.38
C ASN C 365 16.49 13.63 -43.51
N ASP C 366 16.69 14.11 -44.74
CA ASP C 366 16.67 13.33 -45.97
C ASP C 366 17.94 12.48 -46.21
N GLU C 367 18.95 12.63 -45.36
CA GLU C 367 20.20 11.90 -45.55
C GLU C 367 20.76 11.24 -44.29
N THR C 368 21.16 9.96 -44.42
CA THR C 368 21.78 9.19 -43.35
C THR C 368 23.15 9.80 -43.01
N TYR C 369 23.49 9.88 -41.71
CA TYR C 369 24.79 10.36 -41.27
C TYR C 369 25.33 9.54 -40.11
N ASP C 370 26.64 9.65 -39.91
CA ASP C 370 27.36 9.07 -38.79
C ASP C 370 27.53 10.27 -37.82
N VAL C 371 27.00 10.14 -36.58
CA VAL C 371 27.09 11.18 -35.55
C VAL C 371 28.53 11.62 -35.32
N ARG C 372 29.52 10.73 -35.57
CA ARG C 372 30.94 11.07 -35.40
C ARG C 372 31.35 12.26 -36.27
N TRP C 373 30.69 12.45 -37.43
CA TRP C 373 30.93 13.57 -38.33
C TRP C 373 30.54 14.87 -37.63
N MET C 374 29.43 14.87 -36.89
CA MET C 374 28.99 16.06 -36.15
C MET C 374 29.96 16.38 -35.02
N ILE C 375 30.57 15.32 -34.45
CA ILE C 375 31.50 15.43 -33.36
C ILE C 375 32.88 15.93 -33.82
N GLU C 376 33.54 15.15 -34.68
CA GLU C 376 34.93 15.38 -35.10
C GLU C 376 35.13 15.87 -36.54
N GLY C 377 34.04 15.88 -37.31
CA GLY C 377 34.07 16.28 -38.71
C GLY C 377 34.28 15.10 -39.63
N ARG C 378 34.34 15.37 -40.94
CA ARG C 378 34.56 14.33 -41.94
C ARG C 378 35.39 14.78 -43.14
N GLU C 379 36.02 13.80 -43.77
CA GLU C 379 36.78 14.01 -44.98
C GLU C 379 35.83 13.84 -46.19
N THR C 380 35.78 14.87 -47.06
CA THR C 380 35.02 14.97 -48.31
C THR C 380 36.07 15.12 -49.43
N GLU C 381 35.68 14.87 -50.71
CA GLU C 381 36.59 15.05 -51.84
C GLU C 381 36.98 16.53 -51.99
N SER C 382 36.03 17.44 -51.67
CA SER C 382 36.16 18.90 -51.73
C SER C 382 36.85 19.54 -50.52
N GLY C 383 37.46 18.73 -49.65
CA GLY C 383 38.12 19.20 -48.44
C GLY C 383 37.49 18.67 -47.16
N PHE C 384 38.09 19.03 -46.00
CA PHE C 384 37.65 18.60 -44.67
C PHE C 384 36.53 19.45 -44.10
N GLU C 385 35.37 18.81 -43.76
CA GLU C 385 34.20 19.46 -43.15
C GLU C 385 34.38 19.38 -41.62
N TYR C 386 34.65 20.50 -40.96
CA TYR C 386 34.83 20.53 -39.52
C TYR C 386 33.52 20.26 -38.77
N GLY C 387 33.65 19.52 -37.66
CA GLY C 387 32.54 19.22 -36.76
C GLY C 387 32.53 20.18 -35.59
N LEU C 388 31.77 19.85 -34.54
CA LEU C 388 31.64 20.69 -33.36
C LEU C 388 32.92 20.79 -32.52
N PHE C 389 33.68 19.69 -32.43
CA PHE C 389 34.88 19.62 -31.60
C PHE C 389 36.16 19.71 -32.43
N ASP C 390 37.31 19.85 -31.74
CA ASP C 390 38.61 20.00 -32.38
C ASP C 390 38.94 18.83 -33.28
N LYS C 391 39.54 19.12 -34.45
CA LYS C 391 39.95 18.13 -35.44
C LYS C 391 40.95 17.21 -34.80
N GLY C 392 40.70 15.91 -34.84
CA GLY C 392 41.61 14.90 -34.28
C GLY C 392 41.54 14.67 -32.78
N SER C 393 40.63 15.38 -32.09
CA SER C 393 40.47 15.29 -30.64
C SER C 393 39.51 14.20 -30.15
N PHE C 394 38.71 13.58 -31.02
CA PHE C 394 37.77 12.57 -30.55
C PHE C 394 38.41 11.20 -30.28
N PHE C 395 38.42 10.80 -29.00
CA PHE C 395 38.91 9.53 -28.48
C PHE C 395 37.68 8.68 -28.01
N GLU C 396 37.10 7.86 -28.90
CA GLU C 396 35.95 7.01 -28.63
C GLU C 396 36.36 5.84 -27.73
N THR C 397 35.49 5.52 -26.73
CA THR C 397 35.69 4.40 -25.78
C THR C 397 34.38 3.61 -25.73
N LEU C 398 34.42 2.36 -25.26
CA LEU C 398 33.28 1.44 -25.21
C LEU C 398 32.69 1.21 -26.62
N SER C 399 33.60 1.25 -27.59
CA SER C 399 33.30 1.17 -29.01
C SER C 399 32.80 -0.20 -29.47
N GLY C 400 33.10 -1.26 -28.71
CA GLY C 400 32.67 -2.61 -29.07
C GLY C 400 31.32 -3.02 -28.55
N TRP C 401 30.71 -2.19 -27.68
CA TRP C 401 29.48 -2.47 -26.97
C TRP C 401 28.40 -1.40 -27.19
N ALA C 402 27.12 -1.83 -27.20
CA ALA C 402 25.94 -0.98 -27.33
C ALA C 402 26.19 0.20 -28.28
N LYS C 403 26.52 -0.13 -29.55
CA LYS C 403 26.93 0.82 -30.58
C LYS C 403 25.83 1.86 -30.96
N GLY C 404 24.65 1.81 -30.32
CA GLY C 404 23.58 2.80 -30.47
C GLY C 404 23.90 4.16 -29.85
N VAL C 405 24.80 4.19 -28.84
CA VAL C 405 25.30 5.43 -28.21
C VAL C 405 26.77 5.50 -28.50
N VAL C 406 27.25 6.71 -28.83
CA VAL C 406 28.65 6.97 -29.11
C VAL C 406 29.21 7.75 -27.95
N VAL C 407 30.26 7.17 -27.30
CA VAL C 407 30.87 7.81 -26.14
C VAL C 407 32.37 7.97 -26.35
N GLY C 408 32.89 9.12 -25.96
CA GLY C 408 34.33 9.36 -26.01
C GLY C 408 34.71 10.67 -25.38
N ARG C 409 35.99 10.99 -25.41
CA ARG C 409 36.51 12.26 -24.94
C ARG C 409 36.85 13.09 -26.21
N ALA C 410 36.74 14.43 -26.11
CA ALA C 410 37.06 15.35 -27.18
C ALA C 410 37.57 16.64 -26.56
N ARG C 411 37.89 17.65 -27.40
CA ARG C 411 38.33 18.98 -26.96
C ARG C 411 37.50 20.06 -27.69
N LEU C 412 37.17 21.15 -27.01
CA LEU C 412 36.39 22.27 -27.58
C LEU C 412 37.31 23.49 -27.39
N GLY C 413 38.04 23.85 -28.45
CA GLY C 413 39.01 24.94 -28.40
C GLY C 413 40.07 24.71 -27.36
N GLY C 414 40.37 23.43 -27.12
CA GLY C 414 41.37 22.99 -26.16
C GLY C 414 40.84 22.41 -24.89
N ILE C 415 39.60 22.78 -24.52
CA ILE C 415 38.93 22.31 -23.28
C ILE C 415 38.52 20.84 -23.42
N PRO C 416 39.07 19.92 -22.59
CA PRO C 416 38.64 18.51 -22.68
C PRO C 416 37.28 18.30 -22.02
N LEU C 417 36.50 17.39 -22.59
CA LEU C 417 35.18 17.06 -22.07
C LEU C 417 34.79 15.68 -22.58
N GLY C 418 33.83 15.03 -21.91
CA GLY C 418 33.26 13.77 -22.35
C GLY C 418 32.07 14.06 -23.26
N VAL C 419 31.93 13.29 -24.34
CA VAL C 419 30.85 13.48 -25.31
C VAL C 419 29.98 12.23 -25.40
N ILE C 420 28.65 12.42 -25.47
CA ILE C 420 27.67 11.37 -25.67
C ILE C 420 26.82 11.82 -26.86
N GLY C 421 26.82 10.99 -27.89
CA GLY C 421 26.06 11.19 -29.12
C GLY C 421 25.23 9.97 -29.41
N VAL C 422 24.19 10.14 -30.23
CA VAL C 422 23.24 9.08 -30.62
C VAL C 422 23.49 8.57 -32.03
N GLU C 423 23.75 7.27 -32.18
CA GLU C 423 23.89 6.63 -33.48
C GLU C 423 22.48 6.48 -34.10
N THR C 424 22.24 7.20 -35.21
CA THR C 424 20.94 7.22 -35.92
C THR C 424 20.65 5.94 -36.72
N ARG C 425 21.70 5.26 -37.18
CA ARG C 425 21.63 4.00 -37.94
C ARG C 425 21.19 2.82 -37.06
N THR C 426 20.49 1.85 -37.68
CA THR C 426 20.06 0.65 -36.96
C THR C 426 21.31 -0.15 -36.62
N VAL C 427 21.35 -0.74 -35.42
CA VAL C 427 22.53 -1.46 -34.96
C VAL C 427 22.21 -2.93 -34.75
N GLU C 428 23.06 -3.80 -35.31
CA GLU C 428 22.95 -5.26 -35.14
C GLU C 428 24.06 -5.74 -34.23
N ASN C 429 23.76 -6.69 -33.37
CA ASN C 429 24.76 -7.31 -32.50
C ASN C 429 24.51 -8.81 -32.51
N LEU C 430 25.59 -9.58 -32.50
CA LEU C 430 25.54 -11.01 -32.56
C LEU C 430 25.72 -11.65 -31.19
N ILE C 431 24.65 -12.25 -30.69
CA ILE C 431 24.73 -12.99 -29.43
C ILE C 431 25.29 -14.37 -29.81
N PRO C 432 26.49 -14.75 -29.34
CA PRO C 432 27.02 -16.07 -29.70
C PRO C 432 26.21 -17.24 -29.11
N ALA C 433 26.33 -18.41 -29.74
CA ALA C 433 25.66 -19.63 -29.29
C ALA C 433 26.33 -20.16 -28.01
N ASP C 434 25.50 -20.55 -27.01
CA ASP C 434 25.93 -21.09 -25.72
C ASP C 434 26.55 -22.49 -25.94
N PRO C 435 27.90 -22.65 -25.77
CA PRO C 435 28.52 -23.98 -25.97
C PRO C 435 27.97 -25.09 -25.07
N ALA C 436 27.42 -24.73 -23.90
CA ALA C 436 26.85 -25.63 -22.92
C ALA C 436 25.43 -26.12 -23.27
N ASN C 437 24.78 -25.47 -24.24
CA ASN C 437 23.46 -25.89 -24.68
C ASN C 437 23.52 -26.35 -26.15
N PRO C 438 23.24 -27.64 -26.41
CA PRO C 438 23.31 -28.14 -27.80
C PRO C 438 22.18 -27.62 -28.71
N ASN C 439 21.09 -27.12 -28.09
CA ASN C 439 19.91 -26.55 -28.78
C ASN C 439 20.01 -25.00 -28.85
N SER C 440 21.25 -24.46 -28.84
CA SER C 440 21.51 -23.03 -28.89
C SER C 440 22.30 -22.66 -30.14
N ALA C 441 21.73 -21.71 -30.91
CA ALA C 441 22.29 -21.16 -32.15
C ALA C 441 22.51 -19.65 -31.94
N GLU C 442 23.48 -19.07 -32.67
CA GLU C 442 23.77 -17.64 -32.54
C GLU C 442 22.58 -16.77 -33.02
N THR C 443 22.27 -15.72 -32.25
CA THR C 443 21.15 -14.81 -32.47
C THR C 443 21.63 -13.44 -32.93
N LEU C 444 20.90 -12.82 -33.85
CA LEU C 444 21.22 -11.48 -34.31
C LEU C 444 20.11 -10.52 -33.86
N ILE C 445 20.48 -9.57 -33.01
CA ILE C 445 19.57 -8.56 -32.48
C ILE C 445 19.76 -7.29 -33.27
N GLN C 446 18.66 -6.67 -33.64
CA GLN C 446 18.65 -5.42 -34.36
C GLN C 446 17.97 -4.38 -33.48
N GLN C 447 18.58 -3.20 -33.38
CA GLN C 447 18.01 -2.16 -32.55
C GLN C 447 17.88 -0.88 -33.33
N ALA C 448 16.68 -0.29 -33.28
CA ALA C 448 16.37 0.96 -33.97
C ALA C 448 17.23 2.13 -33.43
N GLY C 449 17.60 3.06 -34.30
CA GLY C 449 18.36 4.24 -33.91
C GLY C 449 17.47 5.20 -33.15
N GLN C 450 18.09 6.12 -32.38
CA GLN C 450 17.41 7.14 -31.58
C GLN C 450 16.45 6.58 -30.49
N VAL C 451 16.66 5.34 -30.05
CA VAL C 451 15.87 4.67 -29.02
C VAL C 451 16.87 4.09 -28.00
N TRP C 452 16.64 4.36 -26.71
CA TRP C 452 17.47 3.79 -25.66
C TRP C 452 16.97 2.36 -25.41
N PHE C 453 17.91 1.41 -25.41
CA PHE C 453 17.65 0.01 -25.13
C PHE C 453 18.38 -0.32 -23.84
N PRO C 454 18.12 -1.46 -23.17
CA PRO C 454 18.87 -1.74 -21.92
C PRO C 454 20.39 -1.53 -22.02
N ASN C 455 21.03 -2.06 -23.08
CA ASN C 455 22.48 -1.91 -23.25
C ASN C 455 22.93 -0.46 -23.47
N SER C 456 22.23 0.31 -24.36
CA SER C 456 22.60 1.69 -24.63
C SER C 456 22.32 2.61 -23.45
N ALA C 457 21.27 2.32 -22.64
CA ALA C 457 20.94 3.08 -21.42
C ALA C 457 22.03 2.83 -20.36
N PHE C 458 22.53 1.58 -20.25
CA PHE C 458 23.59 1.18 -19.36
C PHE C 458 24.88 1.87 -19.78
N LYS C 459 25.21 1.88 -21.08
CA LYS C 459 26.42 2.52 -21.60
C LYS C 459 26.40 4.02 -21.30
N THR C 460 25.25 4.69 -21.52
CA THR C 460 25.08 6.10 -21.24
C THR C 460 25.39 6.37 -19.79
N ALA C 461 24.79 5.61 -18.87
CA ALA C 461 25.03 5.78 -17.43
C ALA C 461 26.49 5.50 -17.10
N GLN C 462 27.06 4.43 -17.66
CA GLN C 462 28.47 4.11 -17.44
C GLN C 462 29.35 5.25 -17.86
N ALA C 463 29.14 5.83 -19.07
CA ALA C 463 29.95 6.93 -19.58
C ALA C 463 29.89 8.15 -18.63
N ILE C 464 28.68 8.51 -18.17
CA ILE C 464 28.46 9.63 -17.27
C ILE C 464 29.29 9.46 -16.01
N ASN C 465 29.24 8.24 -15.42
CA ASN C 465 30.01 7.92 -14.21
C ASN C 465 31.49 7.99 -14.45
N ASP C 466 31.95 7.45 -15.60
CA ASP C 466 33.38 7.41 -15.92
C ASP C 466 33.95 8.81 -16.17
N PHE C 467 33.15 9.72 -16.72
CA PHE C 467 33.56 11.09 -16.94
C PHE C 467 33.70 11.81 -15.62
N ASN C 468 32.80 11.51 -14.67
CA ASN C 468 32.70 12.18 -13.38
C ASN C 468 33.80 11.74 -12.43
N ASN C 469 33.89 10.42 -12.20
CA ASN C 469 34.86 9.86 -11.27
C ASN C 469 36.24 9.79 -11.86
N GLY C 470 37.19 10.35 -11.09
CA GLY C 470 38.62 10.36 -11.46
C GLY C 470 38.99 11.26 -12.60
N GLU C 471 38.32 11.11 -13.75
CA GLU C 471 38.47 11.95 -14.94
C GLU C 471 38.06 13.41 -14.61
N GLN C 472 37.01 13.60 -13.79
CA GLN C 472 36.50 14.90 -13.36
C GLN C 472 36.30 15.88 -14.51
N LEU C 473 35.74 15.39 -15.61
CA LEU C 473 35.50 16.16 -16.82
C LEU C 473 34.14 16.88 -16.93
N PRO C 474 34.02 17.99 -17.72
CA PRO C 474 32.68 18.45 -18.10
C PRO C 474 32.07 17.47 -19.14
N MET C 475 30.82 17.68 -19.52
CA MET C 475 30.20 16.74 -20.44
C MET C 475 29.21 17.43 -21.32
N MET C 476 29.16 17.01 -22.59
CA MET C 476 28.14 17.39 -23.56
C MET C 476 27.44 16.13 -24.05
N ILE C 477 26.11 16.18 -24.00
CA ILE C 477 25.25 15.14 -24.49
C ILE C 477 24.51 15.76 -25.67
N LEU C 478 24.69 15.19 -26.87
CA LEU C 478 24.00 15.63 -28.09
C LEU C 478 22.72 14.80 -28.10
N ALA C 479 21.79 15.15 -27.20
CA ALA C 479 20.53 14.43 -26.96
C ALA C 479 19.65 14.31 -28.17
N ASN C 480 19.45 13.07 -28.62
CA ASN C 480 18.65 12.77 -29.78
C ASN C 480 17.95 11.39 -29.65
N TRP C 481 17.02 11.29 -28.71
CA TRP C 481 16.29 10.04 -28.47
C TRP C 481 14.80 10.24 -28.53
N ARG C 482 14.10 9.25 -29.10
CA ARG C 482 12.64 9.23 -29.23
C ARG C 482 12.05 8.78 -27.88
N GLY C 483 12.83 8.03 -27.12
CA GLY C 483 12.48 7.48 -25.81
C GLY C 483 13.17 6.15 -25.58
N PHE C 484 12.55 5.32 -24.76
CA PHE C 484 13.07 4.01 -24.39
C PHE C 484 12.29 2.96 -25.13
N SER C 485 12.87 1.79 -25.40
CA SER C 485 12.14 0.72 -26.04
C SER C 485 11.12 0.18 -25.06
N GLY C 486 9.85 0.46 -25.31
CA GLY C 486 8.75 0.06 -24.45
C GLY C 486 8.23 -1.34 -24.69
N GLY C 487 8.76 -2.00 -25.72
CA GLY C 487 8.37 -3.35 -26.10
C GLY C 487 8.58 -4.38 -25.02
N GLN C 488 7.92 -5.53 -25.17
CA GLN C 488 7.98 -6.62 -24.19
C GLN C 488 9.38 -7.14 -23.89
N ARG C 489 10.20 -7.44 -24.91
CA ARG C 489 11.55 -7.96 -24.70
C ARG C 489 12.41 -7.00 -23.87
N ASP C 490 12.36 -5.70 -24.20
CA ASP C 490 13.16 -4.67 -23.54
C ASP C 490 12.63 -4.32 -22.16
N MET C 491 11.29 -4.41 -21.95
CA MET C 491 10.67 -4.25 -20.63
C MET C 491 11.09 -5.43 -19.75
N PHE C 492 11.06 -6.64 -20.30
CA PHE C 492 11.49 -7.83 -19.58
C PHE C 492 12.96 -7.75 -19.29
N ASN C 493 13.77 -7.19 -20.21
CA ASN C 493 15.22 -7.06 -20.01
C ASN C 493 15.61 -5.85 -19.17
N GLU C 494 14.64 -5.31 -18.41
CA GLU C 494 14.79 -4.30 -17.36
C GLU C 494 15.21 -2.93 -17.86
N VAL C 495 14.70 -2.48 -19.01
CA VAL C 495 15.02 -1.15 -19.54
C VAL C 495 14.81 -0.06 -18.46
N LEU C 496 13.80 -0.19 -17.56
CA LEU C 496 13.53 0.79 -16.49
C LEU C 496 14.71 0.92 -15.55
N LYS C 497 15.32 -0.21 -15.16
CA LYS C 497 16.46 -0.23 -14.26
C LYS C 497 17.61 0.60 -14.82
N TYR C 498 17.99 0.36 -16.11
CA TYR C 498 19.12 1.02 -16.75
C TYR C 498 18.85 2.47 -17.02
N GLY C 499 17.58 2.80 -17.29
CA GLY C 499 17.17 4.19 -17.51
C GLY C 499 17.32 4.99 -16.23
N SER C 500 17.00 4.36 -15.11
CA SER C 500 17.11 4.94 -13.78
C SER C 500 18.57 5.23 -13.37
N PHE C 501 19.54 4.39 -13.83
CA PHE C 501 20.96 4.56 -13.57
C PHE C 501 21.44 5.88 -14.17
N ILE C 502 20.83 6.34 -15.30
CA ILE C 502 21.18 7.61 -15.98
C ILE C 502 20.88 8.76 -15.02
N VAL C 503 19.69 8.75 -14.41
CA VAL C 503 19.28 9.76 -13.44
C VAL C 503 20.26 9.78 -12.26
N ASP C 504 20.60 8.61 -11.72
CA ASP C 504 21.48 8.49 -10.58
C ASP C 504 22.85 9.09 -10.88
N ALA C 505 23.36 8.85 -12.09
CA ALA C 505 24.66 9.30 -12.59
C ALA C 505 24.72 10.82 -12.75
N LEU C 506 23.61 11.44 -13.21
CA LEU C 506 23.48 12.88 -13.40
C LEU C 506 23.38 13.59 -12.06
N VAL C 507 22.65 13.00 -11.09
CA VAL C 507 22.52 13.54 -9.72
C VAL C 507 23.91 13.64 -9.07
N ASP C 508 24.78 12.69 -9.36
CA ASP C 508 26.12 12.63 -8.78
C ASP C 508 27.18 13.49 -9.51
N TYR C 509 26.83 14.01 -10.71
CA TYR C 509 27.76 14.78 -11.54
C TYR C 509 28.29 16.04 -10.85
N LYS C 510 29.61 16.23 -10.84
CA LYS C 510 30.21 17.37 -10.12
C LYS C 510 30.81 18.46 -11.02
N GLN C 511 30.76 18.28 -12.35
CA GLN C 511 31.35 19.27 -13.30
C GLN C 511 30.29 19.73 -14.32
N PRO C 512 30.45 20.91 -14.99
CA PRO C 512 29.42 21.38 -15.93
C PRO C 512 28.91 20.35 -16.94
N ILE C 513 27.59 20.39 -17.22
CA ILE C 513 26.93 19.55 -18.22
C ILE C 513 26.18 20.44 -19.17
N ILE C 514 26.30 20.13 -20.46
CA ILE C 514 25.56 20.79 -21.53
C ILE C 514 24.77 19.70 -22.22
N ILE C 515 23.45 19.87 -22.23
CA ILE C 515 22.51 19.02 -22.96
C ILE C 515 22.13 19.87 -24.17
N TYR C 516 22.36 19.34 -25.35
CA TYR C 516 22.08 20.05 -26.59
C TYR C 516 21.31 19.19 -27.57
N ILE C 517 20.05 19.54 -27.86
CA ILE C 517 19.26 18.83 -28.87
C ILE C 517 19.79 19.34 -30.23
N PRO C 518 20.52 18.52 -31.00
CA PRO C 518 21.13 19.03 -32.25
C PRO C 518 20.15 19.21 -33.44
N PRO C 519 20.58 19.82 -34.57
CA PRO C 519 19.68 19.92 -35.74
C PRO C 519 19.32 18.50 -36.20
N THR C 520 18.03 18.30 -36.59
CA THR C 520 17.40 17.01 -36.98
C THR C 520 17.12 16.15 -35.74
N GLY C 521 17.55 16.65 -34.57
CA GLY C 521 17.42 15.95 -33.32
C GLY C 521 16.08 16.10 -32.64
N GLU C 522 15.75 15.16 -31.77
CA GLU C 522 14.52 15.18 -31.00
C GLU C 522 14.72 14.68 -29.56
N LEU C 523 13.75 14.97 -28.72
CA LEU C 523 13.72 14.54 -27.35
C LEU C 523 12.24 14.45 -26.99
N ARG C 524 11.74 13.23 -26.76
CA ARG C 524 10.33 12.99 -26.44
C ARG C 524 10.12 12.60 -24.98
N GLY C 525 8.85 12.40 -24.61
CA GLY C 525 8.42 12.00 -23.26
C GLY C 525 9.45 11.35 -22.38
N GLY C 526 9.66 10.05 -22.57
CA GLY C 526 10.63 9.25 -21.80
C GLY C 526 12.09 9.65 -21.87
N SER C 527 12.56 10.09 -23.03
CA SER C 527 13.96 10.47 -23.16
C SER C 527 14.25 11.81 -22.47
N TRP C 528 13.32 12.78 -22.55
CA TRP C 528 13.50 14.08 -21.92
C TRP C 528 13.62 13.96 -20.40
N VAL C 529 12.78 13.14 -19.75
CA VAL C 529 12.76 12.97 -18.30
C VAL C 529 14.14 12.62 -17.72
N VAL C 530 14.95 11.76 -18.39
CA VAL C 530 16.25 11.34 -17.81
C VAL C 530 17.37 12.34 -18.08
N VAL C 531 17.14 13.42 -18.83
CA VAL C 531 18.23 14.36 -19.11
C VAL C 531 17.81 15.80 -18.86
N ASP C 532 16.68 16.04 -18.18
CA ASP C 532 16.24 17.40 -17.94
C ASP C 532 17.21 18.07 -16.95
N PRO C 533 17.64 19.34 -17.21
CA PRO C 533 18.54 20.02 -16.26
C PRO C 533 18.05 20.16 -14.80
N THR C 534 16.76 19.93 -14.49
CA THR C 534 16.28 20.03 -13.09
C THR C 534 16.70 18.83 -12.25
N ILE C 535 17.21 17.75 -12.91
CA ILE C 535 17.77 16.58 -12.25
C ILE C 535 19.00 17.03 -11.43
N ASN C 536 19.76 18.02 -11.94
CA ASN C 536 20.93 18.57 -11.28
C ASN C 536 21.11 20.02 -11.75
N ALA C 537 20.28 20.93 -11.21
CA ALA C 537 20.29 22.34 -11.57
C ALA C 537 21.65 23.03 -11.39
N ASP C 538 22.43 22.59 -10.36
CA ASP C 538 23.77 23.12 -10.07
C ASP C 538 24.77 22.90 -11.18
N GLN C 539 24.60 21.84 -11.98
CA GLN C 539 25.57 21.52 -13.03
C GLN C 539 25.02 21.50 -14.46
N MET C 540 23.74 21.23 -14.63
CA MET C 540 23.15 21.07 -15.95
C MET C 540 22.51 22.29 -16.49
N GLU C 541 22.55 22.39 -17.84
CA GLU C 541 21.85 23.39 -18.65
C GLU C 541 21.53 22.81 -20.00
N MET C 542 20.32 23.08 -20.51
CA MET C 542 19.85 22.57 -21.79
C MET C 542 19.71 23.64 -22.86
N TYR C 543 20.02 23.25 -24.10
CA TYR C 543 19.98 24.05 -25.33
C TYR C 543 19.32 23.25 -26.46
N ALA C 544 18.48 23.92 -27.24
CA ALA C 544 17.89 23.25 -28.39
C ALA C 544 18.27 23.99 -29.66
N ASP C 545 18.64 23.24 -30.70
CA ASP C 545 18.89 23.84 -31.98
C ASP C 545 17.53 24.36 -32.51
N VAL C 546 17.58 25.41 -33.35
CA VAL C 546 16.41 25.97 -34.02
C VAL C 546 15.72 24.89 -34.91
N ASN C 547 16.46 23.87 -35.35
CA ASN C 547 15.95 22.77 -36.18
C ASN C 547 15.80 21.44 -35.42
N ALA C 548 15.49 21.55 -34.13
CA ALA C 548 15.25 20.40 -33.28
C ALA C 548 13.78 20.32 -32.90
N ARG C 549 13.36 19.16 -32.41
CA ARG C 549 11.98 19.00 -31.97
C ARG C 549 11.91 18.40 -30.58
N ALA C 550 10.86 18.74 -29.84
CA ALA C 550 10.60 18.19 -28.52
C ALA C 550 9.13 18.37 -28.10
N GLY C 551 8.60 17.32 -27.52
CA GLY C 551 7.24 17.26 -27.00
C GLY C 551 7.02 15.95 -26.31
N VAL C 552 5.90 15.86 -25.53
CA VAL C 552 5.55 14.62 -24.82
C VAL C 552 5.49 13.43 -25.81
N LEU C 553 4.68 13.52 -26.87
CA LEU C 553 4.64 12.46 -27.87
C LEU C 553 5.17 12.96 -29.20
N GLU C 554 5.34 12.05 -30.16
CA GLU C 554 5.69 12.40 -31.52
C GLU C 554 4.39 12.98 -32.18
N PRO C 555 4.46 13.82 -33.25
CA PRO C 555 3.21 14.44 -33.79
C PRO C 555 2.05 13.47 -34.02
N GLU C 556 2.35 12.27 -34.57
CA GLU C 556 1.41 11.17 -34.86
C GLU C 556 0.67 10.75 -33.61
N GLY C 557 1.40 10.73 -32.48
CA GLY C 557 0.86 10.39 -31.19
C GLY C 557 -0.07 11.46 -30.66
N THR C 558 0.36 12.73 -30.71
CA THR C 558 -0.44 13.84 -30.18
C THR C 558 -1.75 14.00 -31.02
N VAL C 559 -1.70 13.85 -32.37
CA VAL C 559 -2.91 13.87 -33.22
C VAL C 559 -3.85 12.73 -32.79
N GLU C 560 -3.32 11.51 -32.59
CA GLU C 560 -4.10 10.35 -32.14
C GLU C 560 -4.84 10.60 -30.81
N ILE C 561 -4.25 11.38 -29.90
CA ILE C 561 -4.88 11.61 -28.59
C ILE C 561 -5.70 12.92 -28.57
N LYS C 562 -5.23 13.99 -29.24
CA LYS C 562 -5.86 15.30 -29.15
C LYS C 562 -6.48 15.89 -30.47
N PHE C 563 -6.18 15.35 -31.67
CA PHE C 563 -6.79 15.84 -32.93
C PHE C 563 -7.53 14.69 -33.64
N ARG C 564 -8.58 14.18 -32.98
CA ARG C 564 -9.38 13.04 -33.45
C ARG C 564 -10.33 13.39 -34.63
N ARG C 565 -11.14 12.38 -35.08
CA ARG C 565 -12.10 12.49 -36.19
C ARG C 565 -13.03 13.71 -36.09
N GLU C 566 -13.77 13.83 -34.97
CA GLU C 566 -14.71 14.94 -34.74
C GLU C 566 -14.07 16.31 -34.91
N LYS C 567 -12.86 16.49 -34.33
CA LYS C 567 -12.10 17.75 -34.40
C LYS C 567 -11.65 18.03 -35.85
N LEU C 568 -11.30 16.96 -36.59
CA LEU C 568 -10.85 17.02 -37.97
C LEU C 568 -12.02 17.36 -38.92
N LEU C 569 -13.23 16.83 -38.63
CA LEU C 569 -14.43 17.10 -39.42
C LEU C 569 -14.86 18.56 -39.31
N ASP C 570 -14.80 19.13 -38.09
CA ASP C 570 -15.12 20.53 -37.81
C ASP C 570 -14.11 21.46 -38.48
N THR C 571 -12.96 20.92 -38.85
CA THR C 571 -11.89 21.66 -39.51
C THR C 571 -12.13 21.62 -41.01
N MET C 572 -12.69 20.49 -41.52
CA MET C 572 -13.08 20.32 -42.92
C MET C 572 -14.23 21.32 -43.22
N ASN C 573 -15.27 21.26 -42.38
CA ASN C 573 -16.45 22.10 -42.38
C ASN C 573 -16.14 23.60 -42.24
N ARG C 574 -14.94 23.98 -41.79
CA ARG C 574 -14.58 25.39 -41.62
C ARG C 574 -13.70 25.91 -42.76
N LEU C 575 -12.83 25.04 -43.29
CA LEU C 575 -11.82 25.39 -44.27
C LEU C 575 -12.14 25.03 -45.72
N ASP C 576 -12.90 23.94 -45.96
CA ASP C 576 -13.25 23.50 -47.32
C ASP C 576 -14.66 23.99 -47.73
N ASP C 577 -14.75 24.74 -48.88
CA ASP C 577 -16.01 25.28 -49.42
C ASP C 577 -17.01 24.16 -49.74
N LYS C 578 -16.56 23.15 -50.53
CA LYS C 578 -17.36 21.98 -50.91
C LYS C 578 -17.97 21.24 -49.71
N TYR C 579 -17.15 20.92 -48.69
CA TYR C 579 -17.60 20.24 -47.45
C TYR C 579 -18.59 21.09 -46.64
N ARG C 580 -18.36 22.42 -46.56
CA ARG C 580 -19.19 23.36 -45.79
C ARG C 580 -20.66 23.31 -46.24
N GLU C 581 -20.93 23.61 -47.55
CA GLU C 581 -22.26 23.60 -48.18
C GLU C 581 -22.90 22.22 -48.02
N LEU C 582 -22.10 21.16 -48.30
CA LEU C 582 -22.45 19.74 -48.20
C LEU C 582 -22.99 19.34 -46.81
N ARG C 583 -22.48 19.98 -45.73
CA ARG C 583 -22.87 19.67 -44.35
C ARG C 583 -24.19 20.33 -43.90
N SER C 584 -24.70 21.33 -44.68
CA SER C 584 -25.97 22.03 -44.40
C SER C 584 -27.17 21.05 -44.46
N GLN C 585 -26.99 19.92 -45.17
CA GLN C 585 -27.95 18.84 -45.35
C GLN C 585 -27.86 17.84 -44.19
N LEU C 603 -21.69 13.35 -48.59
CA LEU C 603 -20.72 13.95 -47.65
C LEU C 603 -19.53 13.01 -47.32
N ALA C 604 -19.82 11.74 -46.92
CA ALA C 604 -18.83 10.72 -46.60
C ALA C 604 -17.96 10.33 -47.82
N ASP C 605 -18.23 10.98 -48.96
CA ASP C 605 -17.56 10.85 -50.25
C ASP C 605 -16.47 11.94 -50.35
N ARG C 606 -16.76 13.13 -49.74
CA ARG C 606 -15.86 14.29 -49.66
C ARG C 606 -14.75 14.09 -48.61
N GLU C 607 -15.08 13.44 -47.46
CA GLU C 607 -14.14 13.08 -46.40
C GLU C 607 -13.05 12.19 -46.96
N ARG C 608 -13.42 11.08 -47.63
CA ARG C 608 -12.48 10.11 -48.25
C ARG C 608 -11.45 10.76 -49.17
N GLU C 609 -11.76 11.95 -49.71
CA GLU C 609 -10.88 12.73 -50.57
C GLU C 609 -10.06 13.76 -49.78
N LEU C 610 -10.66 14.32 -48.69
CA LEU C 610 -10.07 15.35 -47.82
C LEU C 610 -9.12 14.80 -46.73
N LEU C 611 -9.42 13.62 -46.15
CA LEU C 611 -8.68 12.93 -45.10
C LEU C 611 -7.15 12.89 -45.30
N PRO C 612 -6.60 12.45 -46.48
CA PRO C 612 -5.14 12.42 -46.65
C PRO C 612 -4.39 13.72 -46.34
N ILE C 613 -4.87 14.87 -46.88
CA ILE C 613 -4.22 16.16 -46.67
C ILE C 613 -4.61 16.79 -45.33
N TYR C 614 -5.82 16.53 -44.82
CA TYR C 614 -6.29 17.06 -43.53
C TYR C 614 -5.55 16.41 -42.35
N GLY C 615 -5.13 15.16 -42.54
CA GLY C 615 -4.32 14.40 -41.59
C GLY C 615 -2.95 15.05 -41.50
N GLN C 616 -2.39 15.47 -42.66
CA GLN C 616 -1.11 16.16 -42.77
C GLN C 616 -1.15 17.58 -42.16
N ILE C 617 -2.35 18.22 -42.15
CA ILE C 617 -2.60 19.57 -41.61
C ILE C 617 -2.53 19.48 -40.09
N SER C 618 -3.22 18.46 -39.50
CA SER C 618 -3.25 18.23 -38.05
C SER C 618 -1.84 17.84 -37.55
N LEU C 619 -1.08 17.08 -38.39
CA LEU C 619 0.29 16.71 -38.07
C LEU C 619 1.20 17.94 -38.05
N GLN C 620 1.01 18.88 -39.00
CA GLN C 620 1.77 20.12 -39.03
C GLN C 620 1.32 21.03 -37.89
N PHE C 621 0.04 20.94 -37.50
CA PHE C 621 -0.51 21.72 -36.37
C PHE C 621 0.21 21.27 -35.06
N ALA C 622 0.32 19.93 -34.85
CA ALA C 622 0.97 19.30 -33.72
C ALA C 622 2.47 19.64 -33.73
N ASP C 623 3.15 19.48 -34.90
CA ASP C 623 4.57 19.78 -35.05
C ASP C 623 4.94 21.24 -34.76
N LEU C 624 3.97 22.18 -34.92
CA LEU C 624 4.26 23.60 -34.67
C LEU C 624 4.37 23.94 -33.18
N HIS C 625 4.01 22.97 -32.32
CA HIS C 625 4.10 23.09 -30.87
C HIS C 625 5.47 22.59 -30.40
N ASP C 626 6.08 21.65 -31.15
CA ASP C 626 7.34 20.96 -30.89
C ASP C 626 8.63 21.76 -31.20
N ARG C 627 8.55 23.08 -31.20
CA ARG C 627 9.69 23.90 -31.59
C ARG C 627 10.50 24.48 -30.46
N SER C 628 11.77 24.79 -30.73
CA SER C 628 12.67 25.44 -29.79
C SER C 628 12.12 26.79 -29.24
N SER C 629 11.30 27.51 -30.06
CA SER C 629 10.69 28.78 -29.68
C SER C 629 9.70 28.62 -28.53
N ARG C 630 8.99 27.48 -28.49
CA ARG C 630 8.06 27.11 -27.41
C ARG C 630 8.91 26.80 -26.17
N MET C 631 10.03 26.05 -26.36
CA MET C 631 10.93 25.66 -25.29
C MET C 631 11.47 26.90 -24.58
N VAL C 632 11.87 27.93 -25.35
CA VAL C 632 12.31 29.23 -24.83
C VAL C 632 11.14 29.95 -24.10
N ALA C 633 9.97 30.01 -24.75
CA ALA C 633 8.76 30.65 -24.19
C ALA C 633 8.39 30.06 -22.82
N LYS C 634 8.38 28.74 -22.73
CA LYS C 634 8.05 28.02 -21.50
C LYS C 634 9.24 27.96 -20.49
N GLY C 635 10.43 28.43 -20.89
CA GLY C 635 11.62 28.49 -20.05
C GLY C 635 12.23 27.16 -19.67
N VAL C 636 12.11 26.15 -20.53
CA VAL C 636 12.63 24.81 -20.26
C VAL C 636 14.07 24.63 -20.82
N ILE C 637 14.54 25.58 -21.64
CA ILE C 637 15.89 25.60 -22.21
C ILE C 637 16.52 26.95 -21.90
N SER C 638 17.86 27.01 -21.90
CA SER C 638 18.61 28.23 -21.62
C SER C 638 18.61 29.16 -22.83
N LYS C 639 18.67 28.59 -24.05
CA LYS C 639 18.73 29.32 -25.32
C LYS C 639 18.45 28.39 -26.48
N GLU C 640 17.91 28.95 -27.59
CA GLU C 640 17.81 28.20 -28.84
C GLU C 640 19.07 28.56 -29.62
N LEU C 641 19.68 27.60 -30.34
CA LEU C 641 20.95 27.88 -30.99
C LEU C 641 20.96 27.51 -32.45
N GLU C 642 21.97 28.03 -33.17
CA GLU C 642 22.19 27.72 -34.56
C GLU C 642 23.41 26.86 -34.60
N TRP C 643 23.26 25.62 -35.09
CA TRP C 643 24.30 24.61 -35.21
C TRP C 643 25.65 25.15 -35.70
N THR C 644 25.66 25.94 -36.76
CA THR C 644 26.89 26.52 -37.30
C THR C 644 27.61 27.41 -36.30
N GLU C 645 26.85 28.05 -35.39
CA GLU C 645 27.41 28.96 -34.39
C GLU C 645 27.66 28.32 -33.01
N ALA C 646 27.35 27.00 -32.87
CA ALA C 646 27.44 26.22 -31.63
C ALA C 646 28.83 26.11 -31.04
N ARG C 647 29.84 25.87 -31.86
CA ARG C 647 31.23 25.77 -31.37
C ARG C 647 31.70 27.08 -30.70
N ARG C 648 31.39 28.23 -31.32
CA ARG C 648 31.74 29.54 -30.81
C ARG C 648 31.02 29.80 -29.51
N PHE C 649 29.71 29.45 -29.45
CA PHE C 649 28.90 29.63 -28.27
C PHE C 649 29.34 28.76 -27.10
N PHE C 650 29.46 27.44 -27.33
CA PHE C 650 29.82 26.49 -26.28
C PHE C 650 31.22 26.68 -25.78
N PHE C 651 32.15 27.15 -26.62
CA PHE C 651 33.51 27.40 -26.15
C PHE C 651 33.48 28.47 -25.04
N TRP C 652 32.81 29.59 -25.26
CA TRP C 652 32.80 30.64 -24.23
C TRP C 652 31.91 30.32 -23.08
N ARG C 653 30.78 29.60 -23.34
CA ARG C 653 29.89 29.20 -22.26
C ARG C 653 30.65 28.24 -21.33
N LEU C 654 31.33 27.24 -21.90
CA LEU C 654 32.11 26.30 -21.10
C LEU C 654 33.27 26.99 -20.37
N ARG C 655 34.02 27.85 -21.04
CA ARG C 655 35.12 28.62 -20.43
C ARG C 655 34.62 29.48 -19.25
N ARG C 656 33.53 30.24 -19.44
CA ARG C 656 32.91 31.04 -18.37
C ARG C 656 32.49 30.17 -17.15
N ARG C 657 31.73 29.09 -17.42
CA ARG C 657 31.32 28.12 -16.41
C ARG C 657 32.49 27.54 -15.64
N LEU C 658 33.59 27.14 -16.31
CA LEU C 658 34.75 26.64 -15.57
C LEU C 658 35.34 27.69 -14.61
N ASN C 659 35.35 28.96 -15.01
CA ASN C 659 35.88 30.07 -14.21
C ASN C 659 35.00 30.37 -13.02
N GLU C 660 33.67 30.34 -13.20
CA GLU C 660 32.71 30.56 -12.12
C GLU C 660 32.74 29.42 -11.12
N GLU C 661 32.77 28.17 -11.61
CA GLU C 661 32.90 26.97 -10.77
C GLU C 661 34.12 27.09 -9.87
N TYR C 662 35.26 27.56 -10.42
CA TYR C 662 36.49 27.77 -9.64
C TYR C 662 36.22 28.72 -8.47
N LEU C 663 35.59 29.88 -8.75
CA LEU C 663 35.27 30.88 -7.75
C LEU C 663 34.29 30.36 -6.71
N ILE C 664 33.27 29.54 -7.13
CA ILE C 664 32.31 28.93 -6.20
C ILE C 664 33.03 27.98 -5.24
N LYS C 665 33.99 27.18 -5.75
CA LYS C 665 34.80 26.28 -4.91
C LYS C 665 35.64 27.03 -3.88
N ARG C 666 36.30 28.13 -4.29
CA ARG C 666 37.09 28.95 -3.35
C ARG C 666 36.13 29.54 -2.34
N LEU C 667 35.00 30.05 -2.77
CA LEU C 667 34.03 30.56 -1.83
C LEU C 667 33.53 29.50 -0.86
N SER C 668 33.44 28.23 -1.27
CA SER C 668 32.97 27.14 -0.41
C SER C 668 33.80 27.08 0.88
N HIS C 669 35.14 26.97 0.75
CA HIS C 669 36.10 26.93 1.86
C HIS C 669 35.99 28.08 2.89
N GLN C 670 35.62 29.29 2.44
CA GLN C 670 35.46 30.54 3.21
C GLN C 670 34.61 30.40 4.48
N GLU C 673 28.91 28.83 5.71
CA GLU C 673 28.02 27.87 5.02
C GLU C 673 26.80 28.53 4.39
N ALA C 674 26.75 28.47 3.04
CA ALA C 674 25.70 29.07 2.21
C ALA C 674 25.35 28.19 1.02
N SER C 675 24.20 28.44 0.39
CA SER C 675 23.77 27.69 -0.78
C SER C 675 24.56 28.12 -2.02
N ARG C 676 24.45 27.31 -3.08
CA ARG C 676 25.06 27.55 -4.37
C ARG C 676 24.50 28.83 -4.96
N LEU C 677 23.21 29.15 -4.70
CA LEU C 677 22.53 30.36 -5.17
C LEU C 677 23.08 31.63 -4.52
N GLU C 678 23.40 31.56 -3.22
CA GLU C 678 23.95 32.70 -2.48
C GLU C 678 25.40 32.92 -2.90
N LYS C 679 26.15 31.81 -3.12
CA LYS C 679 27.55 31.83 -3.53
C LYS C 679 27.76 32.52 -4.90
N ILE C 680 27.02 32.14 -5.97
CA ILE C 680 27.15 32.83 -7.28
C ILE C 680 26.71 34.29 -7.19
N ALA C 681 25.63 34.57 -6.45
CA ALA C 681 25.13 35.93 -6.28
C ALA C 681 26.27 36.84 -5.71
N ARG C 682 27.04 36.34 -4.73
CA ARG C 682 28.16 37.05 -4.10
C ARG C 682 29.28 37.23 -5.13
N ILE C 683 29.63 36.13 -5.84
CA ILE C 683 30.69 36.20 -6.84
C ILE C 683 30.34 37.21 -7.91
N ARG C 684 29.10 37.19 -8.42
CA ARG C 684 28.65 38.10 -9.48
C ARG C 684 28.51 39.56 -8.98
N SER C 685 28.44 39.75 -7.66
CA SER C 685 28.37 41.09 -7.09
C SER C 685 29.77 41.72 -7.15
N TRP C 686 30.83 40.92 -7.37
CA TRP C 686 32.21 41.38 -7.46
C TRP C 686 32.58 41.85 -8.86
N TYR C 687 31.79 41.44 -9.87
CA TYR C 687 32.00 41.82 -11.26
C TYR C 687 31.77 43.31 -11.39
N PRO C 688 32.51 44.05 -12.22
CA PRO C 688 32.23 45.49 -12.38
C PRO C 688 30.79 45.71 -12.85
N ALA C 689 30.16 46.82 -12.41
CA ALA C 689 28.78 47.17 -12.75
C ALA C 689 28.49 47.17 -14.25
N SER C 690 29.54 47.34 -15.06
CA SER C 690 29.51 47.37 -16.51
C SER C 690 29.50 46.01 -17.19
N VAL C 691 29.99 44.95 -16.49
CA VAL C 691 30.00 43.60 -17.03
C VAL C 691 28.56 43.07 -17.12
N ASP C 692 28.19 42.51 -18.28
CA ASP C 692 26.89 41.88 -18.52
C ASP C 692 27.05 40.42 -18.04
N HIS C 693 26.36 40.04 -16.97
CA HIS C 693 26.41 38.68 -16.41
C HIS C 693 26.03 37.64 -17.48
N GLU C 694 25.24 38.03 -18.49
CA GLU C 694 24.84 37.13 -19.57
C GLU C 694 25.89 36.97 -20.69
N ASP C 695 26.95 37.82 -20.75
CA ASP C 695 27.99 37.68 -21.76
C ASP C 695 29.13 36.77 -21.23
N ASP C 696 29.18 35.55 -21.75
CA ASP C 696 30.12 34.51 -21.34
C ASP C 696 31.56 34.91 -21.56
N ARG C 697 31.86 35.45 -22.74
CA ARG C 697 33.20 35.88 -23.11
C ARG C 697 33.69 37.03 -22.21
N GLN C 698 32.83 37.97 -21.93
CA GLN C 698 33.18 39.11 -21.10
C GLN C 698 33.50 38.68 -19.67
N VAL C 699 32.63 37.80 -19.11
CA VAL C 699 32.77 37.25 -17.77
C VAL C 699 34.06 36.41 -17.67
N ALA C 700 34.30 35.48 -18.61
CA ALA C 700 35.49 34.65 -18.60
C ALA C 700 36.73 35.53 -18.68
N THR C 701 36.72 36.54 -19.58
CA THR C 701 37.82 37.48 -19.78
C THR C 701 38.11 38.28 -18.50
N TRP C 702 37.06 38.79 -17.85
CA TRP C 702 37.26 39.54 -16.63
C TRP C 702 37.87 38.71 -15.50
N ILE C 703 37.31 37.49 -15.26
CA ILE C 703 37.80 36.59 -14.23
C ILE C 703 39.27 36.29 -14.46
N GLU C 704 39.63 35.83 -15.67
CA GLU C 704 41.03 35.48 -15.99
C GLU C 704 41.99 36.66 -15.84
N GLU C 705 41.51 37.91 -16.13
CA GLU C 705 42.34 39.12 -15.94
C GLU C 705 42.53 39.48 -14.46
N ASN C 706 41.59 39.03 -13.58
CA ASN C 706 41.56 39.36 -12.14
C ASN C 706 41.66 38.18 -11.17
N TYR C 707 42.26 37.04 -11.55
CA TYR C 707 42.37 35.88 -10.64
C TYR C 707 43.08 36.25 -9.32
N LYS C 708 44.17 37.03 -9.40
CA LYS C 708 44.99 37.41 -8.23
C LYS C 708 44.29 38.46 -7.43
N THR C 709 43.59 39.37 -8.09
CA THR C 709 42.78 40.39 -7.44
C THR C 709 41.67 39.71 -6.65
N LEU C 710 40.93 38.77 -7.27
CA LEU C 710 39.84 37.97 -6.64
C LEU C 710 40.41 37.11 -5.50
N ASP C 711 41.63 36.57 -5.64
CA ASP C 711 42.29 35.80 -4.60
C ASP C 711 42.48 36.67 -3.35
N ASP C 712 42.94 37.94 -3.53
CA ASP C 712 43.10 38.94 -2.46
C ASP C 712 41.74 39.17 -1.78
N LYS C 713 40.67 39.38 -2.55
CA LYS C 713 39.33 39.57 -2.00
C LYS C 713 38.96 38.38 -1.11
N LEU C 714 39.23 37.14 -1.62
CA LEU C 714 38.98 35.89 -0.93
C LEU C 714 39.76 35.85 0.40
N LYS C 715 41.10 36.07 0.35
CA LYS C 715 42.00 36.05 1.51
C LYS C 715 41.68 37.12 2.59
N GLY C 716 41.13 38.26 2.17
CA GLY C 716 40.74 39.34 3.06
C GLY C 716 39.51 38.98 3.89
N LEU C 717 38.59 38.21 3.25
CA LEU C 717 37.35 37.69 3.83
C LEU C 717 37.69 36.61 4.88
N LYS C 718 38.72 35.75 4.60
CA LYS C 718 39.22 34.68 5.51
C LYS C 718 39.69 35.27 6.86
N LEU C 719 40.18 36.54 6.83
CA LEU C 719 40.59 37.32 7.99
C LEU C 719 39.31 37.80 8.70
N GLU C 720 38.67 36.83 9.38
CA GLU C 720 37.43 36.89 10.15
C GLU C 720 37.58 36.03 11.43
#